data_1F1W
# 
_entry.id   1F1W 
# 
_audit_conform.dict_name       mmcif_pdbx.dic 
_audit_conform.dict_version    5.397 
_audit_conform.dict_location   http://mmcif.pdb.org/dictionaries/ascii/mmcif_pdbx.dic 
# 
loop_
_database_2.database_id 
_database_2.database_code 
_database_2.pdbx_database_accession 
_database_2.pdbx_DOI 
PDB   1F1W         pdb_00001f1w 10.2210/pdb1f1w/pdb 
RCSB  RCSB011142   ?            ?                   
WWPDB D_1000011142 ?            ?                   
# 
loop_
_pdbx_audit_revision_history.ordinal 
_pdbx_audit_revision_history.data_content_type 
_pdbx_audit_revision_history.major_revision 
_pdbx_audit_revision_history.minor_revision 
_pdbx_audit_revision_history.revision_date 
1 'Structure model' 1 0 2000-07-06 
2 'Structure model' 1 1 2008-04-27 
3 'Structure model' 1 2 2011-07-13 
4 'Structure model' 1 3 2021-11-03 
5 'Structure model' 1 4 2023-08-09 
6 'Structure model' 1 5 2023-11-15 
7 'Structure model' 1 6 2024-10-16 
# 
_pdbx_audit_revision_details.ordinal             1 
_pdbx_audit_revision_details.revision_ordinal    1 
_pdbx_audit_revision_details.data_content_type   'Structure model' 
_pdbx_audit_revision_details.provider            repository 
_pdbx_audit_revision_details.type                'Initial release' 
_pdbx_audit_revision_details.description         ? 
_pdbx_audit_revision_details.details             ? 
# 
loop_
_pdbx_audit_revision_group.ordinal 
_pdbx_audit_revision_group.revision_ordinal 
_pdbx_audit_revision_group.data_content_type 
_pdbx_audit_revision_group.group 
1 2 'Structure model' 'Version format compliance' 
2 3 'Structure model' 'Version format compliance' 
3 4 'Structure model' 'Database references'       
4 4 'Structure model' 'Derived calculations'      
5 5 'Structure model' 'Data collection'           
6 5 'Structure model' 'Refinement description'    
7 6 'Structure model' 'Data collection'           
8 7 'Structure model' 'Structure summary'         
# 
loop_
_pdbx_audit_revision_category.ordinal 
_pdbx_audit_revision_category.revision_ordinal 
_pdbx_audit_revision_category.data_content_type 
_pdbx_audit_revision_category.category 
1  4 'Structure model' database_2                    
2  4 'Structure model' struct_conn                   
3  4 'Structure model' struct_ref_seq_dif            
4  5 'Structure model' chem_comp_atom                
5  5 'Structure model' chem_comp_bond                
6  5 'Structure model' pdbx_initial_refinement_model 
7  6 'Structure model' chem_comp_atom                
8  6 'Structure model' chem_comp_bond                
9  7 'Structure model' pdbx_entry_details            
10 7 'Structure model' pdbx_modification_feature     
# 
loop_
_pdbx_audit_revision_item.ordinal 
_pdbx_audit_revision_item.revision_ordinal 
_pdbx_audit_revision_item.data_content_type 
_pdbx_audit_revision_item.item 
1 4 'Structure model' '_database_2.pdbx_DOI'                
2 4 'Structure model' '_database_2.pdbx_database_accession' 
3 4 'Structure model' '_struct_conn.pdbx_leaving_atom_flag' 
4 4 'Structure model' '_struct_ref_seq_dif.details'         
5 6 'Structure model' '_chem_comp_atom.atom_id'             
6 6 'Structure model' '_chem_comp_bond.atom_id_2'           
# 
_pdbx_database_status.status_code                     REL 
_pdbx_database_status.entry_id                        1F1W 
_pdbx_database_status.recvd_initial_deposition_date   2000-05-20 
_pdbx_database_status.deposit_site                    RCSB 
_pdbx_database_status.process_site                    RCSB 
_pdbx_database_status.status_code_sf                  REL 
_pdbx_database_status.SG_entry                        . 
_pdbx_database_status.pdb_format_compatible           Y 
_pdbx_database_status.status_code_mr                  ? 
_pdbx_database_status.status_code_cs                  ? 
_pdbx_database_status.status_code_nmr_data            ? 
_pdbx_database_status.methods_development_category    ? 
# 
_pdbx_database_related.db_name        PDB 
_pdbx_database_related.db_id          1F2F 
_pdbx_database_related.details        '1F2F contains the same protein.' 
_pdbx_database_related.content_type   unspecified 
# 
loop_
_audit_author.name 
_audit_author.pdbx_ordinal 
'Kimber, M.S.'     1 
'Nachman, J.'      2 
'Cunningham, A.M.' 3 
'Gish, G.D.'       4 
'Pawson, T.'       5 
'Pai, E.F.'        6 
# 
_citation.id                        primary 
_citation.title                     'Structural basis for specificity switching of the Src SH2 domain.' 
_citation.journal_abbrev            Mol.Cell 
_citation.journal_volume            5 
_citation.page_first                1043 
_citation.page_last                 1049 
_citation.year                      2000 
_citation.journal_id_ASTM           MOCEFL 
_citation.country                   US 
_citation.journal_id_ISSN           1097-2765 
_citation.journal_id_CSD            2168 
_citation.book_publisher            ? 
_citation.pdbx_database_id_PubMed   10911998 
_citation.pdbx_database_id_DOI      '10.1016/S1097-2765(00)80269-5' 
# 
loop_
_citation_author.citation_id 
_citation_author.name 
_citation_author.ordinal 
_citation_author.identifier_ORCID 
primary 'Kimber, M.S.'     1 ? 
primary 'Nachman, J.'      2 ? 
primary 'Cunningham, A.M.' 3 ? 
primary 'Gish, G.D.'       4 ? 
primary 'Pawson, T.'       5 ? 
primary 'Pai, E.F.'        6 ? 
# 
loop_
_entity.id 
_entity.type 
_entity.src_method 
_entity.pdbx_description 
_entity.formula_weight 
_entity.pdbx_number_of_molecules 
_entity.pdbx_ec 
_entity.pdbx_mutation 
_entity.pdbx_fragment 
_entity.details 
1 polymer man 'PROTO-ONCOGENE TYROSINE-PROTEIN KINASE SRC' 12058.653 1  2.7.1.112 T215W 'SRC SH2 DOMAIN' ? 
2 polymer syn 'S(PTR)VNVQN PHOSPHOPEPTIDE'                 902.842   1  ?         ?     ?                ? 
3 water   nat water                                        18.015    75 ?         ?     ?                ? 
# 
loop_
_entity_poly.entity_id 
_entity_poly.type 
_entity_poly.nstd_linkage 
_entity_poly.nstd_monomer 
_entity_poly.pdbx_seq_one_letter_code 
_entity_poly.pdbx_seq_one_letter_code_can 
_entity_poly.pdbx_strand_id 
_entity_poly.pdbx_target_identifier 
1 'polypeptide(L)' no no  
;MAEEWYFGKITRRESERLLLNPENPRGTFLVRESETTKGAYCLSVSDFDNAKGLNVKHYKIRKLDSGGFYIWSRTQFSSL
QQLVAYYSKHADGLCHRLTNVCPT
;
;MAEEWYFGKITRRESERLLLNPENPRGTFLVRESETTKGAYCLSVSDFDNAKGLNVKHYKIRKLDSGGFYIWSRTQFSSL
QQLVAYYSKHADGLCHRLTNVCPT
;
A ? 
2 'polypeptide(L)' no yes 'S(PTR)VNVQN' SYVNVQN B ? 
# 
_pdbx_entity_nonpoly.entity_id   3 
_pdbx_entity_nonpoly.name        water 
_pdbx_entity_nonpoly.comp_id     HOH 
# 
loop_
_entity_poly_seq.entity_id 
_entity_poly_seq.num 
_entity_poly_seq.mon_id 
_entity_poly_seq.hetero 
1 1   MET n 
1 2   ALA n 
1 3   GLU n 
1 4   GLU n 
1 5   TRP n 
1 6   TYR n 
1 7   PHE n 
1 8   GLY n 
1 9   LYS n 
1 10  ILE n 
1 11  THR n 
1 12  ARG n 
1 13  ARG n 
1 14  GLU n 
1 15  SER n 
1 16  GLU n 
1 17  ARG n 
1 18  LEU n 
1 19  LEU n 
1 20  LEU n 
1 21  ASN n 
1 22  PRO n 
1 23  GLU n 
1 24  ASN n 
1 25  PRO n 
1 26  ARG n 
1 27  GLY n 
1 28  THR n 
1 29  PHE n 
1 30  LEU n 
1 31  VAL n 
1 32  ARG n 
1 33  GLU n 
1 34  SER n 
1 35  GLU n 
1 36  THR n 
1 37  THR n 
1 38  LYS n 
1 39  GLY n 
1 40  ALA n 
1 41  TYR n 
1 42  CYS n 
1 43  LEU n 
1 44  SER n 
1 45  VAL n 
1 46  SER n 
1 47  ASP n 
1 48  PHE n 
1 49  ASP n 
1 50  ASN n 
1 51  ALA n 
1 52  LYS n 
1 53  GLY n 
1 54  LEU n 
1 55  ASN n 
1 56  VAL n 
1 57  LYS n 
1 58  HIS n 
1 59  TYR n 
1 60  LYS n 
1 61  ILE n 
1 62  ARG n 
1 63  LYS n 
1 64  LEU n 
1 65  ASP n 
1 66  SER n 
1 67  GLY n 
1 68  GLY n 
1 69  PHE n 
1 70  TYR n 
1 71  ILE n 
1 72  TRP n 
1 73  SER n 
1 74  ARG n 
1 75  THR n 
1 76  GLN n 
1 77  PHE n 
1 78  SER n 
1 79  SER n 
1 80  LEU n 
1 81  GLN n 
1 82  GLN n 
1 83  LEU n 
1 84  VAL n 
1 85  ALA n 
1 86  TYR n 
1 87  TYR n 
1 88  SER n 
1 89  LYS n 
1 90  HIS n 
1 91  ALA n 
1 92  ASP n 
1 93  GLY n 
1 94  LEU n 
1 95  CYS n 
1 96  HIS n 
1 97  ARG n 
1 98  LEU n 
1 99  THR n 
1 100 ASN n 
1 101 VAL n 
1 102 CYS n 
1 103 PRO n 
1 104 THR n 
2 1   SER n 
2 2   PTR n 
2 3   VAL n 
2 4   ASN n 
2 5   VAL n 
2 6   GLN n 
2 7   ASN n 
# 
_entity_src_gen.entity_id                          1 
_entity_src_gen.pdbx_src_id                        1 
_entity_src_gen.pdbx_alt_source_flag               sample 
_entity_src_gen.pdbx_seq_type                      ? 
_entity_src_gen.pdbx_beg_seq_num                   ? 
_entity_src_gen.pdbx_end_seq_num                   ? 
_entity_src_gen.gene_src_common_name               chicken 
_entity_src_gen.gene_src_genus                     Gallus 
_entity_src_gen.pdbx_gene_src_gene                 ? 
_entity_src_gen.gene_src_species                   ? 
_entity_src_gen.gene_src_strain                    ? 
_entity_src_gen.gene_src_tissue                    ? 
_entity_src_gen.gene_src_tissue_fraction           ? 
_entity_src_gen.gene_src_details                   ? 
_entity_src_gen.pdbx_gene_src_fragment             ? 
_entity_src_gen.pdbx_gene_src_scientific_name      'Gallus gallus' 
_entity_src_gen.pdbx_gene_src_ncbi_taxonomy_id     9031 
_entity_src_gen.pdbx_gene_src_variant              ? 
_entity_src_gen.pdbx_gene_src_cell_line            ? 
_entity_src_gen.pdbx_gene_src_atcc                 ? 
_entity_src_gen.pdbx_gene_src_organ                ? 
_entity_src_gen.pdbx_gene_src_organelle            ? 
_entity_src_gen.pdbx_gene_src_cell                 ? 
_entity_src_gen.pdbx_gene_src_cellular_location    ? 
_entity_src_gen.host_org_common_name               ? 
_entity_src_gen.pdbx_host_org_scientific_name      'Escherichia coli' 
_entity_src_gen.pdbx_host_org_ncbi_taxonomy_id     562 
_entity_src_gen.host_org_genus                     Escherichia 
_entity_src_gen.pdbx_host_org_gene                 ? 
_entity_src_gen.pdbx_host_org_organ                ? 
_entity_src_gen.host_org_species                   ? 
_entity_src_gen.pdbx_host_org_tissue               ? 
_entity_src_gen.pdbx_host_org_tissue_fraction      ? 
_entity_src_gen.pdbx_host_org_strain               'BL21(DE3)PLYSS' 
_entity_src_gen.pdbx_host_org_variant              ? 
_entity_src_gen.pdbx_host_org_cell_line            ? 
_entity_src_gen.pdbx_host_org_atcc                 ? 
_entity_src_gen.pdbx_host_org_culture_collection   ? 
_entity_src_gen.pdbx_host_org_cell                 ? 
_entity_src_gen.pdbx_host_org_organelle            ? 
_entity_src_gen.pdbx_host_org_cellular_location    ? 
_entity_src_gen.pdbx_host_org_vector_type          PLASMID 
_entity_src_gen.pdbx_host_org_vector               ? 
_entity_src_gen.host_org_details                   ? 
_entity_src_gen.expression_system_id               ? 
_entity_src_gen.plasmid_name                       PET11D 
_entity_src_gen.plasmid_details                    ? 
_entity_src_gen.pdbx_description                   ? 
# 
_pdbx_entity_src_syn.entity_id              2 
_pdbx_entity_src_syn.pdbx_src_id            1 
_pdbx_entity_src_syn.pdbx_alt_source_flag   sample 
_pdbx_entity_src_syn.pdbx_beg_seq_num       ? 
_pdbx_entity_src_syn.pdbx_end_seq_num       ? 
_pdbx_entity_src_syn.organism_scientific    ? 
_pdbx_entity_src_syn.organism_common_name   ? 
_pdbx_entity_src_syn.ncbi_taxonomy_id       ? 
_pdbx_entity_src_syn.details                'chemically synthesized' 
# 
loop_
_chem_comp.id 
_chem_comp.type 
_chem_comp.mon_nstd_flag 
_chem_comp.name 
_chem_comp.pdbx_synonyms 
_chem_comp.formula 
_chem_comp.formula_weight 
ALA 'L-peptide linking' y ALANINE           ?                 'C3 H7 N O2'     89.093  
ARG 'L-peptide linking' y ARGININE          ?                 'C6 H15 N4 O2 1' 175.209 
ASN 'L-peptide linking' y ASPARAGINE        ?                 'C4 H8 N2 O3'    132.118 
ASP 'L-peptide linking' y 'ASPARTIC ACID'   ?                 'C4 H7 N O4'     133.103 
CYS 'L-peptide linking' y CYSTEINE          ?                 'C3 H7 N O2 S'   121.158 
GLN 'L-peptide linking' y GLUTAMINE         ?                 'C5 H10 N2 O3'   146.144 
GLU 'L-peptide linking' y 'GLUTAMIC ACID'   ?                 'C5 H9 N O4'     147.129 
GLY 'peptide linking'   y GLYCINE           ?                 'C2 H5 N O2'     75.067  
HIS 'L-peptide linking' y HISTIDINE         ?                 'C6 H10 N3 O2 1' 156.162 
HOH non-polymer         . WATER             ?                 'H2 O'           18.015  
ILE 'L-peptide linking' y ISOLEUCINE        ?                 'C6 H13 N O2'    131.173 
LEU 'L-peptide linking' y LEUCINE           ?                 'C6 H13 N O2'    131.173 
LYS 'L-peptide linking' y LYSINE            ?                 'C6 H15 N2 O2 1' 147.195 
MET 'L-peptide linking' y METHIONINE        ?                 'C5 H11 N O2 S'  149.211 
PHE 'L-peptide linking' y PHENYLALANINE     ?                 'C9 H11 N O2'    165.189 
PRO 'L-peptide linking' y PROLINE           ?                 'C5 H9 N O2'     115.130 
PTR 'L-peptide linking' n O-PHOSPHOTYROSINE PHOSPHONOTYROSINE 'C9 H12 N O6 P'  261.168 
SER 'L-peptide linking' y SERINE            ?                 'C3 H7 N O3'     105.093 
THR 'L-peptide linking' y THREONINE         ?                 'C4 H9 N O3'     119.119 
TRP 'L-peptide linking' y TRYPTOPHAN        ?                 'C11 H12 N2 O2'  204.225 
TYR 'L-peptide linking' y TYROSINE          ?                 'C9 H11 N O3'    181.189 
VAL 'L-peptide linking' y VALINE            ?                 'C5 H11 N O2'    117.146 
# 
loop_
_pdbx_poly_seq_scheme.asym_id 
_pdbx_poly_seq_scheme.entity_id 
_pdbx_poly_seq_scheme.seq_id 
_pdbx_poly_seq_scheme.mon_id 
_pdbx_poly_seq_scheme.ndb_seq_num 
_pdbx_poly_seq_scheme.pdb_seq_num 
_pdbx_poly_seq_scheme.auth_seq_num 
_pdbx_poly_seq_scheme.pdb_mon_id 
_pdbx_poly_seq_scheme.auth_mon_id 
_pdbx_poly_seq_scheme.pdb_strand_id 
_pdbx_poly_seq_scheme.pdb_ins_code 
_pdbx_poly_seq_scheme.hetero 
A 1 1   MET 1   144 144 MET MET A . n 
A 1 2   ALA 2   145 145 ALA ALA A . n 
A 1 3   GLU 3   146 146 GLU GLU A . n 
A 1 4   GLU 4   147 147 GLU GLU A . n 
A 1 5   TRP 5   148 148 TRP TRP A . n 
A 1 6   TYR 6   149 149 TYR TYR A . n 
A 1 7   PHE 7   150 150 PHE PHE A . n 
A 1 8   GLY 8   151 151 GLY GLY A . n 
A 1 9   LYS 9   152 152 LYS LYS A . n 
A 1 10  ILE 10  153 153 ILE ILE A . n 
A 1 11  THR 11  154 154 THR THR A . n 
A 1 12  ARG 12  155 155 ARG ARG A . n 
A 1 13  ARG 13  156 156 ARG ARG A . n 
A 1 14  GLU 14  157 157 GLU GLU A . n 
A 1 15  SER 15  158 158 SER SER A . n 
A 1 16  GLU 16  159 159 GLU GLU A . n 
A 1 17  ARG 17  160 160 ARG ARG A . n 
A 1 18  LEU 18  161 161 LEU LEU A . n 
A 1 19  LEU 19  162 162 LEU LEU A . n 
A 1 20  LEU 20  163 163 LEU LEU A . n 
A 1 21  ASN 21  164 164 ASN ASN A . n 
A 1 22  PRO 22  165 165 PRO PRO A . n 
A 1 23  GLU 23  166 166 GLU GLU A . n 
A 1 24  ASN 24  167 167 ASN ASN A . n 
A 1 25  PRO 25  168 168 PRO PRO A . n 
A 1 26  ARG 26  169 169 ARG ARG A . n 
A 1 27  GLY 27  170 170 GLY GLY A . n 
A 1 28  THR 28  171 171 THR THR A . n 
A 1 29  PHE 29  172 172 PHE PHE A . n 
A 1 30  LEU 30  173 173 LEU LEU A . n 
A 1 31  VAL 31  174 174 VAL VAL A . n 
A 1 32  ARG 32  175 175 ARG ARG A . n 
A 1 33  GLU 33  176 176 GLU GLU A . n 
A 1 34  SER 34  177 177 SER SER A . n 
A 1 35  GLU 35  178 178 GLU GLU A . n 
A 1 36  THR 36  179 179 THR THR A . n 
A 1 37  THR 37  180 180 THR THR A . n 
A 1 38  LYS 38  181 181 LYS LYS A . n 
A 1 39  GLY 39  182 182 GLY GLY A . n 
A 1 40  ALA 40  183 183 ALA ALA A . n 
A 1 41  TYR 41  184 184 TYR TYR A . n 
A 1 42  CYS 42  185 185 CYS CYS A . n 
A 1 43  LEU 43  186 186 LEU LEU A . n 
A 1 44  SER 44  187 187 SER SER A . n 
A 1 45  VAL 45  188 188 VAL VAL A . n 
A 1 46  SER 46  189 189 SER SER A . n 
A 1 47  ASP 47  190 190 ASP ASP A . n 
A 1 48  PHE 48  191 191 PHE PHE A . n 
A 1 49  ASP 49  192 192 ASP ASP A . n 
A 1 50  ASN 50  193 193 ASN ASN A . n 
A 1 51  ALA 51  194 194 ALA ALA A . n 
A 1 52  LYS 52  195 195 LYS LYS A . n 
A 1 53  GLY 53  196 196 GLY GLY A . n 
A 1 54  LEU 54  197 197 LEU LEU A . n 
A 1 55  ASN 55  198 198 ASN ASN A . n 
A 1 56  VAL 56  199 199 VAL VAL A . n 
A 1 57  LYS 57  200 200 LYS LYS A . n 
A 1 58  HIS 58  201 201 HIS HIS A . n 
A 1 59  TYR 59  202 202 TYR TYR A . n 
A 1 60  LYS 60  203 203 LYS LYS A . n 
A 1 61  ILE 61  204 204 ILE ILE A . n 
A 1 62  ARG 62  205 205 ARG ARG A . n 
A 1 63  LYS 63  206 206 LYS LYS A . n 
A 1 64  LEU 64  207 207 LEU LEU A . n 
A 1 65  ASP 65  208 208 ASP ASP A . n 
A 1 66  SER 66  209 209 SER SER A . n 
A 1 67  GLY 67  210 210 GLY GLY A . n 
A 1 68  GLY 68  211 211 GLY GLY A . n 
A 1 69  PHE 69  212 212 PHE PHE A . n 
A 1 70  TYR 70  213 213 TYR TYR A . n 
A 1 71  ILE 71  214 214 ILE ILE A . n 
A 1 72  TRP 72  215 215 TRP TRP A . n 
A 1 73  SER 73  216 216 SER SER A . n 
A 1 74  ARG 74  217 217 ARG ARG A . n 
A 1 75  THR 75  218 218 THR THR A . n 
A 1 76  GLN 76  219 219 GLN GLN A . n 
A 1 77  PHE 77  220 220 PHE PHE A . n 
A 1 78  SER 78  221 221 SER SER A . n 
A 1 79  SER 79  222 222 SER SER A . n 
A 1 80  LEU 80  223 223 LEU LEU A . n 
A 1 81  GLN 81  224 224 GLN GLN A . n 
A 1 82  GLN 82  225 225 GLN GLN A . n 
A 1 83  LEU 83  226 226 LEU LEU A . n 
A 1 84  VAL 84  227 227 VAL VAL A . n 
A 1 85  ALA 85  228 228 ALA ALA A . n 
A 1 86  TYR 86  229 229 TYR TYR A . n 
A 1 87  TYR 87  230 230 TYR TYR A . n 
A 1 88  SER 88  231 231 SER SER A . n 
A 1 89  LYS 89  232 232 LYS LYS A . n 
A 1 90  HIS 90  233 233 HIS HIS A . n 
A 1 91  ALA 91  234 234 ALA ALA A . n 
A 1 92  ASP 92  235 235 ASP ASP A . n 
A 1 93  GLY 93  236 236 GLY GLY A . n 
A 1 94  LEU 94  237 237 LEU LEU A . n 
A 1 95  CYS 95  238 238 CYS CYS A . n 
A 1 96  HIS 96  239 239 HIS HIS A . n 
A 1 97  ARG 97  240 240 ARG ARG A . n 
A 1 98  LEU 98  241 241 LEU LEU A . n 
A 1 99  THR 99  242 242 THR THR A . n 
A 1 100 ASN 100 243 243 ASN ASN A . n 
A 1 101 VAL 101 244 244 VAL VAL A . n 
A 1 102 CYS 102 245 245 CYS CYS A . n 
A 1 103 PRO 103 246 246 PRO PRO A . n 
A 1 104 THR 104 247 247 THR THR A . n 
B 2 1   SER 1   316 316 SER SER B . n 
B 2 2   PTR 2   317 317 PTR PTR B . n 
B 2 3   VAL 3   318 318 VAL VAL B . n 
B 2 4   ASN 4   319 319 ASN ASN B . n 
B 2 5   VAL 5   320 320 VAL VAL B . n 
B 2 6   GLN 6   321 321 GLN GLN B . n 
B 2 7   ASN 7   322 322 ASN ASN B . n 
# 
loop_
_pdbx_nonpoly_scheme.asym_id 
_pdbx_nonpoly_scheme.entity_id 
_pdbx_nonpoly_scheme.mon_id 
_pdbx_nonpoly_scheme.ndb_seq_num 
_pdbx_nonpoly_scheme.pdb_seq_num 
_pdbx_nonpoly_scheme.auth_seq_num 
_pdbx_nonpoly_scheme.pdb_mon_id 
_pdbx_nonpoly_scheme.auth_mon_id 
_pdbx_nonpoly_scheme.pdb_strand_id 
_pdbx_nonpoly_scheme.pdb_ins_code 
C 3 HOH 1  1001 1001 HOH WAT A . 
C 3 HOH 2  1002 1002 HOH WAT A . 
C 3 HOH 3  1003 1003 HOH WAT A . 
C 3 HOH 4  1004 1004 HOH WAT A . 
C 3 HOH 5  1005 1005 HOH WAT A . 
C 3 HOH 6  1006 1006 HOH WAT A . 
C 3 HOH 7  1007 1007 HOH WAT A . 
C 3 HOH 8  1008 1008 HOH WAT A . 
C 3 HOH 9  1009 1009 HOH WAT A . 
C 3 HOH 10 1010 1010 HOH WAT A . 
C 3 HOH 11 1011 1011 HOH WAT A . 
C 3 HOH 12 1012 1012 HOH WAT A . 
C 3 HOH 13 1014 1014 HOH WAT A . 
C 3 HOH 14 1015 1015 HOH WAT A . 
C 3 HOH 15 1016 1016 HOH WAT A . 
C 3 HOH 16 1017 1017 HOH WAT A . 
C 3 HOH 17 1018 1018 HOH WAT A . 
C 3 HOH 18 1019 1019 HOH WAT A . 
C 3 HOH 19 1020 1020 HOH WAT A . 
C 3 HOH 20 1021 1021 HOH WAT A . 
C 3 HOH 21 1022 1022 HOH WAT A . 
C 3 HOH 22 1023 1023 HOH WAT A . 
C 3 HOH 23 1024 1024 HOH WAT A . 
C 3 HOH 24 1025 1025 HOH WAT A . 
C 3 HOH 25 1026 1026 HOH WAT A . 
C 3 HOH 26 1027 1027 HOH WAT A . 
C 3 HOH 27 1028 1028 HOH WAT A . 
C 3 HOH 28 1029 1029 HOH WAT A . 
C 3 HOH 29 1030 1030 HOH WAT A . 
C 3 HOH 30 1031 1031 HOH WAT A . 
C 3 HOH 31 1032 1032 HOH WAT A . 
C 3 HOH 32 1033 1033 HOH WAT A . 
C 3 HOH 33 1034 1034 HOH WAT A . 
C 3 HOH 34 1035 1035 HOH WAT A . 
C 3 HOH 35 1038 1038 HOH WAT A . 
C 3 HOH 36 1039 1039 HOH WAT A . 
C 3 HOH 37 1040 1040 HOH WAT A . 
C 3 HOH 38 1041 1041 HOH WAT A . 
C 3 HOH 39 1042 1042 HOH WAT A . 
C 3 HOH 40 1043 1043 HOH WAT A . 
C 3 HOH 41 1044 1044 HOH WAT A . 
C 3 HOH 42 1045 1045 HOH WAT A . 
C 3 HOH 43 1046 1046 HOH WAT A . 
C 3 HOH 44 1047 1047 HOH WAT A . 
C 3 HOH 45 1048 1048 HOH WAT A . 
C 3 HOH 46 1049 1049 HOH WAT A . 
C 3 HOH 47 1050 1050 HOH WAT A . 
C 3 HOH 48 1051 1051 HOH WAT A . 
C 3 HOH 49 1053 1053 HOH WAT A . 
C 3 HOH 50 1054 1054 HOH WAT A . 
C 3 HOH 51 1055 1055 HOH WAT A . 
C 3 HOH 52 1056 1056 HOH WAT A . 
C 3 HOH 53 1057 1057 HOH WAT A . 
C 3 HOH 54 1058 1058 HOH WAT A . 
C 3 HOH 55 1059 1059 HOH WAT A . 
C 3 HOH 56 1060 1060 HOH WAT A . 
C 3 HOH 57 1061 1061 HOH WAT A . 
C 3 HOH 58 1062 1062 HOH WAT A . 
C 3 HOH 59 1063 1063 HOH WAT A . 
C 3 HOH 60 1064 1064 HOH WAT A . 
C 3 HOH 61 1065 1065 HOH WAT A . 
C 3 HOH 62 1066 1066 HOH WAT A . 
C 3 HOH 63 1067 1067 HOH WAT A . 
C 3 HOH 64 1068 1068 HOH WAT A . 
C 3 HOH 65 1069 1069 HOH WAT A . 
C 3 HOH 66 1070 1070 HOH WAT A . 
C 3 HOH 67 1071 1071 HOH WAT A . 
C 3 HOH 68 1072 1072 HOH WAT A . 
C 3 HOH 69 1073 1073 HOH WAT A . 
C 3 HOH 70 1074 1074 HOH WAT A . 
C 3 HOH 71 1075 1075 HOH WAT A . 
D 3 HOH 1  1013 1013 HOH WAT B . 
D 3 HOH 2  1036 1036 HOH WAT B . 
D 3 HOH 3  1037 1037 HOH WAT B . 
D 3 HOH 4  1052 1052 HOH WAT B . 
# 
loop_
_software.name 
_software.classification 
_software.version 
_software.citation_id 
_software.pdbx_ordinal 
AMoRE     phasing          .   ? 1 
CNS       refinement       0.5 ? 2 
DENZO     'data reduction' .   ? 3 
SCALEPACK 'data scaling'   .   ? 4 
# 
_cell.entry_id           1F1W 
_cell.length_a           33.714 
_cell.length_b           56.804 
_cell.length_c           102.779 
_cell.angle_alpha        90.00 
_cell.angle_beta         90.00 
_cell.angle_gamma        90.00 
_cell.Z_PDB              8 
_cell.pdbx_unique_axis   ? 
# 
_symmetry.entry_id                         1F1W 
_symmetry.space_group_name_H-M             'C 2 2 21' 
_symmetry.pdbx_full_space_group_name_H-M   ? 
_symmetry.cell_setting                     ? 
_symmetry.Int_Tables_number                20 
# 
_exptl.entry_id          1F1W 
_exptl.method            'X-RAY DIFFRACTION' 
_exptl.crystals_number   1 
# 
_exptl_crystal.id                    1 
_exptl_crystal.density_meas          ? 
_exptl_crystal.density_percent_sol   35.19 
_exptl_crystal.density_Matthews      1.90 
_exptl_crystal.description           ? 
# 
_exptl_crystal_grow.crystal_id      1 
_exptl_crystal_grow.method          'VAPOR DIFFUSION, HANGING DROP' 
_exptl_crystal_grow.pH              5.6 
_exptl_crystal_grow.temp            298.0 
_exptl_crystal_grow.temp_details    ? 
_exptl_crystal_grow.pdbx_details    '1.2 M Na Citrate, pH 5.6, VAPOR DIFFUSION, HANGING DROP, temperature 298.0K' 
_exptl_crystal_grow.pdbx_pH_range   . 
# 
_diffrn.id                     1 
_diffrn.ambient_temp           100.0 
_diffrn.ambient_temp_details   ? 
_diffrn.crystal_id             1 
# 
_diffrn_detector.diffrn_id              1 
_diffrn_detector.detector               'IMAGE PLATE' 
_diffrn_detector.type                   MARRESEARCH 
_diffrn_detector.pdbx_collection_date   1999-01-06 
_diffrn_detector.details                ? 
# 
_diffrn_radiation.diffrn_id                        1 
_diffrn_radiation.wavelength_id                    1 
_diffrn_radiation.monochromator                    ? 
_diffrn_radiation.pdbx_monochromatic_or_laue_m_l   M 
_diffrn_radiation.pdbx_diffrn_protocol             'SINGLE WAVELENGTH' 
_diffrn_radiation.pdbx_scattering_type             x-ray 
# 
_diffrn_radiation_wavelength.id           1 
_diffrn_radiation_wavelength.wavelength   1.5418 
_diffrn_radiation_wavelength.wt           1.0 
# 
_diffrn_source.diffrn_id                   1 
_diffrn_source.source                      'ROTATING ANODE' 
_diffrn_source.type                        'RIGAKU FR-C' 
_diffrn_source.pdbx_wavelength             1.5418 
_diffrn_source.pdbx_synchrotron_site       ? 
_diffrn_source.pdbx_synchrotron_beamline   ? 
_diffrn_source.pdbx_wavelength_list        ? 
# 
_reflns.entry_id                     1F1W 
_reflns.observed_criterion_sigma_I   -3.0 
_reflns.observed_criterion_sigma_F   ? 
_reflns.d_resolution_low             12.0 
_reflns.d_resolution_high            2.1 
_reflns.number_obs                   5813 
_reflns.number_all                   14854 
_reflns.percent_possible_obs         95 
_reflns.pdbx_Rmerge_I_obs            0.0920000 
_reflns.pdbx_Rsym_value              ? 
_reflns.pdbx_netI_over_sigmaI        9.5 
_reflns.B_iso_Wilson_estimate        13.3 
_reflns.pdbx_redundancy              3.2 
_reflns.R_free_details               ? 
_reflns.limit_h_max                  ? 
_reflns.limit_h_min                  ? 
_reflns.limit_k_max                  ? 
_reflns.limit_k_min                  ? 
_reflns.limit_l_max                  ? 
_reflns.limit_l_min                  ? 
_reflns.observed_criterion_F_max     ? 
_reflns.observed_criterion_F_min     ? 
_reflns.pdbx_diffrn_id               1 
_reflns.pdbx_ordinal                 1 
# 
_refine.entry_id                                 1F1W 
_refine.ls_number_reflns_obs                     5480 
_refine.ls_number_reflns_all                     ? 
_refine.pdbx_ls_sigma_I                          ? 
_refine.pdbx_ls_sigma_F                          .0 
_refine.pdbx_data_cutoff_high_absF               218589.02 
_refine.pdbx_data_cutoff_low_absF                .00 
_refine.ls_d_res_low                             12.00 
_refine.ls_d_res_high                            2.10 
_refine.ls_percent_reflns_obs                    91.0 
_refine.ls_R_factor_obs                          0.1950000 
_refine.ls_R_factor_all                          ? 
_refine.ls_R_factor_R_work                       0.1950000 
_refine.ls_R_factor_R_free                       0.2570000 
_refine.ls_R_factor_R_free_error                 .011 
_refine.ls_R_factor_R_free_error_details         ? 
_refine.ls_percent_reflns_R_free                 10.5 
_refine.ls_number_reflns_R_free                  577 
_refine.ls_number_parameters                     ? 
_refine.ls_number_restraints                     ? 
_refine.occupancy_min                            ? 
_refine.occupancy_max                            ? 
_refine.B_iso_mean                               20.5 
_refine.aniso_B[1][1]                            -2.92 
_refine.aniso_B[2][2]                            -2.71 
_refine.aniso_B[3][3]                            5.63 
_refine.aniso_B[1][2]                            .00 
_refine.aniso_B[1][3]                            .00 
_refine.aniso_B[2][3]                            .00 
_refine.solvent_model_details                    'FLAT MODEL' 
_refine.solvent_model_param_ksol                 .3842 
_refine.solvent_model_param_bsol                 31.73 
_refine.pdbx_ls_cross_valid_method               THROUGHOUT 
_refine.details                                  ? 
_refine.pdbx_starting_model                      1sps 
_refine.pdbx_method_to_determine_struct          ? 
_refine.pdbx_isotropic_thermal_model             RESTRAINED 
_refine.pdbx_stereochemistry_target_values       'Engh & Huber' 
_refine.pdbx_stereochem_target_val_spec_case     ? 
_refine.pdbx_R_Free_selection_details            RANDOM 
_refine.pdbx_overall_ESU_R_Free                  ? 
_refine.overall_SU_B                             ? 
_refine.ls_redundancy_reflns_obs                 ? 
_refine.B_iso_min                                ? 
_refine.B_iso_max                                ? 
_refine.overall_SU_ML                            ? 
_refine.pdbx_overall_ESU_R                       ? 
_refine.pdbx_data_cutoff_high_rms_absF           ? 
_refine.pdbx_refine_id                           'X-RAY DIFFRACTION' 
_refine.pdbx_diffrn_id                           1 
_refine.pdbx_TLS_residual_ADP_flag               ? 
_refine.correlation_coeff_Fo_to_Fc               ? 
_refine.correlation_coeff_Fo_to_Fc_free          ? 
_refine.pdbx_solvent_vdw_probe_radii             ? 
_refine.pdbx_solvent_ion_probe_radii             ? 
_refine.pdbx_solvent_shrinkage_radii             ? 
_refine.pdbx_overall_phase_error                 ? 
_refine.overall_SU_R_Cruickshank_DPI             ? 
_refine.pdbx_overall_SU_R_free_Cruickshank_DPI   ? 
_refine.pdbx_overall_SU_R_Blow_DPI               ? 
_refine.pdbx_overall_SU_R_free_Blow_DPI          ? 
# 
_refine_analyze.entry_id                        1F1W 
_refine_analyze.Luzzati_coordinate_error_obs    .23 
_refine_analyze.Luzzati_sigma_a_obs             .20 
_refine_analyze.Luzzati_d_res_low_obs           5.00 
_refine_analyze.Luzzati_coordinate_error_free   .33 
_refine_analyze.Luzzati_sigma_a_free            .28 
_refine_analyze.Luzzati_d_res_low_free          ? 
_refine_analyze.number_disordered_residues      ? 
_refine_analyze.occupancy_sum_hydrogen          ? 
_refine_analyze.occupancy_sum_non_hydrogen      ? 
_refine_analyze.pdbx_Luzzati_d_res_high_obs     ? 
_refine_analyze.pdbx_refine_id                  'X-RAY DIFFRACTION' 
# 
_refine_hist.pdbx_refine_id                   'X-RAY DIFFRACTION' 
_refine_hist.cycle_id                         LAST 
_refine_hist.pdbx_number_atoms_protein        911 
_refine_hist.pdbx_number_atoms_nucleic_acid   0 
_refine_hist.pdbx_number_atoms_ligand         0 
_refine_hist.number_atoms_solvent             75 
_refine_hist.number_atoms_total               986 
_refine_hist.d_res_high                       2.10 
_refine_hist.d_res_low                        12.00 
# 
loop_
_refine_ls_restr.type 
_refine_ls_restr.dev_ideal 
_refine_ls_restr.dev_ideal_target 
_refine_ls_restr.weight 
_refine_ls_restr.number 
_refine_ls_restr.pdbx_refine_id 
_refine_ls_restr.pdbx_restraint_function 
c_bond_d           .011 ?    ? ? 'X-RAY DIFFRACTION' ? 
c_angle_deg        1.7  ?    ? ? 'X-RAY DIFFRACTION' ? 
c_dihedral_angle_d 25.9 ?    ? ? 'X-RAY DIFFRACTION' ? 
c_improper_angle_d 1.38 ?    ? ? 'X-RAY DIFFRACTION' ? 
c_mcbond_it        1.37 1.50 ? ? 'X-RAY DIFFRACTION' ? 
c_mcangle_it       2.22 2.00 ? ? 'X-RAY DIFFRACTION' ? 
c_scbond_it        1.87 2.00 ? ? 'X-RAY DIFFRACTION' ? 
c_scangle_it       2.79 2.50 ? ? 'X-RAY DIFFRACTION' ? 
# 
_refine_ls_shell.pdbx_total_number_of_bins_used   6 
_refine_ls_shell.d_res_high                       2.10 
_refine_ls_shell.d_res_low                        2.23 
_refine_ls_shell.number_reflns_R_work             742 
_refine_ls_shell.R_factor_R_work                  0.2430000 
_refine_ls_shell.percent_reflns_obs               84.2 
_refine_ls_shell.R_factor_R_free                  0.3120000 
_refine_ls_shell.R_factor_R_free_error            .033 
_refine_ls_shell.percent_reflns_R_free            11.0 
_refine_ls_shell.number_reflns_R_free             92 
_refine_ls_shell.redundancy_reflns_obs            ? 
_refine_ls_shell.number_reflns_all                ? 
_refine_ls_shell.number_reflns_obs                ? 
_refine_ls_shell.pdbx_refine_id                   'X-RAY DIFFRACTION' 
_refine_ls_shell.R_factor_all                     ? 
# 
loop_
_pdbx_xplor_file.serial_no 
_pdbx_xplor_file.param_file 
_pdbx_xplor_file.topol_file 
_pdbx_xplor_file.pdbx_refine_id 
1 PROTEIN.PARAM PROTEIN.TOP 'X-RAY DIFFRACTION' 
2 WATER.PARAM   WATER.TOP   'X-RAY DIFFRACTION' 
# 
_struct.entry_id                  1F1W 
_struct.title                     'SRC SH2 THREF1TRP MUTANT COMPLEXED WITH THE PHOSPHOPEPTIDE S(PTR)VNVQN' 
_struct.pdbx_model_details        ? 
_struct.pdbx_CASP_flag            ? 
_struct.pdbx_model_type_details   ? 
# 
_struct_keywords.entry_id        1F1W 
_struct_keywords.pdbx_keywords   TRANSFERASE 
_struct_keywords.text            'Src, SH2 domain, phosphopeptide, specificity switch, TRANSFERASE' 
# 
loop_
_struct_asym.id 
_struct_asym.pdbx_blank_PDB_chainid_flag 
_struct_asym.pdbx_modified 
_struct_asym.entity_id 
_struct_asym.details 
A N N 1 ? 
B N N 2 ? 
C N N 3 ? 
D N N 3 ? 
# 
loop_
_struct_ref.id 
_struct_ref.db_name 
_struct_ref.db_code 
_struct_ref.pdbx_db_accession 
_struct_ref.entity_id 
_struct_ref.pdbx_seq_one_letter_code 
_struct_ref.pdbx_align_begin 
_struct_ref.pdbx_db_isoform 
1 UNP SRC_CHICK P00523 1 
;AEEWYFGKITRRESERLLLNPENPRGTFLVRESETTKGAYCLSVSDFDNAKGLNVKHYKIRKLDSGGFYITSRTQFSSLQ
QLVAYYSKHADGLCHRLTNVCPT
;
144 ? 
2 PDB 1F1W      1F1W   2 ? ?   ? 
# 
loop_
_struct_ref_seq.align_id 
_struct_ref_seq.ref_id 
_struct_ref_seq.pdbx_PDB_id_code 
_struct_ref_seq.pdbx_strand_id 
_struct_ref_seq.seq_align_beg 
_struct_ref_seq.pdbx_seq_align_beg_ins_code 
_struct_ref_seq.seq_align_end 
_struct_ref_seq.pdbx_seq_align_end_ins_code 
_struct_ref_seq.pdbx_db_accession 
_struct_ref_seq.db_align_beg 
_struct_ref_seq.pdbx_db_align_beg_ins_code 
_struct_ref_seq.db_align_end 
_struct_ref_seq.pdbx_db_align_end_ins_code 
_struct_ref_seq.pdbx_auth_seq_align_beg 
_struct_ref_seq.pdbx_auth_seq_align_end 
1 1 1F1W A 2 ? 104 ? P00523 144 ? 246 ? 145 247 
2 2 1F1W B 1 ? 7   ? 1F1W   316 ? 322 ? 316 322 
# 
loop_
_struct_ref_seq_dif.align_id 
_struct_ref_seq_dif.pdbx_pdb_id_code 
_struct_ref_seq_dif.mon_id 
_struct_ref_seq_dif.pdbx_pdb_strand_id 
_struct_ref_seq_dif.seq_num 
_struct_ref_seq_dif.pdbx_pdb_ins_code 
_struct_ref_seq_dif.pdbx_seq_db_name 
_struct_ref_seq_dif.pdbx_seq_db_accession_code 
_struct_ref_seq_dif.db_mon_id 
_struct_ref_seq_dif.pdbx_seq_db_seq_num 
_struct_ref_seq_dif.details 
_struct_ref_seq_dif.pdbx_auth_seq_num 
_struct_ref_seq_dif.pdbx_ordinal 
1 1F1W MET A 1  ? UNP P00523 ?   ?   'initiating methionine' 144 1 
1 1F1W TRP A 72 ? UNP P00523 THR 214 'engineered mutation'   215 2 
# 
loop_
_pdbx_struct_assembly.id 
_pdbx_struct_assembly.details 
_pdbx_struct_assembly.method_details 
_pdbx_struct_assembly.oligomeric_details 
_pdbx_struct_assembly.oligomeric_count 
1 author_and_software_defined_assembly PISA dimeric    2 
2 software_defined_assembly            PISA tetrameric 4 
3 software_defined_assembly            PISA tetrameric 4 
# 
loop_
_pdbx_struct_assembly_prop.biol_id 
_pdbx_struct_assembly_prop.type 
_pdbx_struct_assembly_prop.value 
_pdbx_struct_assembly_prop.details 
1 'ABSA (A^2)' 690   ? 
1 MORE         -6    ? 
1 'SSA (A^2)'  6770  ? 
2 'ABSA (A^2)' 3420  ? 
2 MORE         -11   ? 
2 'SSA (A^2)'  11510 ? 
3 'ABSA (A^2)' 2240  ? 
3 MORE         -22   ? 
3 'SSA (A^2)'  12690 ? 
# 
loop_
_pdbx_struct_assembly_gen.assembly_id 
_pdbx_struct_assembly_gen.oper_expression 
_pdbx_struct_assembly_gen.asym_id_list 
1 1   A,B,C,D 
2 1,2 A,B,C,D 
3 1,3 A,B,C,D 
# 
loop_
_pdbx_struct_oper_list.id 
_pdbx_struct_oper_list.type 
_pdbx_struct_oper_list.name 
_pdbx_struct_oper_list.symmetry_operation 
_pdbx_struct_oper_list.matrix[1][1] 
_pdbx_struct_oper_list.matrix[1][2] 
_pdbx_struct_oper_list.matrix[1][3] 
_pdbx_struct_oper_list.vector[1] 
_pdbx_struct_oper_list.matrix[2][1] 
_pdbx_struct_oper_list.matrix[2][2] 
_pdbx_struct_oper_list.matrix[2][3] 
_pdbx_struct_oper_list.vector[2] 
_pdbx_struct_oper_list.matrix[3][1] 
_pdbx_struct_oper_list.matrix[3][2] 
_pdbx_struct_oper_list.matrix[3][3] 
_pdbx_struct_oper_list.vector[3] 
1 'identity operation'         1_555 x,y,z         1.0000000000  0.0000000000 0.0000000000  0.0000000000  0.0000000000 1.0000000000  0.0000000000  0.0000000000   0.0000000000  0.0000000000  1.0000000000  0.0000000000   
2 'crystal symmetry operation' 4_556 x,-y,-z+1     0.6307841171  0.0788640172 -0.7719403244 -9.7795013486 0.0788640172 -0.9961861701 -0.0373307015 7.8189028477   -0.7719403244 -0.0373307015 -0.6345979470 -19.8611536406 
3 'crystal symmetry operation' 3_655 -x+1,y,-z+1/2 -0.9303391600 0.3195871610 0.1798140535  5.6565140788  0.3195871610 0.4661889452  0.8249435822  -14.8702352320 0.1798140535  0.8249435822  -0.5358497852 24.2378093052  
# 
_struct_biol.id   1 
# 
loop_
_struct_conf.conf_type_id 
_struct_conf.id 
_struct_conf.pdbx_PDB_helix_id 
_struct_conf.beg_label_comp_id 
_struct_conf.beg_label_asym_id 
_struct_conf.beg_label_seq_id 
_struct_conf.pdbx_beg_PDB_ins_code 
_struct_conf.end_label_comp_id 
_struct_conf.end_label_asym_id 
_struct_conf.end_label_seq_id 
_struct_conf.pdbx_end_PDB_ins_code 
_struct_conf.beg_auth_comp_id 
_struct_conf.beg_auth_asym_id 
_struct_conf.beg_auth_seq_id 
_struct_conf.end_auth_comp_id 
_struct_conf.end_auth_asym_id 
_struct_conf.end_auth_seq_id 
_struct_conf.pdbx_PDB_helix_class 
_struct_conf.details 
_struct_conf.pdbx_PDB_helix_length 
HELX_P HELX_P1 1 THR A 11 ? LEU A 20 ? THR A 154 LEU A 163 1 ? 10 
HELX_P HELX_P2 2 SER A 79 ? HIS A 90 ? SER A 222 HIS A 233 1 ? 12 
# 
_struct_conf_type.id          HELX_P 
_struct_conf_type.criteria    ? 
_struct_conf_type.reference   ? 
# 
loop_
_struct_conn.id 
_struct_conn.conn_type_id 
_struct_conn.pdbx_leaving_atom_flag 
_struct_conn.pdbx_PDB_id 
_struct_conn.ptnr1_label_asym_id 
_struct_conn.ptnr1_label_comp_id 
_struct_conn.ptnr1_label_seq_id 
_struct_conn.ptnr1_label_atom_id 
_struct_conn.pdbx_ptnr1_label_alt_id 
_struct_conn.pdbx_ptnr1_PDB_ins_code 
_struct_conn.pdbx_ptnr1_standard_comp_id 
_struct_conn.ptnr1_symmetry 
_struct_conn.ptnr2_label_asym_id 
_struct_conn.ptnr2_label_comp_id 
_struct_conn.ptnr2_label_seq_id 
_struct_conn.ptnr2_label_atom_id 
_struct_conn.pdbx_ptnr2_label_alt_id 
_struct_conn.pdbx_ptnr2_PDB_ins_code 
_struct_conn.ptnr1_auth_asym_id 
_struct_conn.ptnr1_auth_comp_id 
_struct_conn.ptnr1_auth_seq_id 
_struct_conn.ptnr2_auth_asym_id 
_struct_conn.ptnr2_auth_comp_id 
_struct_conn.ptnr2_auth_seq_id 
_struct_conn.ptnr2_symmetry 
_struct_conn.pdbx_ptnr3_label_atom_id 
_struct_conn.pdbx_ptnr3_label_seq_id 
_struct_conn.pdbx_ptnr3_label_comp_id 
_struct_conn.pdbx_ptnr3_label_asym_id 
_struct_conn.pdbx_ptnr3_label_alt_id 
_struct_conn.pdbx_ptnr3_PDB_ins_code 
_struct_conn.details 
_struct_conn.pdbx_dist_value 
_struct_conn.pdbx_value_order 
_struct_conn.pdbx_role 
covale1 covale both ? B SER 1 C ? ? ? 1_555 B PTR 2 N ? ? B SER 316 B PTR 317 1_555 ? ? ? ? ? ? ? 1.326 ? ? 
covale2 covale both ? B PTR 2 C ? ? ? 1_555 B VAL 3 N ? ? B PTR 317 B VAL 318 1_555 ? ? ? ? ? ? ? 1.335 ? ? 
# 
_struct_conn_type.id          covale 
_struct_conn_type.criteria    ? 
_struct_conn_type.reference   ? 
# 
_pdbx_modification_feature.ordinal                            1 
_pdbx_modification_feature.label_comp_id                      PTR 
_pdbx_modification_feature.label_asym_id                      B 
_pdbx_modification_feature.label_seq_id                       2 
_pdbx_modification_feature.label_alt_id                       ? 
_pdbx_modification_feature.modified_residue_label_comp_id     . 
_pdbx_modification_feature.modified_residue_label_asym_id     . 
_pdbx_modification_feature.modified_residue_label_seq_id      . 
_pdbx_modification_feature.modified_residue_label_alt_id      . 
_pdbx_modification_feature.auth_comp_id                       PTR 
_pdbx_modification_feature.auth_asym_id                       B 
_pdbx_modification_feature.auth_seq_id                        317 
_pdbx_modification_feature.PDB_ins_code                       ? 
_pdbx_modification_feature.symmetry                           1_555 
_pdbx_modification_feature.modified_residue_auth_comp_id      . 
_pdbx_modification_feature.modified_residue_auth_asym_id      . 
_pdbx_modification_feature.modified_residue_auth_seq_id       . 
_pdbx_modification_feature.modified_residue_PDB_ins_code      . 
_pdbx_modification_feature.modified_residue_symmetry          . 
_pdbx_modification_feature.comp_id_linking_atom               . 
_pdbx_modification_feature.modified_residue_id_linking_atom   . 
_pdbx_modification_feature.modified_residue_id                TYR 
_pdbx_modification_feature.ref_pcm_id                         1 
_pdbx_modification_feature.ref_comp_id                        PTR 
_pdbx_modification_feature.type                               Phosphorylation 
_pdbx_modification_feature.category                           'Named protein modification' 
# 
_struct_mon_prot_cis.pdbx_id                1 
_struct_mon_prot_cis.label_comp_id          ASP 
_struct_mon_prot_cis.label_seq_id           65 
_struct_mon_prot_cis.label_asym_id          A 
_struct_mon_prot_cis.label_alt_id           . 
_struct_mon_prot_cis.pdbx_PDB_ins_code      ? 
_struct_mon_prot_cis.auth_comp_id           ASP 
_struct_mon_prot_cis.auth_seq_id            208 
_struct_mon_prot_cis.auth_asym_id           A 
_struct_mon_prot_cis.pdbx_label_comp_id_2   SER 
_struct_mon_prot_cis.pdbx_label_seq_id_2    66 
_struct_mon_prot_cis.pdbx_label_asym_id_2   A 
_struct_mon_prot_cis.pdbx_PDB_ins_code_2    ? 
_struct_mon_prot_cis.pdbx_auth_comp_id_2    SER 
_struct_mon_prot_cis.pdbx_auth_seq_id_2     209 
_struct_mon_prot_cis.pdbx_auth_asym_id_2    A 
_struct_mon_prot_cis.pdbx_PDB_model_num     1 
_struct_mon_prot_cis.pdbx_omega_angle       0.60 
# 
loop_
_struct_sheet.id 
_struct_sheet.type 
_struct_sheet.number_strands 
_struct_sheet.details 
A ? 5 ? 
B ? 3 ? 
# 
loop_
_struct_sheet_order.sheet_id 
_struct_sheet_order.range_id_1 
_struct_sheet_order.range_id_2 
_struct_sheet_order.offset 
_struct_sheet_order.sense 
A 1 2 ? parallel      
A 2 3 ? anti-parallel 
A 3 4 ? anti-parallel 
A 4 5 ? parallel      
B 1 2 ? anti-parallel 
B 2 3 ? anti-parallel 
# 
loop_
_struct_sheet_range.sheet_id 
_struct_sheet_range.id 
_struct_sheet_range.beg_label_comp_id 
_struct_sheet_range.beg_label_asym_id 
_struct_sheet_range.beg_label_seq_id 
_struct_sheet_range.pdbx_beg_PDB_ins_code 
_struct_sheet_range.end_label_comp_id 
_struct_sheet_range.end_label_asym_id 
_struct_sheet_range.end_label_seq_id 
_struct_sheet_range.pdbx_end_PDB_ins_code 
_struct_sheet_range.beg_auth_comp_id 
_struct_sheet_range.beg_auth_asym_id 
_struct_sheet_range.beg_auth_seq_id 
_struct_sheet_range.end_auth_comp_id 
_struct_sheet_range.end_auth_asym_id 
_struct_sheet_range.end_auth_seq_id 
A 1 TRP A 5   ? PHE A 7   ? TRP A 148 PHE A 150 
A 2 THR A 28  ? SER A 34  ? THR A 171 SER A 177 
A 3 ALA A 40  ? ASP A 47  ? ALA A 183 ASP A 190 
A 4 ASN A 55  ? ILE A 61  ? ASN A 198 ILE A 204 
A 5 ASN A 100 ? CYS A 102 ? ASN A 243 CYS A 245 
B 1 ILE A 61  ? LEU A 64  ? ILE A 204 LEU A 207 
B 2 GLY A 68  ? ILE A 71  ? GLY A 211 ILE A 214 
B 3 THR A 75  ? PHE A 77  ? THR A 218 PHE A 220 
# 
_pdbx_entry_details.entry_id                   1F1W 
_pdbx_entry_details.compound_details           ? 
_pdbx_entry_details.source_details             ? 
_pdbx_entry_details.nonpolymer_details         ? 
_pdbx_entry_details.sequence_details           ? 
_pdbx_entry_details.has_ligand_of_interest     ? 
_pdbx_entry_details.has_protein_modification   Y 
# 
loop_
_pdbx_validate_torsion.id 
_pdbx_validate_torsion.PDB_model_num 
_pdbx_validate_torsion.auth_comp_id 
_pdbx_validate_torsion.auth_asym_id 
_pdbx_validate_torsion.auth_seq_id 
_pdbx_validate_torsion.PDB_ins_code 
_pdbx_validate_torsion.label_alt_id 
_pdbx_validate_torsion.phi 
_pdbx_validate_torsion.psi 
1 1 SER A 209 ? ? 123.90 -33.04 
2 1 ASP A 235 ? ? 35.49  57.73  
# 
_pdbx_struct_mod_residue.id               1 
_pdbx_struct_mod_residue.label_asym_id    B 
_pdbx_struct_mod_residue.label_comp_id    PTR 
_pdbx_struct_mod_residue.label_seq_id     2 
_pdbx_struct_mod_residue.auth_asym_id     B 
_pdbx_struct_mod_residue.auth_comp_id     PTR 
_pdbx_struct_mod_residue.auth_seq_id      317 
_pdbx_struct_mod_residue.PDB_ins_code     ? 
_pdbx_struct_mod_residue.parent_comp_id   TYR 
_pdbx_struct_mod_residue.details          O-PHOSPHOTYROSINE 
# 
loop_
_chem_comp_atom.comp_id 
_chem_comp_atom.atom_id 
_chem_comp_atom.type_symbol 
_chem_comp_atom.pdbx_aromatic_flag 
_chem_comp_atom.pdbx_stereo_config 
_chem_comp_atom.pdbx_ordinal 
ALA N    N N N 1   
ALA CA   C N S 2   
ALA C    C N N 3   
ALA O    O N N 4   
ALA CB   C N N 5   
ALA OXT  O N N 6   
ALA H    H N N 7   
ALA H2   H N N 8   
ALA HA   H N N 9   
ALA HB1  H N N 10  
ALA HB2  H N N 11  
ALA HB3  H N N 12  
ALA HXT  H N N 13  
ARG N    N N N 14  
ARG CA   C N S 15  
ARG C    C N N 16  
ARG O    O N N 17  
ARG CB   C N N 18  
ARG CG   C N N 19  
ARG CD   C N N 20  
ARG NE   N N N 21  
ARG CZ   C N N 22  
ARG NH1  N N N 23  
ARG NH2  N N N 24  
ARG OXT  O N N 25  
ARG H    H N N 26  
ARG H2   H N N 27  
ARG HA   H N N 28  
ARG HB2  H N N 29  
ARG HB3  H N N 30  
ARG HG2  H N N 31  
ARG HG3  H N N 32  
ARG HD2  H N N 33  
ARG HD3  H N N 34  
ARG HE   H N N 35  
ARG HH11 H N N 36  
ARG HH12 H N N 37  
ARG HH21 H N N 38  
ARG HH22 H N N 39  
ARG HXT  H N N 40  
ASN N    N N N 41  
ASN CA   C N S 42  
ASN C    C N N 43  
ASN O    O N N 44  
ASN CB   C N N 45  
ASN CG   C N N 46  
ASN OD1  O N N 47  
ASN ND2  N N N 48  
ASN OXT  O N N 49  
ASN H    H N N 50  
ASN H2   H N N 51  
ASN HA   H N N 52  
ASN HB2  H N N 53  
ASN HB3  H N N 54  
ASN HD21 H N N 55  
ASN HD22 H N N 56  
ASN HXT  H N N 57  
ASP N    N N N 58  
ASP CA   C N S 59  
ASP C    C N N 60  
ASP O    O N N 61  
ASP CB   C N N 62  
ASP CG   C N N 63  
ASP OD1  O N N 64  
ASP OD2  O N N 65  
ASP OXT  O N N 66  
ASP H    H N N 67  
ASP H2   H N N 68  
ASP HA   H N N 69  
ASP HB2  H N N 70  
ASP HB3  H N N 71  
ASP HD2  H N N 72  
ASP HXT  H N N 73  
CYS N    N N N 74  
CYS CA   C N R 75  
CYS C    C N N 76  
CYS O    O N N 77  
CYS CB   C N N 78  
CYS SG   S N N 79  
CYS OXT  O N N 80  
CYS H    H N N 81  
CYS H2   H N N 82  
CYS HA   H N N 83  
CYS HB2  H N N 84  
CYS HB3  H N N 85  
CYS HG   H N N 86  
CYS HXT  H N N 87  
GLN N    N N N 88  
GLN CA   C N S 89  
GLN C    C N N 90  
GLN O    O N N 91  
GLN CB   C N N 92  
GLN CG   C N N 93  
GLN CD   C N N 94  
GLN OE1  O N N 95  
GLN NE2  N N N 96  
GLN OXT  O N N 97  
GLN H    H N N 98  
GLN H2   H N N 99  
GLN HA   H N N 100 
GLN HB2  H N N 101 
GLN HB3  H N N 102 
GLN HG2  H N N 103 
GLN HG3  H N N 104 
GLN HE21 H N N 105 
GLN HE22 H N N 106 
GLN HXT  H N N 107 
GLU N    N N N 108 
GLU CA   C N S 109 
GLU C    C N N 110 
GLU O    O N N 111 
GLU CB   C N N 112 
GLU CG   C N N 113 
GLU CD   C N N 114 
GLU OE1  O N N 115 
GLU OE2  O N N 116 
GLU OXT  O N N 117 
GLU H    H N N 118 
GLU H2   H N N 119 
GLU HA   H N N 120 
GLU HB2  H N N 121 
GLU HB3  H N N 122 
GLU HG2  H N N 123 
GLU HG3  H N N 124 
GLU HE2  H N N 125 
GLU HXT  H N N 126 
GLY N    N N N 127 
GLY CA   C N N 128 
GLY C    C N N 129 
GLY O    O N N 130 
GLY OXT  O N N 131 
GLY H    H N N 132 
GLY H2   H N N 133 
GLY HA2  H N N 134 
GLY HA3  H N N 135 
GLY HXT  H N N 136 
HIS N    N N N 137 
HIS CA   C N S 138 
HIS C    C N N 139 
HIS O    O N N 140 
HIS CB   C N N 141 
HIS CG   C Y N 142 
HIS ND1  N Y N 143 
HIS CD2  C Y N 144 
HIS CE1  C Y N 145 
HIS NE2  N Y N 146 
HIS OXT  O N N 147 
HIS H    H N N 148 
HIS H2   H N N 149 
HIS HA   H N N 150 
HIS HB2  H N N 151 
HIS HB3  H N N 152 
HIS HD1  H N N 153 
HIS HD2  H N N 154 
HIS HE1  H N N 155 
HIS HE2  H N N 156 
HIS HXT  H N N 157 
HOH O    O N N 158 
HOH H1   H N N 159 
HOH H2   H N N 160 
ILE N    N N N 161 
ILE CA   C N S 162 
ILE C    C N N 163 
ILE O    O N N 164 
ILE CB   C N S 165 
ILE CG1  C N N 166 
ILE CG2  C N N 167 
ILE CD1  C N N 168 
ILE OXT  O N N 169 
ILE H    H N N 170 
ILE H2   H N N 171 
ILE HA   H N N 172 
ILE HB   H N N 173 
ILE HG12 H N N 174 
ILE HG13 H N N 175 
ILE HG21 H N N 176 
ILE HG22 H N N 177 
ILE HG23 H N N 178 
ILE HD11 H N N 179 
ILE HD12 H N N 180 
ILE HD13 H N N 181 
ILE HXT  H N N 182 
LEU N    N N N 183 
LEU CA   C N S 184 
LEU C    C N N 185 
LEU O    O N N 186 
LEU CB   C N N 187 
LEU CG   C N N 188 
LEU CD1  C N N 189 
LEU CD2  C N N 190 
LEU OXT  O N N 191 
LEU H    H N N 192 
LEU H2   H N N 193 
LEU HA   H N N 194 
LEU HB2  H N N 195 
LEU HB3  H N N 196 
LEU HG   H N N 197 
LEU HD11 H N N 198 
LEU HD12 H N N 199 
LEU HD13 H N N 200 
LEU HD21 H N N 201 
LEU HD22 H N N 202 
LEU HD23 H N N 203 
LEU HXT  H N N 204 
LYS N    N N N 205 
LYS CA   C N S 206 
LYS C    C N N 207 
LYS O    O N N 208 
LYS CB   C N N 209 
LYS CG   C N N 210 
LYS CD   C N N 211 
LYS CE   C N N 212 
LYS NZ   N N N 213 
LYS OXT  O N N 214 
LYS H    H N N 215 
LYS H2   H N N 216 
LYS HA   H N N 217 
LYS HB2  H N N 218 
LYS HB3  H N N 219 
LYS HG2  H N N 220 
LYS HG3  H N N 221 
LYS HD2  H N N 222 
LYS HD3  H N N 223 
LYS HE2  H N N 224 
LYS HE3  H N N 225 
LYS HZ1  H N N 226 
LYS HZ2  H N N 227 
LYS HZ3  H N N 228 
LYS HXT  H N N 229 
MET N    N N N 230 
MET CA   C N S 231 
MET C    C N N 232 
MET O    O N N 233 
MET CB   C N N 234 
MET CG   C N N 235 
MET SD   S N N 236 
MET CE   C N N 237 
MET OXT  O N N 238 
MET H    H N N 239 
MET H2   H N N 240 
MET HA   H N N 241 
MET HB2  H N N 242 
MET HB3  H N N 243 
MET HG2  H N N 244 
MET HG3  H N N 245 
MET HE1  H N N 246 
MET HE2  H N N 247 
MET HE3  H N N 248 
MET HXT  H N N 249 
PHE N    N N N 250 
PHE CA   C N S 251 
PHE C    C N N 252 
PHE O    O N N 253 
PHE CB   C N N 254 
PHE CG   C Y N 255 
PHE CD1  C Y N 256 
PHE CD2  C Y N 257 
PHE CE1  C Y N 258 
PHE CE2  C Y N 259 
PHE CZ   C Y N 260 
PHE OXT  O N N 261 
PHE H    H N N 262 
PHE H2   H N N 263 
PHE HA   H N N 264 
PHE HB2  H N N 265 
PHE HB3  H N N 266 
PHE HD1  H N N 267 
PHE HD2  H N N 268 
PHE HE1  H N N 269 
PHE HE2  H N N 270 
PHE HZ   H N N 271 
PHE HXT  H N N 272 
PRO N    N N N 273 
PRO CA   C N S 274 
PRO C    C N N 275 
PRO O    O N N 276 
PRO CB   C N N 277 
PRO CG   C N N 278 
PRO CD   C N N 279 
PRO OXT  O N N 280 
PRO H    H N N 281 
PRO HA   H N N 282 
PRO HB2  H N N 283 
PRO HB3  H N N 284 
PRO HG2  H N N 285 
PRO HG3  H N N 286 
PRO HD2  H N N 287 
PRO HD3  H N N 288 
PRO HXT  H N N 289 
PTR N    N N N 290 
PTR CA   C N S 291 
PTR C    C N N 292 
PTR O    O N N 293 
PTR OXT  O N N 294 
PTR CB   C N N 295 
PTR CG   C Y N 296 
PTR CD1  C Y N 297 
PTR CD2  C Y N 298 
PTR CE1  C Y N 299 
PTR CE2  C Y N 300 
PTR CZ   C Y N 301 
PTR OH   O N N 302 
PTR P    P N N 303 
PTR O1P  O N N 304 
PTR O2P  O N N 305 
PTR O3P  O N N 306 
PTR H    H N N 307 
PTR H2   H N N 308 
PTR HA   H N N 309 
PTR HXT  H N N 310 
PTR HB2  H N N 311 
PTR HB3  H N N 312 
PTR HD1  H N N 313 
PTR HD2  H N N 314 
PTR HE1  H N N 315 
PTR HE2  H N N 316 
PTR HO2P H N N 317 
PTR HO3P H N N 318 
SER N    N N N 319 
SER CA   C N S 320 
SER C    C N N 321 
SER O    O N N 322 
SER CB   C N N 323 
SER OG   O N N 324 
SER OXT  O N N 325 
SER H    H N N 326 
SER H2   H N N 327 
SER HA   H N N 328 
SER HB2  H N N 329 
SER HB3  H N N 330 
SER HG   H N N 331 
SER HXT  H N N 332 
THR N    N N N 333 
THR CA   C N S 334 
THR C    C N N 335 
THR O    O N N 336 
THR CB   C N R 337 
THR OG1  O N N 338 
THR CG2  C N N 339 
THR OXT  O N N 340 
THR H    H N N 341 
THR H2   H N N 342 
THR HA   H N N 343 
THR HB   H N N 344 
THR HG1  H N N 345 
THR HG21 H N N 346 
THR HG22 H N N 347 
THR HG23 H N N 348 
THR HXT  H N N 349 
TRP N    N N N 350 
TRP CA   C N S 351 
TRP C    C N N 352 
TRP O    O N N 353 
TRP CB   C N N 354 
TRP CG   C Y N 355 
TRP CD1  C Y N 356 
TRP CD2  C Y N 357 
TRP NE1  N Y N 358 
TRP CE2  C Y N 359 
TRP CE3  C Y N 360 
TRP CZ2  C Y N 361 
TRP CZ3  C Y N 362 
TRP CH2  C Y N 363 
TRP OXT  O N N 364 
TRP H    H N N 365 
TRP H2   H N N 366 
TRP HA   H N N 367 
TRP HB2  H N N 368 
TRP HB3  H N N 369 
TRP HD1  H N N 370 
TRP HE1  H N N 371 
TRP HE3  H N N 372 
TRP HZ2  H N N 373 
TRP HZ3  H N N 374 
TRP HH2  H N N 375 
TRP HXT  H N N 376 
TYR N    N N N 377 
TYR CA   C N S 378 
TYR C    C N N 379 
TYR O    O N N 380 
TYR CB   C N N 381 
TYR CG   C Y N 382 
TYR CD1  C Y N 383 
TYR CD2  C Y N 384 
TYR CE1  C Y N 385 
TYR CE2  C Y N 386 
TYR CZ   C Y N 387 
TYR OH   O N N 388 
TYR OXT  O N N 389 
TYR H    H N N 390 
TYR H2   H N N 391 
TYR HA   H N N 392 
TYR HB2  H N N 393 
TYR HB3  H N N 394 
TYR HD1  H N N 395 
TYR HD2  H N N 396 
TYR HE1  H N N 397 
TYR HE2  H N N 398 
TYR HH   H N N 399 
TYR HXT  H N N 400 
VAL N    N N N 401 
VAL CA   C N S 402 
VAL C    C N N 403 
VAL O    O N N 404 
VAL CB   C N N 405 
VAL CG1  C N N 406 
VAL CG2  C N N 407 
VAL OXT  O N N 408 
VAL H    H N N 409 
VAL H2   H N N 410 
VAL HA   H N N 411 
VAL HB   H N N 412 
VAL HG11 H N N 413 
VAL HG12 H N N 414 
VAL HG13 H N N 415 
VAL HG21 H N N 416 
VAL HG22 H N N 417 
VAL HG23 H N N 418 
VAL HXT  H N N 419 
# 
loop_
_chem_comp_bond.comp_id 
_chem_comp_bond.atom_id_1 
_chem_comp_bond.atom_id_2 
_chem_comp_bond.value_order 
_chem_comp_bond.pdbx_aromatic_flag 
_chem_comp_bond.pdbx_stereo_config 
_chem_comp_bond.pdbx_ordinal 
ALA N   CA   sing N N 1   
ALA N   H    sing N N 2   
ALA N   H2   sing N N 3   
ALA CA  C    sing N N 4   
ALA CA  CB   sing N N 5   
ALA CA  HA   sing N N 6   
ALA C   O    doub N N 7   
ALA C   OXT  sing N N 8   
ALA CB  HB1  sing N N 9   
ALA CB  HB2  sing N N 10  
ALA CB  HB3  sing N N 11  
ALA OXT HXT  sing N N 12  
ARG N   CA   sing N N 13  
ARG N   H    sing N N 14  
ARG N   H2   sing N N 15  
ARG CA  C    sing N N 16  
ARG CA  CB   sing N N 17  
ARG CA  HA   sing N N 18  
ARG C   O    doub N N 19  
ARG C   OXT  sing N N 20  
ARG CB  CG   sing N N 21  
ARG CB  HB2  sing N N 22  
ARG CB  HB3  sing N N 23  
ARG CG  CD   sing N N 24  
ARG CG  HG2  sing N N 25  
ARG CG  HG3  sing N N 26  
ARG CD  NE   sing N N 27  
ARG CD  HD2  sing N N 28  
ARG CD  HD3  sing N N 29  
ARG NE  CZ   sing N N 30  
ARG NE  HE   sing N N 31  
ARG CZ  NH1  sing N N 32  
ARG CZ  NH2  doub N N 33  
ARG NH1 HH11 sing N N 34  
ARG NH1 HH12 sing N N 35  
ARG NH2 HH21 sing N N 36  
ARG NH2 HH22 sing N N 37  
ARG OXT HXT  sing N N 38  
ASN N   CA   sing N N 39  
ASN N   H    sing N N 40  
ASN N   H2   sing N N 41  
ASN CA  C    sing N N 42  
ASN CA  CB   sing N N 43  
ASN CA  HA   sing N N 44  
ASN C   O    doub N N 45  
ASN C   OXT  sing N N 46  
ASN CB  CG   sing N N 47  
ASN CB  HB2  sing N N 48  
ASN CB  HB3  sing N N 49  
ASN CG  OD1  doub N N 50  
ASN CG  ND2  sing N N 51  
ASN ND2 HD21 sing N N 52  
ASN ND2 HD22 sing N N 53  
ASN OXT HXT  sing N N 54  
ASP N   CA   sing N N 55  
ASP N   H    sing N N 56  
ASP N   H2   sing N N 57  
ASP CA  C    sing N N 58  
ASP CA  CB   sing N N 59  
ASP CA  HA   sing N N 60  
ASP C   O    doub N N 61  
ASP C   OXT  sing N N 62  
ASP CB  CG   sing N N 63  
ASP CB  HB2  sing N N 64  
ASP CB  HB3  sing N N 65  
ASP CG  OD1  doub N N 66  
ASP CG  OD2  sing N N 67  
ASP OD2 HD2  sing N N 68  
ASP OXT HXT  sing N N 69  
CYS N   CA   sing N N 70  
CYS N   H    sing N N 71  
CYS N   H2   sing N N 72  
CYS CA  C    sing N N 73  
CYS CA  CB   sing N N 74  
CYS CA  HA   sing N N 75  
CYS C   O    doub N N 76  
CYS C   OXT  sing N N 77  
CYS CB  SG   sing N N 78  
CYS CB  HB2  sing N N 79  
CYS CB  HB3  sing N N 80  
CYS SG  HG   sing N N 81  
CYS OXT HXT  sing N N 82  
GLN N   CA   sing N N 83  
GLN N   H    sing N N 84  
GLN N   H2   sing N N 85  
GLN CA  C    sing N N 86  
GLN CA  CB   sing N N 87  
GLN CA  HA   sing N N 88  
GLN C   O    doub N N 89  
GLN C   OXT  sing N N 90  
GLN CB  CG   sing N N 91  
GLN CB  HB2  sing N N 92  
GLN CB  HB3  sing N N 93  
GLN CG  CD   sing N N 94  
GLN CG  HG2  sing N N 95  
GLN CG  HG3  sing N N 96  
GLN CD  OE1  doub N N 97  
GLN CD  NE2  sing N N 98  
GLN NE2 HE21 sing N N 99  
GLN NE2 HE22 sing N N 100 
GLN OXT HXT  sing N N 101 
GLU N   CA   sing N N 102 
GLU N   H    sing N N 103 
GLU N   H2   sing N N 104 
GLU CA  C    sing N N 105 
GLU CA  CB   sing N N 106 
GLU CA  HA   sing N N 107 
GLU C   O    doub N N 108 
GLU C   OXT  sing N N 109 
GLU CB  CG   sing N N 110 
GLU CB  HB2  sing N N 111 
GLU CB  HB3  sing N N 112 
GLU CG  CD   sing N N 113 
GLU CG  HG2  sing N N 114 
GLU CG  HG3  sing N N 115 
GLU CD  OE1  doub N N 116 
GLU CD  OE2  sing N N 117 
GLU OE2 HE2  sing N N 118 
GLU OXT HXT  sing N N 119 
GLY N   CA   sing N N 120 
GLY N   H    sing N N 121 
GLY N   H2   sing N N 122 
GLY CA  C    sing N N 123 
GLY CA  HA2  sing N N 124 
GLY CA  HA3  sing N N 125 
GLY C   O    doub N N 126 
GLY C   OXT  sing N N 127 
GLY OXT HXT  sing N N 128 
HIS N   CA   sing N N 129 
HIS N   H    sing N N 130 
HIS N   H2   sing N N 131 
HIS CA  C    sing N N 132 
HIS CA  CB   sing N N 133 
HIS CA  HA   sing N N 134 
HIS C   O    doub N N 135 
HIS C   OXT  sing N N 136 
HIS CB  CG   sing N N 137 
HIS CB  HB2  sing N N 138 
HIS CB  HB3  sing N N 139 
HIS CG  ND1  sing Y N 140 
HIS CG  CD2  doub Y N 141 
HIS ND1 CE1  doub Y N 142 
HIS ND1 HD1  sing N N 143 
HIS CD2 NE2  sing Y N 144 
HIS CD2 HD2  sing N N 145 
HIS CE1 NE2  sing Y N 146 
HIS CE1 HE1  sing N N 147 
HIS NE2 HE2  sing N N 148 
HIS OXT HXT  sing N N 149 
HOH O   H1   sing N N 150 
HOH O   H2   sing N N 151 
ILE N   CA   sing N N 152 
ILE N   H    sing N N 153 
ILE N   H2   sing N N 154 
ILE CA  C    sing N N 155 
ILE CA  CB   sing N N 156 
ILE CA  HA   sing N N 157 
ILE C   O    doub N N 158 
ILE C   OXT  sing N N 159 
ILE CB  CG1  sing N N 160 
ILE CB  CG2  sing N N 161 
ILE CB  HB   sing N N 162 
ILE CG1 CD1  sing N N 163 
ILE CG1 HG12 sing N N 164 
ILE CG1 HG13 sing N N 165 
ILE CG2 HG21 sing N N 166 
ILE CG2 HG22 sing N N 167 
ILE CG2 HG23 sing N N 168 
ILE CD1 HD11 sing N N 169 
ILE CD1 HD12 sing N N 170 
ILE CD1 HD13 sing N N 171 
ILE OXT HXT  sing N N 172 
LEU N   CA   sing N N 173 
LEU N   H    sing N N 174 
LEU N   H2   sing N N 175 
LEU CA  C    sing N N 176 
LEU CA  CB   sing N N 177 
LEU CA  HA   sing N N 178 
LEU C   O    doub N N 179 
LEU C   OXT  sing N N 180 
LEU CB  CG   sing N N 181 
LEU CB  HB2  sing N N 182 
LEU CB  HB3  sing N N 183 
LEU CG  CD1  sing N N 184 
LEU CG  CD2  sing N N 185 
LEU CG  HG   sing N N 186 
LEU CD1 HD11 sing N N 187 
LEU CD1 HD12 sing N N 188 
LEU CD1 HD13 sing N N 189 
LEU CD2 HD21 sing N N 190 
LEU CD2 HD22 sing N N 191 
LEU CD2 HD23 sing N N 192 
LEU OXT HXT  sing N N 193 
LYS N   CA   sing N N 194 
LYS N   H    sing N N 195 
LYS N   H2   sing N N 196 
LYS CA  C    sing N N 197 
LYS CA  CB   sing N N 198 
LYS CA  HA   sing N N 199 
LYS C   O    doub N N 200 
LYS C   OXT  sing N N 201 
LYS CB  CG   sing N N 202 
LYS CB  HB2  sing N N 203 
LYS CB  HB3  sing N N 204 
LYS CG  CD   sing N N 205 
LYS CG  HG2  sing N N 206 
LYS CG  HG3  sing N N 207 
LYS CD  CE   sing N N 208 
LYS CD  HD2  sing N N 209 
LYS CD  HD3  sing N N 210 
LYS CE  NZ   sing N N 211 
LYS CE  HE2  sing N N 212 
LYS CE  HE3  sing N N 213 
LYS NZ  HZ1  sing N N 214 
LYS NZ  HZ2  sing N N 215 
LYS NZ  HZ3  sing N N 216 
LYS OXT HXT  sing N N 217 
MET N   CA   sing N N 218 
MET N   H    sing N N 219 
MET N   H2   sing N N 220 
MET CA  C    sing N N 221 
MET CA  CB   sing N N 222 
MET CA  HA   sing N N 223 
MET C   O    doub N N 224 
MET C   OXT  sing N N 225 
MET CB  CG   sing N N 226 
MET CB  HB2  sing N N 227 
MET CB  HB3  sing N N 228 
MET CG  SD   sing N N 229 
MET CG  HG2  sing N N 230 
MET CG  HG3  sing N N 231 
MET SD  CE   sing N N 232 
MET CE  HE1  sing N N 233 
MET CE  HE2  sing N N 234 
MET CE  HE3  sing N N 235 
MET OXT HXT  sing N N 236 
PHE N   CA   sing N N 237 
PHE N   H    sing N N 238 
PHE N   H2   sing N N 239 
PHE CA  C    sing N N 240 
PHE CA  CB   sing N N 241 
PHE CA  HA   sing N N 242 
PHE C   O    doub N N 243 
PHE C   OXT  sing N N 244 
PHE CB  CG   sing N N 245 
PHE CB  HB2  sing N N 246 
PHE CB  HB3  sing N N 247 
PHE CG  CD1  doub Y N 248 
PHE CG  CD2  sing Y N 249 
PHE CD1 CE1  sing Y N 250 
PHE CD1 HD1  sing N N 251 
PHE CD2 CE2  doub Y N 252 
PHE CD2 HD2  sing N N 253 
PHE CE1 CZ   doub Y N 254 
PHE CE1 HE1  sing N N 255 
PHE CE2 CZ   sing Y N 256 
PHE CE2 HE2  sing N N 257 
PHE CZ  HZ   sing N N 258 
PHE OXT HXT  sing N N 259 
PRO N   CA   sing N N 260 
PRO N   CD   sing N N 261 
PRO N   H    sing N N 262 
PRO CA  C    sing N N 263 
PRO CA  CB   sing N N 264 
PRO CA  HA   sing N N 265 
PRO C   O    doub N N 266 
PRO C   OXT  sing N N 267 
PRO CB  CG   sing N N 268 
PRO CB  HB2  sing N N 269 
PRO CB  HB3  sing N N 270 
PRO CG  CD   sing N N 271 
PRO CG  HG2  sing N N 272 
PRO CG  HG3  sing N N 273 
PRO CD  HD2  sing N N 274 
PRO CD  HD3  sing N N 275 
PRO OXT HXT  sing N N 276 
PTR N   CA   sing N N 277 
PTR N   H    sing N N 278 
PTR N   H2   sing N N 279 
PTR CA  C    sing N N 280 
PTR CA  CB   sing N N 281 
PTR CA  HA   sing N N 282 
PTR C   O    doub N N 283 
PTR C   OXT  sing N N 284 
PTR OXT HXT  sing N N 285 
PTR CB  CG   sing N N 286 
PTR CB  HB2  sing N N 287 
PTR CB  HB3  sing N N 288 
PTR CG  CD1  doub Y N 289 
PTR CG  CD2  sing Y N 290 
PTR CD1 CE1  sing Y N 291 
PTR CD1 HD1  sing N N 292 
PTR CD2 CE2  doub Y N 293 
PTR CD2 HD2  sing N N 294 
PTR CE1 CZ   doub Y N 295 
PTR CE1 HE1  sing N N 296 
PTR CE2 CZ   sing Y N 297 
PTR CE2 HE2  sing N N 298 
PTR CZ  OH   sing N N 299 
PTR OH  P    sing N N 300 
PTR P   O1P  doub N N 301 
PTR P   O2P  sing N N 302 
PTR P   O3P  sing N N 303 
PTR O2P HO2P sing N N 304 
PTR O3P HO3P sing N N 305 
SER N   CA   sing N N 306 
SER N   H    sing N N 307 
SER N   H2   sing N N 308 
SER CA  C    sing N N 309 
SER CA  CB   sing N N 310 
SER CA  HA   sing N N 311 
SER C   O    doub N N 312 
SER C   OXT  sing N N 313 
SER CB  OG   sing N N 314 
SER CB  HB2  sing N N 315 
SER CB  HB3  sing N N 316 
SER OG  HG   sing N N 317 
SER OXT HXT  sing N N 318 
THR N   CA   sing N N 319 
THR N   H    sing N N 320 
THR N   H2   sing N N 321 
THR CA  C    sing N N 322 
THR CA  CB   sing N N 323 
THR CA  HA   sing N N 324 
THR C   O    doub N N 325 
THR C   OXT  sing N N 326 
THR CB  OG1  sing N N 327 
THR CB  CG2  sing N N 328 
THR CB  HB   sing N N 329 
THR OG1 HG1  sing N N 330 
THR CG2 HG21 sing N N 331 
THR CG2 HG22 sing N N 332 
THR CG2 HG23 sing N N 333 
THR OXT HXT  sing N N 334 
TRP N   CA   sing N N 335 
TRP N   H    sing N N 336 
TRP N   H2   sing N N 337 
TRP CA  C    sing N N 338 
TRP CA  CB   sing N N 339 
TRP CA  HA   sing N N 340 
TRP C   O    doub N N 341 
TRP C   OXT  sing N N 342 
TRP CB  CG   sing N N 343 
TRP CB  HB2  sing N N 344 
TRP CB  HB3  sing N N 345 
TRP CG  CD1  doub Y N 346 
TRP CG  CD2  sing Y N 347 
TRP CD1 NE1  sing Y N 348 
TRP CD1 HD1  sing N N 349 
TRP CD2 CE2  doub Y N 350 
TRP CD2 CE3  sing Y N 351 
TRP NE1 CE2  sing Y N 352 
TRP NE1 HE1  sing N N 353 
TRP CE2 CZ2  sing Y N 354 
TRP CE3 CZ3  doub Y N 355 
TRP CE3 HE3  sing N N 356 
TRP CZ2 CH2  doub Y N 357 
TRP CZ2 HZ2  sing N N 358 
TRP CZ3 CH2  sing Y N 359 
TRP CZ3 HZ3  sing N N 360 
TRP CH2 HH2  sing N N 361 
TRP OXT HXT  sing N N 362 
TYR N   CA   sing N N 363 
TYR N   H    sing N N 364 
TYR N   H2   sing N N 365 
TYR CA  C    sing N N 366 
TYR CA  CB   sing N N 367 
TYR CA  HA   sing N N 368 
TYR C   O    doub N N 369 
TYR C   OXT  sing N N 370 
TYR CB  CG   sing N N 371 
TYR CB  HB2  sing N N 372 
TYR CB  HB3  sing N N 373 
TYR CG  CD1  doub Y N 374 
TYR CG  CD2  sing Y N 375 
TYR CD1 CE1  sing Y N 376 
TYR CD1 HD1  sing N N 377 
TYR CD2 CE2  doub Y N 378 
TYR CD2 HD2  sing N N 379 
TYR CE1 CZ   doub Y N 380 
TYR CE1 HE1  sing N N 381 
TYR CE2 CZ   sing Y N 382 
TYR CE2 HE2  sing N N 383 
TYR CZ  OH   sing N N 384 
TYR OH  HH   sing N N 385 
TYR OXT HXT  sing N N 386 
VAL N   CA   sing N N 387 
VAL N   H    sing N N 388 
VAL N   H2   sing N N 389 
VAL CA  C    sing N N 390 
VAL CA  CB   sing N N 391 
VAL CA  HA   sing N N 392 
VAL C   O    doub N N 393 
VAL C   OXT  sing N N 394 
VAL CB  CG1  sing N N 395 
VAL CB  CG2  sing N N 396 
VAL CB  HB   sing N N 397 
VAL CG1 HG11 sing N N 398 
VAL CG1 HG12 sing N N 399 
VAL CG1 HG13 sing N N 400 
VAL CG2 HG21 sing N N 401 
VAL CG2 HG22 sing N N 402 
VAL CG2 HG23 sing N N 403 
VAL OXT HXT  sing N N 404 
# 
_pdbx_initial_refinement_model.id               1 
_pdbx_initial_refinement_model.entity_id_list   ? 
_pdbx_initial_refinement_model.type             'experimental model' 
_pdbx_initial_refinement_model.source_name      PDB 
_pdbx_initial_refinement_model.accession_code   1SPS 
_pdbx_initial_refinement_model.details          ? 
# 
_atom_sites.entry_id                    1F1W 
_atom_sites.fract_transf_matrix[1][1]   -0.02678360 
_atom_sites.fract_transf_matrix[1][2]   -0.00129524 
_atom_sites.fract_transf_matrix[1][3]   0.01267816 
_atom_sites.fract_transf_matrix[2][1]   0.00328542 
_atom_sites.fract_transf_matrix[2][2]   0.01507271 
_atom_sites.fract_transf_matrix[2][3]   0.00848058 
_atom_sites.fract_transf_matrix[3][1]   -0.00376562 
_atom_sites.fract_transf_matrix[3][2]   0.00500881 
_atom_sites.fract_transf_matrix[3][3]   -0.00744344 
_atom_sites.fract_transf_vector[1]      0.412471 
_atom_sites.fract_transf_vector[2]      0.041356 
_atom_sites.fract_transf_vector[3]      0.388108 
# 
loop_
_atom_type.symbol 
C 
N 
O 
P 
S 
# 
loop_
_atom_site.group_PDB 
_atom_site.id 
_atom_site.type_symbol 
_atom_site.label_atom_id 
_atom_site.label_alt_id 
_atom_site.label_comp_id 
_atom_site.label_asym_id 
_atom_site.label_entity_id 
_atom_site.label_seq_id 
_atom_site.pdbx_PDB_ins_code 
_atom_site.Cartn_x 
_atom_site.Cartn_y 
_atom_site.Cartn_z 
_atom_site.occupancy 
_atom_site.B_iso_or_equiv 
_atom_site.pdbx_formal_charge 
_atom_site.auth_seq_id 
_atom_site.auth_comp_id 
_atom_site.auth_asym_id 
_atom_site.auth_atom_id 
_atom_site.pdbx_PDB_model_num 
ATOM   1   N N   . MET A 1 1   ? 3.229   -11.138 13.022  1.00 22.67 ? 144  MET A N   1 
ATOM   2   C CA  . MET A 1 1   ? 3.920   -12.032 12.068  1.00 23.72 ? 144  MET A CA  1 
ATOM   3   C C   . MET A 1 1   ? 5.254   -11.475 11.578  1.00 21.76 ? 144  MET A C   1 
ATOM   4   O O   . MET A 1 1   ? 5.954   -12.134 10.829  1.00 22.42 ? 144  MET A O   1 
ATOM   5   C CB  . MET A 1 1   ? 3.008   -12.382 10.903  1.00 25.43 ? 144  MET A CB  1 
ATOM   6   C CG  . MET A 1 1   ? 3.536   -13.474 10.022  1.00 29.11 ? 144  MET A CG  1 
ATOM   7   S SD  . MET A 1 1   ? 3.592   -15.159 10.675  1.00 33.56 ? 144  MET A SD  1 
ATOM   8   C CE  . MET A 1 1   ? 3.711   -15.993 8.993   1.00 34.13 ? 144  MET A CE  1 
ATOM   9   N N   . ALA A 1 2   ? 5.574   -10.253 11.996  1.00 20.83 ? 145  ALA A N   1 
ATOM   10  C CA  . ALA A 1 2   ? 6.847   -9.582  11.705  1.00 20.16 ? 145  ALA A CA  1 
ATOM   11  C C   . ALA A 1 2   ? 7.302   -9.296  10.269  1.00 19.35 ? 145  ALA A C   1 
ATOM   12  O O   . ALA A 1 2   ? 8.506   -9.227  10.027  1.00 20.57 ? 145  ALA A O   1 
ATOM   13  C CB  . ALA A 1 2   ? 7.973   -10.298 12.442  1.00 20.25 ? 145  ALA A CB  1 
ATOM   14  N N   . GLU A 1 3   ? 6.385   -9.143  9.318   1.00 18.18 ? 146  GLU A N   1 
ATOM   15  C CA  . GLU A 1 3   ? 6.805   -8.844  7.935   1.00 17.02 ? 146  GLU A CA  1 
ATOM   16  C C   . GLU A 1 3   ? 7.340   -7.415  7.920   1.00 16.33 ? 146  GLU A C   1 
ATOM   17  O O   . GLU A 1 3   ? 6.699   -6.500  8.464   1.00 15.36 ? 146  GLU A O   1 
ATOM   18  C CB  . GLU A 1 3   ? 5.646   -8.977  6.950   1.00 14.70 ? 146  GLU A CB  1 
ATOM   19  C CG  . GLU A 1 3   ? 5.091   -10.371 6.837   1.00 14.73 ? 146  GLU A CG  1 
ATOM   20  C CD  . GLU A 1 3   ? 4.062   -10.717 7.902   1.00 14.69 ? 146  GLU A CD  1 
ATOM   21  O OE1 . GLU A 1 3   ? 3.802   -9.946  8.845   1.00 15.80 ? 146  GLU A OE1 1 
ATOM   22  O OE2 . GLU A 1 3   ? 3.468   -11.774 7.758   1.00 16.99 ? 146  GLU A OE2 1 
ATOM   23  N N   . GLU A 1 4   ? 8.529   -7.237  7.342   1.00 16.25 ? 147  GLU A N   1 
ATOM   24  C CA  . GLU A 1 4   ? 9.174   -5.922  7.282   1.00 18.04 ? 147  GLU A CA  1 
ATOM   25  C C   . GLU A 1 4   ? 8.341   -4.824  6.620   1.00 17.21 ? 147  GLU A C   1 
ATOM   26  O O   . GLU A 1 4   ? 8.489   -3.648  6.942   1.00 18.62 ? 147  GLU A O   1 
ATOM   27  C CB  . GLU A 1 4   ? 10.506  -6.024  6.550   1.00 21.21 ? 147  GLU A CB  1 
ATOM   28  C CG  . GLU A 1 4   ? 11.607  -6.739  7.303   1.00 26.13 ? 147  GLU A CG  1 
ATOM   29  C CD  . GLU A 1 4   ? 12.909  -6.740  6.518   1.00 29.92 ? 147  GLU A CD  1 
ATOM   30  O OE1 . GLU A 1 4   ? 12.861  -6.963  5.280   1.00 29.78 ? 147  GLU A OE1 1 
ATOM   31  O OE2 . GLU A 1 4   ? 13.975  -6.499  7.134   1.00 31.41 ? 147  GLU A OE2 1 
ATOM   32  N N   . TRP A 1 5   ? 7.499   -5.208  5.668   1.00 16.60 ? 148  TRP A N   1 
ATOM   33  C CA  . TRP A 1 5   ? 6.655   -4.258  4.951   1.00 12.91 ? 148  TRP A CA  1 
ATOM   34  C C   . TRP A 1 5   ? 5.397   -3.858  5.714   1.00 13.32 ? 148  TRP A C   1 
ATOM   35  O O   . TRP A 1 5   ? 4.633   -3.014  5.242   1.00 11.04 ? 148  TRP A O   1 
ATOM   36  C CB  . TRP A 1 5   ? 6.287   -4.807  3.582   1.00 12.33 ? 148  TRP A CB  1 
ATOM   37  C CG  . TRP A 1 5   ? 5.811   -6.255  3.566   1.00 11.85 ? 148  TRP A CG  1 
ATOM   38  C CD1 . TRP A 1 5   ? 6.528   -7.340  3.144   1.00 12.19 ? 148  TRP A CD1 1 
ATOM   39  C CD2 . TRP A 1 5   ? 4.526   -6.757  3.960   1.00 11.52 ? 148  TRP A CD2 1 
ATOM   40  N NE1 . TRP A 1 5   ? 5.776   -8.485  3.252   1.00 13.13 ? 148  TRP A NE1 1 
ATOM   41  C CE2 . TRP A 1 5   ? 4.544   -8.158  3.751   1.00 11.94 ? 148  TRP A CE2 1 
ATOM   42  C CE3 . TRP A 1 5   ? 3.369   -6.164  4.477   1.00 13.17 ? 148  TRP A CE3 1 
ATOM   43  C CZ2 . TRP A 1 5   ? 3.456   -8.974  4.042   1.00 13.19 ? 148  TRP A CZ2 1 
ATOM   44  C CZ3 . TRP A 1 5   ? 2.273   -6.981  4.773   1.00 15.19 ? 148  TRP A CZ3 1 
ATOM   45  C CH2 . TRP A 1 5   ? 2.326   -8.376  4.553   1.00 14.22 ? 148  TRP A CH2 1 
ATOM   46  N N   . TYR A 1 6   ? 5.145   -4.497  6.858   1.00 12.62 ? 149  TYR A N   1 
ATOM   47  C CA  . TYR A 1 6   ? 3.968   -4.143  7.642   1.00 12.98 ? 149  TYR A CA  1 
ATOM   48  C C   . TYR A 1 6   ? 4.309   -3.173  8.787   1.00 14.30 ? 149  TYR A C   1 
ATOM   49  O O   . TYR A 1 6   ? 5.048   -3.519  9.718   1.00 13.10 ? 149  TYR A O   1 
ATOM   50  C CB  . TYR A 1 6   ? 3.244   -5.383  8.177   1.00 12.78 ? 149  TYR A CB  1 
ATOM   51  C CG  . TYR A 1 6   ? 1.952   -5.012  8.869   1.00 14.78 ? 149  TYR A CG  1 
ATOM   52  C CD1 . TYR A 1 6   ? 0.848   -4.576  8.132   1.00 15.03 ? 149  TYR A CD1 1 
ATOM   53  C CD2 . TYR A 1 6   ? 1.854   -5.030  10.261  1.00 13.57 ? 149  TYR A CD2 1 
ATOM   54  C CE1 . TYR A 1 6   ? -0.321  -4.167  8.766   1.00 14.95 ? 149  TYR A CE1 1 
ATOM   55  C CE2 . TYR A 1 6   ? 0.705   -4.616  10.899  1.00 13.62 ? 149  TYR A CE2 1 
ATOM   56  C CZ  . TYR A 1 6   ? -0.379  -4.186  10.146  1.00 14.64 ? 149  TYR A CZ  1 
ATOM   57  O OH  . TYR A 1 6   ? -1.507  -3.757  10.770  1.00 15.37 ? 149  TYR A OH  1 
ATOM   58  N N   . PHE A 1 7   ? 3.743   -1.967  8.722   1.00 14.11 ? 150  PHE A N   1 
ATOM   59  C CA  . PHE A 1 7   ? 4.014   -0.945  9.731   1.00 15.65 ? 150  PHE A CA  1 
ATOM   60  C C   . PHE A 1 7   ? 2.892   -0.697  10.730  1.00 17.46 ? 150  PHE A C   1 
ATOM   61  O O   . PHE A 1 7   ? 3.032   0.104   11.655  1.00 18.18 ? 150  PHE A O   1 
ATOM   62  C CB  . PHE A 1 7   ? 4.437   0.367   9.064   1.00 16.13 ? 150  PHE A CB  1 
ATOM   63  C CG  . PHE A 1 7   ? 5.826   0.328   8.483   1.00 15.62 ? 150  PHE A CG  1 
ATOM   64  C CD1 . PHE A 1 7   ? 6.157   -0.600  7.507   1.00 16.49 ? 150  PHE A CD1 1 
ATOM   65  C CD2 . PHE A 1 7   ? 6.781   1.247   8.887   1.00 16.26 ? 150  PHE A CD2 1 
ATOM   66  C CE1 . PHE A 1 7   ? 7.423   -0.609  6.938   1.00 17.45 ? 150  PHE A CE1 1 
ATOM   67  C CE2 . PHE A 1 7   ? 8.047   1.256   8.332   1.00 16.33 ? 150  PHE A CE2 1 
ATOM   68  C CZ  . PHE A 1 7   ? 8.375   0.328   7.355   1.00 18.79 ? 150  PHE A CZ  1 
ATOM   69  N N   . GLY A 1 8   ? 1.765   -1.358  10.503  1.00 17.57 ? 151  GLY A N   1 
ATOM   70  C CA  . GLY A 1 8   ? 0.636   -1.250  11.400  1.00 18.46 ? 151  GLY A CA  1 
ATOM   71  C C   . GLY A 1 8   ? 0.028   0.110   11.596  1.00 19.03 ? 151  GLY A C   1 
ATOM   72  O O   . GLY A 1 8   ? -0.273  0.838   10.653  1.00 18.54 ? 151  GLY A O   1 
ATOM   73  N N   . LYS A 1 9   ? -0.100  0.446   12.868  1.00 20.37 ? 152  LYS A N   1 
ATOM   74  C CA  . LYS A 1 9   ? -0.701  1.679   13.334  1.00 21.81 ? 152  LYS A CA  1 
ATOM   75  C C   . LYS A 1 9   ? 0.130   2.956   13.169  1.00 20.49 ? 152  LYS A C   1 
ATOM   76  O O   . LYS A 1 9   ? 0.553   3.547   14.158  1.00 21.91 ? 152  LYS A O   1 
ATOM   77  C CB  . LYS A 1 9   ? -1.130  1.469   14.792  1.00 24.77 ? 152  LYS A CB  1 
ATOM   78  C CG  . LYS A 1 9   ? -0.196  0.478   15.531  1.00 29.58 ? 152  LYS A CG  1 
ATOM   79  C CD  . LYS A 1 9   ? -0.587  0.188   16.983  1.00 32.52 ? 152  LYS A CD  1 
ATOM   80  C CE  . LYS A 1 9   ? -1.602  -0.943  17.099  1.00 32.90 ? 152  LYS A CE  1 
ATOM   81  N NZ  . LYS A 1 9   ? -3.003  -0.504  16.832  1.00 34.52 ? 152  LYS A NZ  1 
ATOM   82  N N   . ILE A 1 10  ? 0.429   3.337   11.924  1.00 19.23 ? 153  ILE A N   1 
ATOM   83  C CA  . ILE A 1 10  ? 1.148   4.591   11.656  1.00 16.73 ? 153  ILE A CA  1 
ATOM   84  C C   . ILE A 1 10  ? 0.180   5.421   10.836  1.00 16.35 ? 153  ILE A C   1 
ATOM   85  O O   . ILE A 1 10  ? -0.660  4.882   10.109  1.00 16.53 ? 153  ILE A O   1 
ATOM   86  C CB  . ILE A 1 10  ? 2.481   4.435   10.860  1.00 16.16 ? 153  ILE A CB  1 
ATOM   87  C CG1 . ILE A 1 10  ? 2.245   3.830   9.473   1.00 15.01 ? 153  ILE A CG1 1 
ATOM   88  C CG2 . ILE A 1 10  ? 3.481   3.635   11.648  1.00 16.61 ? 153  ILE A CG2 1 
ATOM   89  C CD1 . ILE A 1 10  ? 3.459   3.901   8.586   1.00 15.30 ? 153  ILE A CD1 1 
ATOM   90  N N   . THR A 1 11  ? 0.298   6.734   10.947  1.00 15.71 ? 154  THR A N   1 
ATOM   91  C CA  . THR A 1 11  ? -0.587  7.634   10.238  1.00 13.57 ? 154  THR A CA  1 
ATOM   92  C C   . THR A 1 11  ? -0.181  7.707   8.801   1.00 14.19 ? 154  THR A C   1 
ATOM   93  O O   . THR A 1 11  ? 0.879   7.212   8.405   1.00 12.77 ? 154  THR A O   1 
ATOM   94  C CB  . THR A 1 11  ? -0.526  9.055   10.824  1.00 12.46 ? 154  THR A CB  1 
ATOM   95  O OG1 . THR A 1 11  ? 0.778   9.584   10.621  1.00 13.72 ? 154  THR A OG1 1 
ATOM   96  C CG2 . THR A 1 11  ? -0.794  9.043   12.319  1.00 13.94 ? 154  THR A CG2 1 
ATOM   97  N N   . ARG A 1 12  ? -1.035  8.344   8.015   1.00 14.06 ? 155  ARG A N   1 
ATOM   98  C CA  . ARG A 1 12  ? -0.766  8.533   6.614   1.00 15.42 ? 155  ARG A CA  1 
ATOM   99  C C   . ARG A 1 12  ? 0.453   9.436   6.441   1.00 15.28 ? 155  ARG A C   1 
ATOM   100 O O   . ARG A 1 12  ? 1.331   9.165   5.618   1.00 14.04 ? 155  ARG A O   1 
ATOM   101 C CB  . ARG A 1 12  ? -1.966  9.190   5.977   1.00 15.41 ? 155  ARG A CB  1 
ATOM   102 C CG  . ARG A 1 12  ? -1.829  9.463   4.511   1.00 16.92 ? 155  ARG A CG  1 
ATOM   103 C CD  . ARG A 1 12  ? -3.159  10.042  4.057   1.00 19.10 ? 155  ARG A CD  1 
ATOM   104 N NE  . ARG A 1 12  ? -3.133  10.521  2.691   1.00 23.50 ? 155  ARG A NE  1 
ATOM   105 C CZ  . ARG A 1 12  ? -3.767  9.922   1.691   1.00 24.53 ? 155  ARG A CZ  1 
ATOM   106 N NH1 . ARG A 1 12  ? -4.478  8.817   1.913   1.00 24.16 ? 155  ARG A NH1 1 
ATOM   107 N NH2 . ARG A 1 12  ? -3.681  10.429  0.472   1.00 25.83 ? 155  ARG A NH2 1 
ATOM   108 N N   . ARG A 1 13  ? 0.499   10.508  7.227   1.00 16.18 ? 156  ARG A N   1 
ATOM   109 C CA  . ARG A 1 13  ? 1.594   11.465  7.151   1.00 18.89 ? 156  ARG A CA  1 
ATOM   110 C C   . ARG A 1 13  ? 2.925   10.770  7.482   1.00 18.69 ? 156  ARG A C   1 
ATOM   111 O O   . ARG A 1 13  ? 3.972   11.116  6.925   1.00 18.07 ? 156  ARG A O   1 
ATOM   112 C CB  . ARG A 1 13  ? 1.377   12.637  8.104   1.00 21.62 ? 156  ARG A CB  1 
ATOM   113 C CG  . ARG A 1 13  ? -0.008  13.307  8.041   1.00 26.03 ? 156  ARG A CG  1 
ATOM   114 C CD  . ARG A 1 13  ? -1.133  12.434  8.710   1.00 28.67 ? 156  ARG A CD  1 
ATOM   115 N NE  . ARG A 1 13  ? -0.837  12.047  10.095  1.00 30.82 ? 156  ARG A NE  1 
ATOM   116 C CZ  . ARG A 1 13  ? -0.459  12.880  11.071  1.00 33.03 ? 156  ARG A CZ  1 
ATOM   117 N NH1 . ARG A 1 13  ? -0.314  14.183  10.843  1.00 35.51 ? 156  ARG A NH1 1 
ATOM   118 N NH2 . ARG A 1 13  ? -0.252  12.418  12.298  1.00 32.89 ? 156  ARG A NH2 1 
ATOM   119 N N   . GLU A 1 14  ? 2.867   9.791   8.382   1.00 17.73 ? 157  GLU A N   1 
ATOM   120 C CA  . GLU A 1 14  ? 4.043   9.047   8.781   1.00 17.70 ? 157  GLU A CA  1 
ATOM   121 C C   . GLU A 1 14  ? 4.476   8.141   7.633   1.00 16.92 ? 157  GLU A C   1 
ATOM   122 O O   . GLU A 1 14  ? 5.667   7.990   7.371   1.00 16.65 ? 157  GLU A O   1 
ATOM   123 C CB  . GLU A 1 14  ? 3.722   8.231   10.019  1.00 20.94 ? 157  GLU A CB  1 
ATOM   124 C CG  . GLU A 1 14  ? 4.864   7.414   10.539  1.00 24.28 ? 157  GLU A CG  1 
ATOM   125 C CD  . GLU A 1 14  ? 4.789   7.226   12.036  1.00 26.29 ? 157  GLU A CD  1 
ATOM   126 O OE1 . GLU A 1 14  ? 3.703   7.445   12.627  1.00 27.67 ? 157  GLU A OE1 1 
ATOM   127 O OE2 . GLU A 1 14  ? 5.830   6.861   12.623  1.00 27.67 ? 157  GLU A OE2 1 
ATOM   128 N N   . SER A 1 15  ? 3.501   7.555   6.936   1.00 15.43 ? 158  SER A N   1 
ATOM   129 C CA  . SER A 1 15  ? 3.805   6.688   5.818   1.00 14.63 ? 158  SER A CA  1 
ATOM   130 C C   . SER A 1 15  ? 4.389   7.486   4.652   1.00 15.59 ? 158  SER A C   1 
ATOM   131 O O   . SER A 1 15  ? 5.295   7.005   3.979   1.00 15.47 ? 158  SER A O   1 
ATOM   132 C CB  . SER A 1 15  ? 2.585   5.871   5.369   1.00 15.52 ? 158  SER A CB  1 
ATOM   133 O OG  . SER A 1 15  ? 1.606   6.645   4.693   1.00 17.67 ? 158  SER A OG  1 
ATOM   134 N N   . GLU A 1 16  ? 3.927   8.713   4.424   1.00 15.23 ? 159  GLU A N   1 
ATOM   135 C CA  . GLU A 1 16  ? 4.486   9.471   3.310   1.00 16.83 ? 159  GLU A CA  1 
ATOM   136 C C   . GLU A 1 16  ? 5.880   9.955   3.631   1.00 16.39 ? 159  GLU A C   1 
ATOM   137 O O   . GLU A 1 16  ? 6.722   10.050  2.760   1.00 17.83 ? 159  GLU A O   1 
ATOM   138 C CB  . GLU A 1 16  ? 3.586   10.623  2.887   1.00 19.04 ? 159  GLU A CB  1 
ATOM   139 C CG  . GLU A 1 16  ? 2.275   10.131  2.337   1.00 20.65 ? 159  GLU A CG  1 
ATOM   140 C CD  . GLU A 1 16  ? 1.453   11.213  1.695   1.00 22.27 ? 159  GLU A CD  1 
ATOM   141 O OE1 . GLU A 1 16  ? 1.402   12.337  2.233   1.00 25.48 ? 159  GLU A OE1 1 
ATOM   142 O OE2 . GLU A 1 16  ? 0.839   10.935  0.650   1.00 22.71 ? 159  GLU A OE2 1 
ATOM   143 N N   . ARG A 1 17  ? 6.131   10.250  4.889   1.00 16.09 ? 160  ARG A N   1 
ATOM   144 C CA  . ARG A 1 17  ? 7.453   10.683  5.276   1.00 17.39 ? 160  ARG A CA  1 
ATOM   145 C C   . ARG A 1 17  ? 8.490   9.583   4.986   1.00 17.09 ? 160  ARG A C   1 
ATOM   146 O O   . ARG A 1 17  ? 9.584   9.867   4.519   1.00 18.57 ? 160  ARG A O   1 
ATOM   147 C CB  . ARG A 1 17  ? 7.442   11.012  6.749   1.00 18.37 ? 160  ARG A CB  1 
ATOM   148 C CG  . ARG A 1 17  ? 8.798   10.989  7.389   1.00 20.31 ? 160  ARG A CG  1 
ATOM   149 C CD  . ARG A 1 17  ? 8.586   10.492  8.779   1.00 21.16 ? 160  ARG A CD  1 
ATOM   150 N NE  . ARG A 1 17  ? 9.600   9.527   9.147   1.00 24.24 ? 160  ARG A NE  1 
ATOM   151 C CZ  . ARG A 1 17  ? 9.626   8.905   10.314  1.00 25.36 ? 160  ARG A CZ  1 
ATOM   152 N NH1 . ARG A 1 17  ? 8.676   9.156   11.215  1.00 25.66 ? 160  ARG A NH1 1 
ATOM   153 N NH2 . ARG A 1 17  ? 10.642  8.101   10.606  1.00 24.40 ? 160  ARG A NH2 1 
ATOM   154 N N   . LEU A 1 18  ? 8.133   8.327   5.246   1.00 15.84 ? 161  LEU A N   1 
ATOM   155 C CA  . LEU A 1 18  ? 9.033   7.193   5.002   1.00 15.73 ? 161  LEU A CA  1 
ATOM   156 C C   . LEU A 1 18  ? 9.222   6.873   3.507   1.00 14.98 ? 161  LEU A C   1 
ATOM   157 O O   . LEU A 1 18  ? 10.311  6.542   3.069   1.00 13.88 ? 161  LEU A O   1 
ATOM   158 C CB  . LEU A 1 18  ? 8.491   5.938   5.708   1.00 15.71 ? 161  LEU A CB  1 
ATOM   159 C CG  . LEU A 1 18  ? 8.597   5.841   7.229   1.00 13.44 ? 161  LEU A CG  1 
ATOM   160 C CD1 . LEU A 1 18  ? 7.590   4.844   7.711   1.00 14.34 ? 161  LEU A CD1 1 
ATOM   161 C CD2 . LEU A 1 18  ? 10.018  5.466   7.667   1.00 14.66 ? 161  LEU A CD2 1 
ATOM   162 N N   . LEU A 1 19  ? 8.140   6.985   2.739   1.00 15.15 ? 162  LEU A N   1 
ATOM   163 C CA  . LEU A 1 19  ? 8.134   6.679   1.306   1.00 13.82 ? 162  LEU A CA  1 
ATOM   164 C C   . LEU A 1 19  ? 8.715   7.745   0.411   1.00 13.94 ? 162  LEU A C   1 
ATOM   165 O O   . LEU A 1 19  ? 9.256   7.429   -0.655  1.00 13.35 ? 162  LEU A O   1 
ATOM   166 C CB  . LEU A 1 19  ? 6.712   6.346   0.847   1.00 12.98 ? 162  LEU A CB  1 
ATOM   167 C CG  . LEU A 1 19  ? 6.187   5.107   1.565   1.00 12.54 ? 162  LEU A CG  1 
ATOM   168 C CD1 . LEU A 1 19  ? 4.718   4.897   1.248   1.00 14.55 ? 162  LEU A CD1 1 
ATOM   169 C CD2 . LEU A 1 19  ? 7.029   3.899   1.154   1.00 14.24 ? 162  LEU A CD2 1 
ATOM   170 N N   . LEU A 1 20  ? 8.582   8.998   0.844   1.00 13.39 ? 163  LEU A N   1 
ATOM   171 C CA  . LEU A 1 20  ? 9.089   10.135  0.100   1.00 14.05 ? 163  LEU A CA  1 
ATOM   172 C C   . LEU A 1 20  ? 10.575  10.338  0.341   1.00 15.29 ? 163  LEU A C   1 
ATOM   173 O O   . LEU A 1 20  ? 11.104  11.420  0.094   1.00 15.48 ? 163  LEU A O   1 
ATOM   174 C CB  . LEU A 1 20  ? 8.306   11.401  0.436   1.00 11.40 ? 163  LEU A CB  1 
ATOM   175 C CG  . LEU A 1 20  ? 6.879   11.447  -0.132  1.00 11.80 ? 163  LEU A CG  1 
ATOM   176 C CD1 . LEU A 1 20  ? 6.214   12.777  0.230   1.00 13.39 ? 163  LEU A CD1 1 
ATOM   177 C CD2 . LEU A 1 20  ? 6.886   11.268  -1.653  1.00 11.56 ? 163  LEU A CD2 1 
ATOM   178 N N   . ASN A 1 21  ? 11.241  9.311   0.869   1.00 15.65 ? 164  ASN A N   1 
ATOM   179 C CA  . ASN A 1 21  ? 12.680  9.389   1.068   1.00 15.97 ? 164  ASN A CA  1 
ATOM   180 C C   . ASN A 1 21  ? 13.239  9.276   -0.358  1.00 15.57 ? 164  ASN A C   1 
ATOM   181 O O   . ASN A 1 21  ? 12.878  8.355   -1.094  1.00 13.61 ? 164  ASN A O   1 
ATOM   182 C CB  . ASN A 1 21  ? 13.201  8.223   1.912   1.00 18.50 ? 164  ASN A CB  1 
ATOM   183 C CG  . ASN A 1 21  ? 14.664  8.404   2.274   1.00 22.02 ? 164  ASN A CG  1 
ATOM   184 O OD1 . ASN A 1 21  ? 15.539  8.359   1.394   1.00 19.13 ? 164  ASN A OD1 1 
ATOM   185 N ND2 . ASN A 1 21  ? 14.931  8.728   3.552   1.00 22.86 ? 164  ASN A ND2 1 
ATOM   186 N N   . PRO A 1 22  ? 14.106  10.223  -0.764  1.00 14.91 ? 165  PRO A N   1 
ATOM   187 C CA  . PRO A 1 22  ? 14.708  10.252  -2.102  1.00 14.87 ? 165  PRO A CA  1 
ATOM   188 C C   . PRO A 1 22  ? 15.510  9.028   -2.517  1.00 14.34 ? 165  PRO A C   1 
ATOM   189 O O   . PRO A 1 22  ? 15.740  8.814   -3.702  1.00 14.57 ? 165  PRO A O   1 
ATOM   190 C CB  . PRO A 1 22  ? 15.551  11.536  -2.079  1.00 14.86 ? 165  PRO A CB  1 
ATOM   191 C CG  . PRO A 1 22  ? 15.839  11.742  -0.608  1.00 15.09 ? 165  PRO A CG  1 
ATOM   192 C CD  . PRO A 1 22  ? 14.550  11.375  0.042   1.00 14.95 ? 165  PRO A CD  1 
ATOM   193 N N   . GLU A 1 23  ? 15.947  8.225   -1.555  1.00 14.25 ? 166  GLU A N   1 
ATOM   194 C CA  . GLU A 1 23  ? 16.692  7.028   -1.904  1.00 17.85 ? 166  GLU A CA  1 
ATOM   195 C C   . GLU A 1 23  ? 15.813  5.838   -2.344  1.00 18.94 ? 166  GLU A C   1 
ATOM   196 O O   . GLU A 1 23  ? 16.297  4.903   -2.989  1.00 19.47 ? 166  GLU A O   1 
ATOM   197 C CB  . GLU A 1 23  ? 17.640  6.625   -0.772  1.00 19.15 ? 166  GLU A CB  1 
ATOM   198 C CG  . GLU A 1 23  ? 18.822  7.582   -0.615  1.00 23.49 ? 166  GLU A CG  1 
ATOM   199 C CD  . GLU A 1 23  ? 19.911  7.029   0.291   1.00 25.64 ? 166  GLU A CD  1 
ATOM   200 O OE1 . GLU A 1 23  ? 19.572  6.363   1.291   1.00 28.39 ? 166  GLU A OE1 1 
ATOM   201 O OE2 . GLU A 1 23  ? 21.104  7.255   -0.007  1.00 28.17 ? 166  GLU A OE2 1 
ATOM   202 N N   . ASN A 1 24  ? 14.524  5.880   -2.018  1.00 18.08 ? 167  ASN A N   1 
ATOM   203 C CA  . ASN A 1 24  ? 13.623  4.792   -2.381  1.00 16.71 ? 167  ASN A CA  1 
ATOM   204 C C   . ASN A 1 24  ? 13.422  4.618   -3.870  1.00 17.01 ? 167  ASN A C   1 
ATOM   205 O O   . ASN A 1 24  ? 13.187  5.575   -4.595  1.00 16.09 ? 167  ASN A O   1 
ATOM   206 C CB  . ASN A 1 24  ? 12.242  4.987   -1.762  1.00 14.50 ? 167  ASN A CB  1 
ATOM   207 C CG  . ASN A 1 24  ? 12.267  4.966   -0.244  1.00 15.81 ? 167  ASN A CG  1 
ATOM   208 O OD1 . ASN A 1 24  ? 13.111  4.317   0.369   1.00 14.87 ? 167  ASN A OD1 1 
ATOM   209 N ND2 . ASN A 1 24  ? 11.319  5.658   0.367   1.00 13.26 ? 167  ASN A ND2 1 
ATOM   210 N N   . PRO A 1 25  ? 13.613  3.394   -4.364  1.00 18.35 ? 168  PRO A N   1 
ATOM   211 C CA  . PRO A 1 25  ? 13.403  3.178   -5.793  1.00 17.97 ? 168  PRO A CA  1 
ATOM   212 C C   . PRO A 1 25  ? 11.897  3.237   -6.028  1.00 19.00 ? 168  PRO A C   1 
ATOM   213 O O   . PRO A 1 25  ? 11.109  3.148   -5.071  1.00 17.85 ? 168  PRO A O   1 
ATOM   214 C CB  . PRO A 1 25  ? 13.937  1.760   -6.000  1.00 18.52 ? 168  PRO A CB  1 
ATOM   215 C CG  . PRO A 1 25  ? 13.814  1.139   -4.657  1.00 19.11 ? 168  PRO A CG  1 
ATOM   216 C CD  . PRO A 1 25  ? 14.236  2.222   -3.732  1.00 16.80 ? 168  PRO A CD  1 
ATOM   217 N N   . ARG A 1 26  ? 11.489  3.434   -7.275  1.00 20.51 ? 169  ARG A N   1 
ATOM   218 C CA  . ARG A 1 26  ? 10.067  3.472   -7.576  1.00 22.29 ? 169  ARG A CA  1 
ATOM   219 C C   . ARG A 1 26  ? 9.475   2.119   -7.196  1.00 21.07 ? 169  ARG A C   1 
ATOM   220 O O   . ARG A 1 26  ? 10.115  1.090   -7.402  1.00 19.93 ? 169  ARG A O   1 
ATOM   221 C CB  . ARG A 1 26  ? 9.820   3.736   -9.056  1.00 25.43 ? 169  ARG A CB  1 
ATOM   222 C CG  . ARG A 1 26  ? 10.053  5.175   -9.501  1.00 30.77 ? 169  ARG A CG  1 
ATOM   223 C CD  . ARG A 1 26  ? 9.637   5.341   -10.959 1.00 33.44 ? 169  ARG A CD  1 
ATOM   224 N NE  . ARG A 1 26  ? 8.243   4.952   -11.160 1.00 36.33 ? 169  ARG A NE  1 
ATOM   225 C CZ  . ARG A 1 26  ? 7.838   3.936   -11.918 1.00 38.57 ? 169  ARG A CZ  1 
ATOM   226 N NH1 . ARG A 1 26  ? 8.731   3.190   -12.563 1.00 38.00 ? 169  ARG A NH1 1 
ATOM   227 N NH2 . ARG A 1 26  ? 6.537   3.636   -11.991 1.00 40.26 ? 169  ARG A NH2 1 
ATOM   228 N N   . GLY A 1 27  ? 8.262   2.140   -6.643  1.00 19.42 ? 170  GLY A N   1 
ATOM   229 C CA  . GLY A 1 27  ? 7.593   0.922   -6.225  1.00 16.57 ? 170  GLY A CA  1 
ATOM   230 C C   . GLY A 1 27  ? 7.891   0.540   -4.781  1.00 15.79 ? 170  GLY A C   1 
ATOM   231 O O   . GLY A 1 27  ? 7.563   -0.570  -4.348  1.00 17.26 ? 170  GLY A O   1 
ATOM   232 N N   . THR A 1 28  ? 8.591   1.401   -4.051  1.00 12.97 ? 171  THR A N   1 
ATOM   233 C CA  . THR A 1 28  ? 8.877   1.110   -2.645  1.00 11.01 ? 171  THR A CA  1 
ATOM   234 C C   . THR A 1 28  ? 7.505   1.169   -1.980  1.00 10.28 ? 171  THR A C   1 
ATOM   235 O O   . THR A 1 28  ? 6.667   1.966   -2.376  1.00 11.23 ? 171  THR A O   1 
ATOM   236 C CB  . THR A 1 28  ? 9.856   2.132   -2.033  1.00 9.01  ? 171  THR A CB  1 
ATOM   237 O OG1 . THR A 1 28  ? 11.104  2.049   -2.731  1.00 8.93  ? 171  THR A OG1 1 
ATOM   238 C CG2 . THR A 1 28  ? 10.112  1.851   -0.534  1.00 9.35  ? 171  THR A CG2 1 
ATOM   239 N N   . PHE A 1 29  ? 7.274   0.338   -0.974  1.00 10.19 ? 172  PHE A N   1 
ATOM   240 C CA  . PHE A 1 29  ? 5.964   0.298   -0.350  1.00 9.94  ? 172  PHE A CA  1 
ATOM   241 C C   . PHE A 1 29  ? 5.951   -0.191  1.084   1.00 10.22 ? 172  PHE A C   1 
ATOM   242 O O   . PHE A 1 29  ? 6.939   -0.726  1.598   1.00 9.66  ? 172  PHE A O   1 
ATOM   243 C CB  . PHE A 1 29  ? 5.051   -0.650  -1.148  1.00 9.28  ? 172  PHE A CB  1 
ATOM   244 C CG  . PHE A 1 29  ? 5.382   -2.111  -0.955  1.00 11.38 ? 172  PHE A CG  1 
ATOM   245 C CD1 . PHE A 1 29  ? 6.408   -2.707  -1.674  1.00 11.93 ? 172  PHE A CD1 1 
ATOM   246 C CD2 . PHE A 1 29  ? 4.731   -2.866  0.028   1.00 12.70 ? 172  PHE A CD2 1 
ATOM   247 C CE1 . PHE A 1 29  ? 6.792   -4.022  -1.415  1.00 13.55 ? 172  PHE A CE1 1 
ATOM   248 C CE2 . PHE A 1 29  ? 5.109   -4.181  0.297   1.00 10.83 ? 172  PHE A CE2 1 
ATOM   249 C CZ  . PHE A 1 29  ? 6.143   -4.757  -0.425  1.00 14.06 ? 172  PHE A CZ  1 
ATOM   250 N N   . LEU A 1 30  ? 4.750   -0.108  1.650   1.00 10.56 ? 173  LEU A N   1 
ATOM   251 C CA  . LEU A 1 30  ? 4.443   -0.577  2.986   1.00 10.60 ? 173  LEU A CA  1 
ATOM   252 C C   . LEU A 1 30  ? 2.937   -0.749  3.075   1.00 10.29 ? 173  LEU A C   1 
ATOM   253 O O   . LEU A 1 30  ? 2.186   -0.198  2.277   1.00 9.73  ? 173  LEU A O   1 
ATOM   254 C CB  . LEU A 1 30  ? 4.911   0.413   4.064   1.00 10.58 ? 173  LEU A CB  1 
ATOM   255 C CG  . LEU A 1 30  ? 4.398   1.860   4.058   1.00 11.51 ? 173  LEU A CG  1 
ATOM   256 C CD1 . LEU A 1 30  ? 3.047   1.972   4.776   1.00 10.94 ? 173  LEU A CD1 1 
ATOM   257 C CD2 . LEU A 1 30  ? 5.434   2.764   4.760   1.00 10.19 ? 173  LEU A CD2 1 
ATOM   258 N N   . VAL A 1 31  ? 2.524   -1.524  4.065   1.00 11.21 ? 174  VAL A N   1 
ATOM   259 C CA  . VAL A 1 31  ? 1.130   -1.769  4.356   1.00 11.69 ? 174  VAL A CA  1 
ATOM   260 C C   . VAL A 1 31  ? 0.941   -1.266  5.777   1.00 13.03 ? 174  VAL A C   1 
ATOM   261 O O   . VAL A 1 31  ? 1.796   -1.483  6.651   1.00 11.46 ? 174  VAL A O   1 
ATOM   262 C CB  . VAL A 1 31  ? 0.756   -3.255  4.298   1.00 11.67 ? 174  VAL A CB  1 
ATOM   263 C CG1 . VAL A 1 31  ? -0.704  -3.426  4.828   1.00 11.17 ? 174  VAL A CG1 1 
ATOM   264 C CG2 . VAL A 1 31  ? 0.871   -3.783  2.851   1.00 8.50  ? 174  VAL A CG2 1 
ATOM   265 N N   . ARG A 1 32  ? -0.181  -0.593  6.004   1.00 11.17 ? 175  ARG A N   1 
ATOM   266 C CA  . ARG A 1 32  ? -0.445  -0.024  7.304   1.00 11.21 ? 175  ARG A CA  1 
ATOM   267 C C   . ARG A 1 32  ? -1.928  -0.067  7.554   1.00 10.73 ? 175  ARG A C   1 
ATOM   268 O O   . ARG A 1 32  ? -2.695  -0.313  6.641   1.00 10.97 ? 175  ARG A O   1 
ATOM   269 C CB  . ARG A 1 32  ? 0.002   1.448   7.317   1.00 10.38 ? 175  ARG A CB  1 
ATOM   270 C CG  . ARG A 1 32  ? -0.611  2.285   6.201   1.00 10.11 ? 175  ARG A CG  1 
ATOM   271 C CD  . ARG A 1 32  ? -0.309  3.750   6.367   1.00 9.58  ? 175  ARG A CD  1 
ATOM   272 N NE  . ARG A 1 32  ? -0.857  4.575   5.286   1.00 11.06 ? 175  ARG A NE  1 
ATOM   273 C CZ  . ARG A 1 32  ? -2.078  5.109   5.288   1.00 10.02 ? 175  ARG A CZ  1 
ATOM   274 N NH1 . ARG A 1 32  ? -2.908  4.917   6.309   1.00 8.76  ? 175  ARG A NH1 1 
ATOM   275 N NH2 . ARG A 1 32  ? -2.496  5.811   4.247   1.00 10.82 ? 175  ARG A NH2 1 
ATOM   276 N N   . GLU A 1 33  ? -2.317  0.150   8.806   1.00 11.39 ? 176  GLU A N   1 
ATOM   277 C CA  . GLU A 1 33  ? -3.722  0.222   9.161   1.00 12.76 ? 176  GLU A CA  1 
ATOM   278 C C   . GLU A 1 33  ? -4.269  1.532   8.576   1.00 14.17 ? 176  GLU A C   1 
ATOM   279 O O   . GLU A 1 33  ? -3.523  2.490   8.385   1.00 15.52 ? 176  GLU A O   1 
ATOM   280 C CB  . GLU A 1 33  ? -3.884  0.316   10.680  1.00 14.74 ? 176  GLU A CB  1 
ATOM   281 C CG  . GLU A 1 33  ? -3.548  -0.941  11.468  1.00 16.22 ? 176  GLU A CG  1 
ATOM   282 C CD  . GLU A 1 33  ? -3.994  -0.835  12.921  1.00 19.29 ? 176  GLU A CD  1 
ATOM   283 O OE1 . GLU A 1 33  ? -4.759  0.104   13.259  1.00 20.59 ? 176  GLU A OE1 1 
ATOM   284 O OE2 . GLU A 1 33  ? -3.575  -1.684  13.731  1.00 20.07 ? 176  GLU A OE2 1 
ATOM   285 N N   . SER A 1 34  ? -5.560  1.573   8.286   1.00 12.95 ? 177  SER A N   1 
ATOM   286 C CA  . SER A 1 34  ? -6.179  2.799   7.800   1.00 15.24 ? 177  SER A CA  1 
ATOM   287 C C   . SER A 1 34  ? -6.177  3.776   8.982   1.00 15.89 ? 177  SER A C   1 
ATOM   288 O O   . SER A 1 34  ? -6.386  3.365   10.117  1.00 15.72 ? 177  SER A O   1 
ATOM   289 C CB  . SER A 1 34  ? -7.620  2.520   7.380   1.00 14.31 ? 177  SER A CB  1 
ATOM   290 O OG  . SER A 1 34  ? -8.317  3.735   7.200   1.00 17.53 ? 177  SER A OG  1 
ATOM   291 N N   . GLU A 1 35  ? -5.885  5.046   8.744   1.00 18.10 ? 178  GLU A N   1 
ATOM   292 C CA  . GLU A 1 35  ? -5.899  5.999   9.848   1.00 20.12 ? 178  GLU A CA  1 
ATOM   293 C C   . GLU A 1 35  ? -7.287  6.594   10.017  1.00 21.56 ? 178  GLU A C   1 
ATOM   294 O O   . GLU A 1 35  ? -7.516  7.377   10.935  1.00 22.94 ? 178  GLU A O   1 
ATOM   295 C CB  . GLU A 1 35  ? -4.864  7.123   9.671   1.00 19.35 ? 178  GLU A CB  1 
ATOM   296 C CG  . GLU A 1 35  ? -5.152  8.144   8.575   1.00 20.47 ? 178  GLU A CG  1 
ATOM   297 C CD  . GLU A 1 35  ? -4.366  9.445   8.761   1.00 20.95 ? 178  GLU A CD  1 
ATOM   298 O OE1 . GLU A 1 35  ? -4.777  10.502  8.217   1.00 21.89 ? 178  GLU A OE1 1 
ATOM   299 O OE2 . GLU A 1 35  ? -3.351  9.415   9.475   1.00 19.11 ? 178  GLU A OE2 1 
ATOM   300 N N   . THR A 1 36  ? -8.217  6.193   9.151   1.00 22.89 ? 179  THR A N   1 
ATOM   301 C CA  . THR A 1 36  ? -9.583  6.712   9.194   1.00 22.90 ? 179  THR A CA  1 
ATOM   302 C C   . THR A 1 36  ? -10.656 5.673   9.544   1.00 22.71 ? 179  THR A C   1 
ATOM   303 O O   . THR A 1 36  ? -11.572 5.945   10.329  1.00 20.95 ? 179  THR A O   1 
ATOM   304 C CB  . THR A 1 36  ? -9.961  7.386   7.855   1.00 24.80 ? 179  THR A CB  1 
ATOM   305 O OG1 . THR A 1 36  ? -10.139 6.400   6.826   1.00 27.92 ? 179  THR A OG1 1 
ATOM   306 C CG2 . THR A 1 36  ? -8.874  8.335   7.426   1.00 24.68 ? 179  THR A CG2 1 
ATOM   307 N N   . THR A 1 37  ? -10.528 4.473   8.994   1.00 21.32 ? 180  THR A N   1 
ATOM   308 C CA  . THR A 1 37  ? -11.532 3.454   9.256   1.00 20.93 ? 180  THR A CA  1 
ATOM   309 C C   . THR A 1 37  ? -11.039 2.247   10.026  1.00 19.37 ? 180  THR A C   1 
ATOM   310 O O   . THR A 1 37  ? -10.172 1.530   9.567   1.00 17.51 ? 180  THR A O   1 
ATOM   311 C CB  . THR A 1 37  ? -12.198 2.999   7.941   1.00 21.36 ? 180  THR A CB  1 
ATOM   312 O OG1 . THR A 1 37  ? -12.784 4.137   7.290   1.00 23.99 ? 180  THR A OG1 1 
ATOM   313 C CG2 . THR A 1 37  ? -13.281 1.968   8.217   1.00 21.96 ? 180  THR A CG2 1 
ATOM   314 N N   . LYS A 1 38  ? -11.587 2.051   11.219  1.00 19.90 ? 181  LYS A N   1 
ATOM   315 C CA  . LYS A 1 38  ? -11.234 0.909   12.054  1.00 20.82 ? 181  LYS A CA  1 
ATOM   316 C C   . LYS A 1 38  ? -11.496 -0.388  11.241  1.00 20.13 ? 181  LYS A C   1 
ATOM   317 O O   . LYS A 1 38  ? -12.536 -0.514  10.576  1.00 16.76 ? 181  LYS A O   1 
ATOM   318 C CB  . LYS A 1 38  ? -12.103 0.939   13.323  1.00 25.07 ? 181  LYS A CB  1 
ATOM   319 C CG  . LYS A 1 38  ? -11.906 -0.216  14.287  1.00 28.28 ? 181  LYS A CG  1 
ATOM   320 C CD  . LYS A 1 38  ? -10.559 -0.128  14.995  1.00 30.77 ? 181  LYS A CD  1 
ATOM   321 C CE  . LYS A 1 38  ? -10.640 0.759   16.221  1.00 31.62 ? 181  LYS A CE  1 
ATOM   322 N NZ  . LYS A 1 38  ? -9.350  0.732   16.948  1.00 34.01 ? 181  LYS A NZ  1 
ATOM   323 N N   . GLY A 1 39  ? -10.528 -1.309  11.254  1.00 18.25 ? 182  GLY A N   1 
ATOM   324 C CA  . GLY A 1 39  ? -10.667 -2.558  10.517  1.00 16.71 ? 182  GLY A CA  1 
ATOM   325 C C   . GLY A 1 39  ? -10.183 -2.518  9.062   1.00 14.98 ? 182  GLY A C   1 
ATOM   326 O O   . GLY A 1 39  ? -10.152 -3.539  8.404   1.00 15.68 ? 182  GLY A O   1 
ATOM   327 N N   . ALA A 1 40  ? -9.854  -1.343  8.540   1.00 12.21 ? 183  ALA A N   1 
ATOM   328 C CA  . ALA A 1 40  ? -9.384  -1.246  7.162   1.00 10.21 ? 183  ALA A CA  1 
ATOM   329 C C   . ALA A 1 40  ? -7.872  -1.035  7.163   1.00 9.38  ? 183  ALA A C   1 
ATOM   330 O O   . ALA A 1 40  ? -7.314  -0.594  8.158   1.00 9.41  ? 183  ALA A O   1 
ATOM   331 C CB  . ALA A 1 40  ? -10.086 -0.097  6.433   1.00 10.04 ? 183  ALA A CB  1 
ATOM   332 N N   . TYR A 1 41  ? -7.224  -1.363  6.048   1.00 8.76  ? 184  TYR A N   1 
ATOM   333 C CA  . TYR A 1 41  ? -5.772  -1.229  5.887   1.00 9.82  ? 184  TYR A CA  1 
ATOM   334 C C   . TYR A 1 41  ? -5.489  -0.448  4.611   1.00 9.64  ? 184  TYR A C   1 
ATOM   335 O O   . TYR A 1 41  ? -6.409  0.007   3.923   1.00 8.77  ? 184  TYR A O   1 
ATOM   336 C CB  . TYR A 1 41  ? -5.083  -2.618  5.821   1.00 11.43 ? 184  TYR A CB  1 
ATOM   337 C CG  . TYR A 1 41  ? -5.320  -3.455  7.046   1.00 11.94 ? 184  TYR A CG  1 
ATOM   338 C CD1 . TYR A 1 41  ? -6.484  -4.208  7.175   1.00 14.12 ? 184  TYR A CD1 1 
ATOM   339 C CD2 . TYR A 1 41  ? -4.428  -3.435  8.108   1.00 13.35 ? 184  TYR A CD2 1 
ATOM   340 C CE1 . TYR A 1 41  ? -6.756  -4.911  8.342   1.00 16.67 ? 184  TYR A CE1 1 
ATOM   341 C CE2 . TYR A 1 41  ? -4.696  -4.132  9.286   1.00 14.63 ? 184  TYR A CE2 1 
ATOM   342 C CZ  . TYR A 1 41  ? -5.865  -4.862  9.393   1.00 13.85 ? 184  TYR A CZ  1 
ATOM   343 O OH  . TYR A 1 41  ? -6.172  -5.510  10.558  1.00 14.61 ? 184  TYR A OH  1 
ATOM   344 N N   . CYS A 1 42  ? -4.212  -0.252  4.329   1.00 10.71 ? 185  CYS A N   1 
ATOM   345 C CA  . CYS A 1 42  ? -3.810  0.518   3.175   1.00 12.01 ? 185  CYS A CA  1 
ATOM   346 C C   . CYS A 1 42  ? -2.441  0.118   2.654   1.00 12.59 ? 185  CYS A C   1 
ATOM   347 O O   . CYS A 1 42  ? -1.537  -0.231  3.423   1.00 13.71 ? 185  CYS A O   1 
ATOM   348 C CB  . CYS A 1 42  ? -3.780  2.001   3.550   1.00 12.48 ? 185  CYS A CB  1 
ATOM   349 S SG  . CYS A 1 42  ? -3.006  3.079   2.286   1.00 17.14 ? 185  CYS A SG  1 
ATOM   350 N N   . LEU A 1 43  ? -2.310  0.166   1.337   1.00 11.86 ? 186  LEU A N   1 
ATOM   351 C CA  . LEU A 1 43  ? -1.052  -0.117  0.670   1.00 10.71 ? 186  LEU A CA  1 
ATOM   352 C C   . LEU A 1 43  ? -0.619  1.245   0.144   1.00 12.52 ? 186  LEU A C   1 
ATOM   353 O O   . LEU A 1 43  ? -1.359  1.867   -0.636  1.00 13.60 ? 186  LEU A O   1 
ATOM   354 C CB  . LEU A 1 43  ? -1.263  -1.064  -0.496  1.00 9.31  ? 186  LEU A CB  1 
ATOM   355 C CG  . LEU A 1 43  ? -0.074  -1.256  -1.449  1.00 9.75  ? 186  LEU A CG  1 
ATOM   356 C CD1 . LEU A 1 43  ? 1.043   -2.034  -0.777  1.00 8.44  ? 186  LEU A CD1 1 
ATOM   357 C CD2 . LEU A 1 43  ? -0.540  -1.966  -2.715  1.00 10.26 ? 186  LEU A CD2 1 
ATOM   358 N N   . SER A 1 44  ? 0.518   1.740   0.640   1.00 11.42 ? 187  SER A N   1 
ATOM   359 C CA  . SER A 1 44  ? 1.078   3.029   0.233   1.00 10.81 ? 187  SER A CA  1 
ATOM   360 C C   . SER A 1 44  ? 2.350   2.758   -0.537  1.00 12.41 ? 187  SER A C   1 
ATOM   361 O O   . SER A 1 44  ? 3.241   2.072   -0.032  1.00 10.89 ? 187  SER A O   1 
ATOM   362 C CB  . SER A 1 44  ? 1.378   3.878   1.457   1.00 11.37 ? 187  SER A CB  1 
ATOM   363 O OG  . SER A 1 44  ? 0.196   4.054   2.227   1.00 14.64 ? 187  SER A OG  1 
ATOM   364 N N   . VAL A 1 45  ? 2.445   3.310   -1.746  1.00 13.07 ? 188  VAL A N   1 
ATOM   365 C CA  . VAL A 1 45  ? 3.603   3.067   -2.614  1.00 14.93 ? 188  VAL A CA  1 
ATOM   366 C C   . VAL A 1 45  ? 4.207   4.331   -3.226  1.00 16.12 ? 188  VAL A C   1 
ATOM   367 O O   . VAL A 1 45  ? 3.498   5.279   -3.577  1.00 14.95 ? 188  VAL A O   1 
ATOM   368 C CB  . VAL A 1 45  ? 3.212   2.139   -3.784  1.00 15.82 ? 188  VAL A CB  1 
ATOM   369 C CG1 . VAL A 1 45  ? 2.622   0.855   -3.262  1.00 16.63 ? 188  VAL A CG1 1 
ATOM   370 C CG2 . VAL A 1 45  ? 2.173   2.835   -4.678  1.00 17.12 ? 188  VAL A CG2 1 
ATOM   371 N N   . SER A 1 46  ? 5.509   4.293   -3.458  1.00 17.41 ? 189  SER A N   1 
ATOM   372 C CA  . SER A 1 46  ? 6.186   5.443   -4.024  1.00 20.43 ? 189  SER A CA  1 
ATOM   373 C C   . SER A 1 46  ? 6.230   5.453   -5.550  1.00 21.77 ? 189  SER A C   1 
ATOM   374 O O   . SER A 1 46  ? 6.294   4.407   -6.197  1.00 21.96 ? 189  SER A O   1 
ATOM   375 C CB  . SER A 1 46  ? 7.612   5.528   -3.489  1.00 19.76 ? 189  SER A CB  1 
ATOM   376 O OG  . SER A 1 46  ? 8.354   4.416   -3.962  1.00 22.28 ? 189  SER A OG  1 
ATOM   377 N N   . ASP A 1 47  ? 6.159   6.659   -6.099  1.00 25.40 ? 190  ASP A N   1 
ATOM   378 C CA  . ASP A 1 47  ? 6.272   6.911   -7.532  1.00 28.61 ? 190  ASP A CA  1 
ATOM   379 C C   . ASP A 1 47  ? 6.783   8.350   -7.746  1.00 31.12 ? 190  ASP A C   1 
ATOM   380 O O   . ASP A 1 47  ? 6.862   9.132   -6.796  1.00 31.16 ? 190  ASP A O   1 
ATOM   381 C CB  . ASP A 1 47  ? 4.976   6.546   -8.313  1.00 30.01 ? 190  ASP A CB  1 
ATOM   382 C CG  . ASP A 1 47  ? 3.858   7.607   -8.248  1.00 31.61 ? 190  ASP A CG  1 
ATOM   383 O OD1 . ASP A 1 47  ? 3.994   8.679   -7.608  1.00 33.32 ? 190  ASP A OD1 1 
ATOM   384 O OD2 . ASP A 1 47  ? 2.802   7.345   -8.878  1.00 31.14 ? 190  ASP A OD2 1 
ATOM   385 N N   . PHE A 1 48  ? 7.203   8.673   -8.966  1.00 33.97 ? 191  PHE A N   1 
ATOM   386 C CA  . PHE A 1 48  ? 7.726   9.998   -9.273  1.00 35.32 ? 191  PHE A CA  1 
ATOM   387 C C   . PHE A 1 48  ? 6.905   10.707  -10.341 1.00 37.02 ? 191  PHE A C   1 
ATOM   388 O O   . PHE A 1 48  ? 6.472   10.093  -11.321 1.00 37.56 ? 191  PHE A O   1 
ATOM   389 C CB  . PHE A 1 48  ? 9.184   9.889   -9.732  1.00 35.20 ? 191  PHE A CB  1 
ATOM   390 C CG  . PHE A 1 48  ? 9.827   11.215  -10.024 1.00 35.19 ? 191  PHE A CG  1 
ATOM   391 C CD1 . PHE A 1 48  ? 10.442  11.944  -9.006  1.00 35.14 ? 191  PHE A CD1 1 
ATOM   392 C CD2 . PHE A 1 48  ? 9.810   11.745  -11.312 1.00 35.50 ? 191  PHE A CD2 1 
ATOM   393 C CE1 . PHE A 1 48  ? 11.030  13.185  -9.268  1.00 35.96 ? 191  PHE A CE1 1 
ATOM   394 C CE2 . PHE A 1 48  ? 10.392  12.985  -11.590 1.00 36.04 ? 191  PHE A CE2 1 
ATOM   395 C CZ  . PHE A 1 48  ? 11.006  13.709  -10.563 1.00 36.05 ? 191  PHE A CZ  1 
ATOM   396 N N   . ASP A 1 49  ? 6.707   12.006  -10.142 1.00 38.71 ? 192  ASP A N   1 
ATOM   397 C CA  . ASP A 1 49  ? 5.963   12.861  -11.071 1.00 40.59 ? 192  ASP A CA  1 
ATOM   398 C C   . ASP A 1 49  ? 6.900   14.007  -11.470 1.00 41.32 ? 192  ASP A C   1 
ATOM   399 O O   . ASP A 1 49  ? 7.359   14.754  -10.607 1.00 40.90 ? 192  ASP A O   1 
ATOM   400 C CB  . ASP A 1 49  ? 4.708   13.424  -10.386 1.00 42.17 ? 192  ASP A CB  1 
ATOM   401 C CG  . ASP A 1 49  ? 3.902   14.352  -11.292 1.00 44.82 ? 192  ASP A CG  1 
ATOM   402 O OD1 . ASP A 1 49  ? 4.312   15.521  -11.476 1.00 44.31 ? 192  ASP A OD1 1 
ATOM   403 O OD2 . ASP A 1 49  ? 2.844   13.915  -11.810 1.00 46.48 ? 192  ASP A OD2 1 
ATOM   404 N N   . ASN A 1 50  ? 7.172   14.140  -12.770 1.00 41.72 ? 193  ASN A N   1 
ATOM   405 C CA  . ASN A 1 50  ? 8.066   15.183  -13.292 1.00 41.19 ? 193  ASN A CA  1 
ATOM   406 C C   . ASN A 1 50  ? 7.842   16.563  -12.696 1.00 39.77 ? 193  ASN A C   1 
ATOM   407 O O   . ASN A 1 50  ? 8.766   17.179  -12.168 1.00 39.10 ? 193  ASN A O   1 
ATOM   408 C CB  . ASN A 1 50  ? 7.949   15.280  -14.821 1.00 43.41 ? 193  ASN A CB  1 
ATOM   409 C CG  . ASN A 1 50  ? 9.046   14.521  -15.546 1.00 45.44 ? 193  ASN A CG  1 
ATOM   410 O OD1 . ASN A 1 50  ? 10.225  14.601  -15.180 1.00 46.59 ? 193  ASN A OD1 1 
ATOM   411 N ND2 . ASN A 1 50  ? 8.667   13.795  -16.600 1.00 46.73 ? 193  ASN A ND2 1 
ATOM   412 N N   . ALA A 1 51  ? 6.599   17.025  -12.769 1.00 38.46 ? 194  ALA A N   1 
ATOM   413 C CA  . ALA A 1 51  ? 6.215   18.343  -12.275 1.00 37.89 ? 194  ALA A CA  1 
ATOM   414 C C   . ALA A 1 51  ? 6.306   18.546  -10.763 1.00 37.14 ? 194  ALA A C   1 
ATOM   415 O O   . ALA A 1 51  ? 6.865   19.544  -10.297 1.00 37.98 ? 194  ALA A O   1 
ATOM   416 C CB  . ALA A 1 51  ? 4.806   18.685  -12.755 1.00 36.90 ? 194  ALA A CB  1 
ATOM   417 N N   . LYS A 1 52  ? 5.753   17.609  -10.004 1.00 35.13 ? 195  LYS A N   1 
ATOM   418 C CA  . LYS A 1 52  ? 5.728   17.730  -8.550  1.00 34.28 ? 195  LYS A CA  1 
ATOM   419 C C   . LYS A 1 52  ? 6.797   16.930  -7.797  1.00 32.27 ? 195  LYS A C   1 
ATOM   420 O O   . LYS A 1 52  ? 7.036   17.172  -6.619  1.00 31.21 ? 195  LYS A O   1 
ATOM   421 C CB  . LYS A 1 52  ? 4.316   17.398  -8.037  1.00 34.90 ? 195  LYS A CB  1 
ATOM   422 C CG  . LYS A 1 52  ? 3.191   18.226  -8.692  1.00 34.67 ? 195  LYS A CG  1 
ATOM   423 C CD  . LYS A 1 52  ? 3.048   19.613  -8.067  1.00 35.54 ? 195  LYS A CD  1 
ATOM   424 C CE  . LYS A 1 52  ? 2.322   20.594  -8.999  1.00 35.53 ? 195  LYS A CE  1 
ATOM   425 N NZ  . LYS A 1 52  ? 3.137   20.902  -10.219 1.00 33.23 ? 195  LYS A NZ  1 
ATOM   426 N N   . GLY A 1 53  ? 7.431   15.984  -8.483  1.00 31.88 ? 196  GLY A N   1 
ATOM   427 C CA  . GLY A 1 53  ? 8.474   15.176  -7.874  1.00 30.89 ? 196  GLY A CA  1 
ATOM   428 C C   . GLY A 1 53  ? 8.003   13.839  -7.326  1.00 30.59 ? 196  GLY A C   1 
ATOM   429 O O   . GLY A 1 53  ? 7.059   13.239  -7.840  1.00 30.84 ? 196  GLY A O   1 
ATOM   430 N N   . LEU A 1 54  ? 8.692   13.357  -6.295  1.00 29.40 ? 197  LEU A N   1 
ATOM   431 C CA  . LEU A 1 54  ? 8.347   12.085  -5.669  1.00 27.46 ? 197  LEU A CA  1 
ATOM   432 C C   . LEU A 1 54  ? 6.932   12.160  -5.117  1.00 25.79 ? 197  LEU A C   1 
ATOM   433 O O   . LEU A 1 54  ? 6.529   13.189  -4.557  1.00 25.69 ? 197  LEU A O   1 
ATOM   434 C CB  . LEU A 1 54  ? 9.324   11.788  -4.530  1.00 27.50 ? 197  LEU A CB  1 
ATOM   435 C CG  . LEU A 1 54  ? 10.775  11.530  -4.940  1.00 27.97 ? 197  LEU A CG  1 
ATOM   436 C CD1 . LEU A 1 54  ? 11.683  11.771  -3.749  1.00 27.27 ? 197  LEU A CD1 1 
ATOM   437 C CD2 . LEU A 1 54  ? 10.927  10.101  -5.496  1.00 27.72 ? 197  LEU A CD2 1 
ATOM   438 N N   . ASN A 1 55  ? 6.176   11.083  -5.285  1.00 22.81 ? 198  ASN A N   1 
ATOM   439 C CA  . ASN A 1 55  ? 4.804   11.040  -4.782  1.00 20.96 ? 198  ASN A CA  1 
ATOM   440 C C   . ASN A 1 55  ? 4.467   9.652   -4.239  1.00 19.71 ? 198  ASN A C   1 
ATOM   441 O O   . ASN A 1 55  ? 5.198   8.662   -4.477  1.00 16.71 ? 198  ASN A O   1 
ATOM   442 C CB  . ASN A 1 55  ? 3.802   11.454  -5.869  1.00 22.37 ? 198  ASN A CB  1 
ATOM   443 C CG  . ASN A 1 55  ? 2.338   11.413  -5.381  1.00 24.89 ? 198  ASN A CG  1 
ATOM   444 O OD1 . ASN A 1 55  ? 1.939   12.153  -4.466  1.00 22.66 ? 198  ASN A OD1 1 
ATOM   445 N ND2 . ASN A 1 55  ? 1.540   10.525  -5.985  1.00 25.75 ? 198  ASN A ND2 1 
ATOM   446 N N   . VAL A 1 56  ? 3.394   9.613   -3.449  1.00 18.23 ? 199  VAL A N   1 
ATOM   447 C CA  . VAL A 1 56  ? 2.919   8.383   -2.836  1.00 16.60 ? 199  VAL A CA  1 
ATOM   448 C C   . VAL A 1 56  ? 1.471   8.144   -3.203  1.00 15.69 ? 199  VAL A C   1 
ATOM   449 O O   . VAL A 1 56  ? 0.664   9.054   -3.124  1.00 17.44 ? 199  VAL A O   1 
ATOM   450 C CB  . VAL A 1 56  ? 2.980   8.468   -1.301  1.00 16.57 ? 199  VAL A CB  1 
ATOM   451 C CG1 . VAL A 1 56  ? 2.603   7.118   -0.672  1.00 15.50 ? 199  VAL A CG1 1 
ATOM   452 C CG2 . VAL A 1 56  ? 4.349   8.941   -0.848  1.00 14.00 ? 199  VAL A CG2 1 
ATOM   453 N N   . LYS A 1 57  ? 1.166   6.954   -3.696  1.00 14.28 ? 200  LYS A N   1 
ATOM   454 C CA  . LYS A 1 57  ? -0.218  6.606   -3.990  1.00 14.02 ? 200  LYS A CA  1 
ATOM   455 C C   . LYS A 1 57  ? -0.659  5.646   -2.889  1.00 13.24 ? 200  LYS A C   1 
ATOM   456 O O   . LYS A 1 57  ? 0.114   4.764   -2.460  1.00 13.06 ? 200  LYS A O   1 
ATOM   457 C CB  . LYS A 1 57  ? -0.354  5.945   -5.350  1.00 14.55 ? 200  LYS A CB  1 
ATOM   458 C CG  . LYS A 1 57  ? -0.166  6.898   -6.510  1.00 16.88 ? 200  LYS A CG  1 
ATOM   459 C CD  . LYS A 1 57  ? -0.344  6.141   -7.820  1.00 18.63 ? 200  LYS A CD  1 
ATOM   460 C CE  . LYS A 1 57  ? -0.756  7.073   -8.956  1.00 20.35 ? 200  LYS A CE  1 
ATOM   461 N NZ  . LYS A 1 57  ? 0.256   8.107   -9.279  1.00 20.10 ? 200  LYS A NZ  1 
ATOM   462 N N   . HIS A 1 58  ? -1.866  5.879   -2.383  1.00 13.74 ? 201  HIS A N   1 
ATOM   463 C CA  . HIS A 1 58  ? -2.478  5.069   -1.314  1.00 12.52 ? 201  HIS A CA  1 
ATOM   464 C C   . HIS A 1 58  ? -3.659  4.290   -1.885  1.00 12.56 ? 201  HIS A C   1 
ATOM   465 O O   . HIS A 1 58  ? -4.436  4.836   -2.676  1.00 11.64 ? 201  HIS A O   1 
ATOM   466 C CB  . HIS A 1 58  ? -2.951  5.990   -0.186  1.00 12.07 ? 201  HIS A CB  1 
ATOM   467 C CG  . HIS A 1 58  ? -1.855  6.810   0.411   1.00 13.69 ? 201  HIS A CG  1 
ATOM   468 N ND1 . HIS A 1 58  ? -1.032  6.337   1.413   1.00 13.19 ? 201  HIS A ND1 1 
ATOM   469 C CD2 . HIS A 1 58  ? -1.448  8.074   0.155   1.00 12.86 ? 201  HIS A CD2 1 
ATOM   470 C CE1 . HIS A 1 58  ? -0.173  7.281   1.752   1.00 15.41 ? 201  HIS A CE1 1 
ATOM   471 N NE2 . HIS A 1 58  ? -0.403  8.343   1.004   1.00 12.80 ? 201  HIS A NE2 1 
ATOM   472 N N   . TYR A 1 59  ? -3.758  3.009   -1.526  1.00 11.21 ? 202  TYR A N   1 
ATOM   473 C CA  . TYR A 1 59  ? -4.831  2.122   -2.003  1.00 11.54 ? 202  TYR A CA  1 
ATOM   474 C C   . TYR A 1 59  ? -5.540  1.554   -0.782  1.00 12.87 ? 202  TYR A C   1 
ATOM   475 O O   . TYR A 1 59  ? -4.882  0.940   0.056   1.00 14.29 ? 202  TYR A O   1 
ATOM   476 C CB  . TYR A 1 59  ? -4.237  0.968   -2.819  1.00 11.21 ? 202  TYR A CB  1 
ATOM   477 C CG  . TYR A 1 59  ? -3.567  1.392   -4.115  1.00 10.84 ? 202  TYR A CG  1 
ATOM   478 C CD1 . TYR A 1 59  ? -4.289  1.414   -5.303  1.00 12.18 ? 202  TYR A CD1 1 
ATOM   479 C CD2 . TYR A 1 59  ? -2.237  1.828   -4.138  1.00 9.58  ? 202  TYR A CD2 1 
ATOM   480 C CE1 . TYR A 1 59  ? -3.720  1.863   -6.485  1.00 12.88 ? 202  TYR A CE1 1 
ATOM   481 C CE2 . TYR A 1 59  ? -1.654  2.290   -5.314  1.00 10.58 ? 202  TYR A CE2 1 
ATOM   482 C CZ  . TYR A 1 59  ? -2.405  2.301   -6.486  1.00 12.45 ? 202  TYR A CZ  1 
ATOM   483 O OH  . TYR A 1 59  ? -1.868  2.724   -7.678  1.00 13.74 ? 202  TYR A OH  1 
ATOM   484 N N   . LYS A 1 60  ? -6.854  1.762   -0.654  1.00 12.04 ? 203  LYS A N   1 
ATOM   485 C CA  . LYS A 1 60  ? -7.573  1.242   0.511   1.00 11.89 ? 203  LYS A CA  1 
ATOM   486 C C   . LYS A 1 60  ? -7.747  -0.249  0.404   1.00 12.82 ? 203  LYS A C   1 
ATOM   487 O O   . LYS A 1 60  ? -8.209  -0.760  -0.628  1.00 11.51 ? 203  LYS A O   1 
ATOM   488 C CB  . LYS A 1 60  ? -8.957  1.870   0.678   1.00 14.45 ? 203  LYS A CB  1 
ATOM   489 C CG  . LYS A 1 60  ? -9.706  1.351   1.901   1.00 15.32 ? 203  LYS A CG  1 
ATOM   490 C CD  . LYS A 1 60  ? -10.912 2.215   2.306   1.00 21.18 ? 203  LYS A CD  1 
ATOM   491 C CE  . LYS A 1 60  ? -11.698 1.538   3.456   1.00 21.39 ? 203  LYS A CE  1 
ATOM   492 N NZ  . LYS A 1 60  ? -12.940 2.256   3.853   1.00 23.47 ? 203  LYS A NZ  1 
ATOM   493 N N   . ILE A 1 61  ? -7.313  -0.949  1.445   1.00 11.45 ? 204  ILE A N   1 
ATOM   494 C CA  . ILE A 1 61  ? -7.457  -2.395  1.487   1.00 11.70 ? 204  ILE A CA  1 
ATOM   495 C C   . ILE A 1 61  ? -8.629  -2.659  2.429   1.00 13.24 ? 204  ILE A C   1 
ATOM   496 O O   . ILE A 1 61  ? -8.589  -2.308  3.608   1.00 10.98 ? 204  ILE A O   1 
ATOM   497 C CB  . ILE A 1 61  ? -6.188  -3.127  2.023   1.00 10.43 ? 204  ILE A CB  1 
ATOM   498 C CG1 . ILE A 1 61  ? -4.987  -2.868  1.107   1.00 8.26  ? 204  ILE A CG1 1 
ATOM   499 C CG2 . ILE A 1 61  ? -6.426  -4.644  2.101   1.00 5.19  ? 204  ILE A CG2 1 
ATOM   500 C CD1 . ILE A 1 61  ? -3.710  -3.411  1.696   1.00 8.47  ? 204  ILE A CD1 1 
ATOM   501 N N   . ARG A 1 62  ? -9.704  -3.184  1.872   1.00 13.91 ? 205  ARG A N   1 
ATOM   502 C CA  . ARG A 1 62  ? -10.874 -3.498  2.667   1.00 19.22 ? 205  ARG A CA  1 
ATOM   503 C C   . ARG A 1 62  ? -10.684 -4.880  3.278   1.00 19.81 ? 205  ARG A C   1 
ATOM   504 O O   . ARG A 1 62  ? -10.094 -5.759  2.644   1.00 18.98 ? 205  ARG A O   1 
ATOM   505 C CB  . ARG A 1 62  ? -12.116 -3.485  1.768   1.00 21.57 ? 205  ARG A CB  1 
ATOM   506 C CG  . ARG A 1 62  ? -13.381 -3.983  2.428   1.00 26.06 ? 205  ARG A CG  1 
ATOM   507 C CD  . ARG A 1 62  ? -14.401 -2.880  2.527   1.00 30.27 ? 205  ARG A CD  1 
ATOM   508 N NE  . ARG A 1 62  ? -14.706 -2.265  1.230   1.00 33.65 ? 205  ARG A NE  1 
ATOM   509 C CZ  . ARG A 1 62  ? -15.465 -1.177  1.086   1.00 34.93 ? 205  ARG A CZ  1 
ATOM   510 N NH1 . ARG A 1 62  ? -15.990 -0.594  2.159   1.00 35.00 ? 205  ARG A NH1 1 
ATOM   511 N NH2 . ARG A 1 62  ? -15.692 -0.666  -0.121  1.00 34.21 ? 205  ARG A NH2 1 
ATOM   512 N N   . LYS A 1 63  ? -11.078 -5.021  4.543   1.00 22.25 ? 206  LYS A N   1 
ATOM   513 C CA  . LYS A 1 63  ? -11.015 -6.305  5.234   1.00 24.78 ? 206  LYS A CA  1 
ATOM   514 C C   . LYS A 1 63  ? -12.455 -6.776  5.472   1.00 26.49 ? 206  LYS A C   1 
ATOM   515 O O   . LYS A 1 63  ? -13.241 -6.142  6.167   1.00 24.73 ? 206  LYS A O   1 
ATOM   516 C CB  . LYS A 1 63  ? -10.238 -6.247  6.558   1.00 23.64 ? 206  LYS A CB  1 
ATOM   517 C CG  . LYS A 1 63  ? -10.176 -7.623  7.246   1.00 25.39 ? 206  LYS A CG  1 
ATOM   518 C CD  . LYS A 1 63  ? -9.563  -7.576  8.646   1.00 27.40 ? 206  LYS A CD  1 
ATOM   519 C CE  . LYS A 1 63  ? -9.398  -8.976  9.240   1.00 27.32 ? 206  LYS A CE  1 
ATOM   520 N NZ  . LYS A 1 63  ? -8.768  -8.958  10.594  1.00 28.01 ? 206  LYS A NZ  1 
ATOM   521 N N   . LEU A 1 64  ? -12.761 -7.931  4.898   1.00 30.43 ? 207  LEU A N   1 
ATOM   522 C CA  . LEU A 1 64  ? -14.085 -8.536  4.949   1.00 33.19 ? 207  LEU A CA  1 
ATOM   523 C C   . LEU A 1 64  ? -14.450 -9.167  6.293   1.00 34.76 ? 207  LEU A C   1 
ATOM   524 O O   . LEU A 1 64  ? -13.575 -9.483  7.099   1.00 33.98 ? 207  LEU A O   1 
ATOM   525 C CB  . LEU A 1 64  ? -14.189 -9.559  3.811   1.00 35.13 ? 207  LEU A CB  1 
ATOM   526 C CG  . LEU A 1 64  ? -13.517 -9.039  2.522   1.00 35.48 ? 207  LEU A CG  1 
ATOM   527 C CD1 . LEU A 1 64  ? -13.388 -10.144 1.490   1.00 34.79 ? 207  LEU A CD1 1 
ATOM   528 C CD2 . LEU A 1 64  ? -14.298 -7.838  1.989   1.00 35.51 ? 207  LEU A CD2 1 
ATOM   529 N N   . ASP A 1 65  ? -15.748 -9.439  6.459   1.00 37.41 ? 208  ASP A N   1 
ATOM   530 C CA  . ASP A 1 65  ? -16.314 -10.008 7.683   1.00 38.98 ? 208  ASP A CA  1 
ATOM   531 C C   . ASP A 1 65  ? -15.573 -11.013 8.590   1.00 39.22 ? 208  ASP A C   1 
ATOM   532 O O   . ASP A 1 65  ? -15.284 -10.616 9.716   1.00 40.59 ? 208  ASP A O   1 
ATOM   533 C CB  . ASP A 1 65  ? -17.781 -10.395 7.478   1.00 40.62 ? 208  ASP A CB  1 
ATOM   534 C CG  . ASP A 1 65  ? -18.711 -9.200  7.583   1.00 42.84 ? 208  ASP A CG  1 
ATOM   535 O OD1 . ASP A 1 65  ? -18.986 -8.757  8.721   1.00 43.40 ? 208  ASP A OD1 1 
ATOM   536 O OD2 . ASP A 1 65  ? -19.147 -8.684  6.534   1.00 44.29 ? 208  ASP A OD2 1 
ATOM   537 N N   . SER A 1 66  ? -15.215 -12.254 8.223   1.00 38.91 ? 209  SER A N   1 
ATOM   538 C CA  . SER A 1 66  ? -15.356 -13.035 6.982   1.00 38.72 ? 209  SER A CA  1 
ATOM   539 C C   . SER A 1 66  ? -13.916 -13.444 6.634   1.00 38.71 ? 209  SER A C   1 
ATOM   540 O O   . SER A 1 66  ? -13.652 -14.568 6.179   1.00 39.71 ? 209  SER A O   1 
ATOM   541 C CB  . SER A 1 66  ? -15.991 -12.275 5.798   1.00 37.59 ? 209  SER A CB  1 
ATOM   542 O OG  . SER A 1 66  ? -16.439 -13.158 4.783   1.00 35.34 ? 209  SER A OG  1 
ATOM   543 N N   . GLY A 1 67  ? -12.979 -12.558 6.973   1.00 38.41 ? 210  GLY A N   1 
ATOM   544 C CA  . GLY A 1 67  ? -11.577 -12.773 6.659   1.00 36.41 ? 210  GLY A CA  1 
ATOM   545 C C   . GLY A 1 67  ? -11.413 -12.181 5.267   1.00 35.24 ? 210  GLY A C   1 
ATOM   546 O O   . GLY A 1 67  ? -12.375 -11.634 4.705   1.00 35.75 ? 210  GLY A O   1 
ATOM   547 N N   . GLY A 1 68  ? -10.219 -12.259 4.697   1.00 33.28 ? 211  GLY A N   1 
ATOM   548 C CA  . GLY A 1 68  ? -10.037 -11.718 3.357   1.00 30.45 ? 211  GLY A CA  1 
ATOM   549 C C   . GLY A 1 68  ? -9.781  -10.223 3.264   1.00 27.86 ? 211  GLY A C   1 
ATOM   550 O O   . GLY A 1 68  ? -10.173 -9.436  4.144   1.00 27.32 ? 211  GLY A O   1 
ATOM   551 N N   . PHE A 1 69  ? -9.056  -9.844  2.213   1.00 24.31 ? 212  PHE A N   1 
ATOM   552 C CA  . PHE A 1 69  ? -8.697  -8.453  1.971   1.00 21.80 ? 212  PHE A CA  1 
ATOM   553 C C   . PHE A 1 69  ? -8.606  -8.219  0.467   1.00 19.25 ? 212  PHE A C   1 
ATOM   554 O O   . PHE A 1 69  ? -8.256  -9.124  -0.282  1.00 18.78 ? 212  PHE A O   1 
ATOM   555 C CB  . PHE A 1 69  ? -7.306  -8.137  2.565   1.00 20.93 ? 212  PHE A CB  1 
ATOM   556 C CG  . PHE A 1 69  ? -7.105  -8.596  3.989   1.00 20.52 ? 212  PHE A CG  1 
ATOM   557 C CD1 . PHE A 1 69  ? -6.978  -9.942  4.292   1.00 20.89 ? 212  PHE A CD1 1 
ATOM   558 C CD2 . PHE A 1 69  ? -7.009  -7.674  5.024   1.00 18.92 ? 212  PHE A CD2 1 
ATOM   559 C CE1 . PHE A 1 69  ? -6.764  -10.367 5.602   1.00 20.91 ? 212  PHE A CE1 1 
ATOM   560 C CE2 . PHE A 1 69  ? -6.794  -8.091  6.331   1.00 19.82 ? 212  PHE A CE2 1 
ATOM   561 C CZ  . PHE A 1 69  ? -6.673  -9.446  6.621   1.00 19.37 ? 212  PHE A CZ  1 
ATOM   562 N N   . TYR A 1 70  ? -8.853  -6.989  0.037   1.00 16.97 ? 213  TYR A N   1 
ATOM   563 C CA  . TYR A 1 70  ? -8.746  -6.661  -1.373  1.00 15.67 ? 213  TYR A CA  1 
ATOM   564 C C   . TYR A 1 70  ? -8.624  -5.152  -1.660  1.00 15.76 ? 213  TYR A C   1 
ATOM   565 O O   . TYR A 1 70  ? -9.082  -4.323  -0.875  1.00 16.26 ? 213  TYR A O   1 
ATOM   566 C CB  . TYR A 1 70  ? -9.925  -7.265  -2.149  1.00 16.34 ? 213  TYR A CB  1 
ATOM   567 C CG  . TYR A 1 70  ? -11.286 -6.657  -1.863  1.00 16.45 ? 213  TYR A CG  1 
ATOM   568 C CD1 . TYR A 1 70  ? -12.232 -7.342  -1.102  1.00 16.24 ? 213  TYR A CD1 1 
ATOM   569 C CD2 . TYR A 1 70  ? -11.647 -5.407  -2.387  1.00 17.45 ? 213  TYR A CD2 1 
ATOM   570 C CE1 . TYR A 1 70  ? -13.500 -6.817  -0.882  1.00 15.93 ? 213  TYR A CE1 1 
ATOM   571 C CE2 . TYR A 1 70  ? -12.918 -4.865  -2.155  1.00 17.07 ? 213  TYR A CE2 1 
ATOM   572 C CZ  . TYR A 1 70  ? -13.833 -5.579  -1.406  1.00 16.72 ? 213  TYR A CZ  1 
ATOM   573 O OH  . TYR A 1 70  ? -15.088 -5.055  -1.168  1.00 19.89 ? 213  TYR A OH  1 
ATOM   574 N N   . ILE A 1 71  ? -7.934  -4.799  -2.743  1.00 13.77 ? 214  ILE A N   1 
ATOM   575 C CA  . ILE A 1 71  ? -7.840  -3.398  -3.139  1.00 12.42 ? 214  ILE A CA  1 
ATOM   576 C C   . ILE A 1 71  ? -9.058  -3.181  -4.058  1.00 12.11 ? 214  ILE A C   1 
ATOM   577 O O   . ILE A 1 71  ? -9.844  -2.244  -3.846  1.00 12.55 ? 214  ILE A O   1 
ATOM   578 C CB  . ILE A 1 71  ? -6.503  -3.074  -3.830  1.00 11.06 ? 214  ILE A CB  1 
ATOM   579 C CG1 . ILE A 1 71  ? -5.388  -3.035  -2.785  1.00 12.24 ? 214  ILE A CG1 1 
ATOM   580 C CG2 . ILE A 1 71  ? -6.577  -1.745  -4.525  1.00 10.78 ? 214  ILE A CG2 1 
ATOM   581 C CD1 . ILE A 1 71  ? -3.972  -3.113  -3.375  1.00 9.40  ? 214  ILE A CD1 1 
ATOM   582 N N   . TRP A 1 72  ? -9.252  -4.112  -4.998  1.00 10.88 ? 215  TRP A N   1 
ATOM   583 C CA  . TRP A 1 72  ? -10.400 -4.127  -5.928  1.00 11.08 ? 215  TRP A CA  1 
ATOM   584 C C   . TRP A 1 72  ? -11.119 -5.475  -5.687  1.00 10.96 ? 215  TRP A C   1 
ATOM   585 O O   . TRP A 1 72  ? -10.468 -6.517  -5.553  1.00 9.62  ? 215  TRP A O   1 
ATOM   586 C CB  . TRP A 1 72  ? -9.942  -4.015  -7.403  1.00 10.63 ? 215  TRP A CB  1 
ATOM   587 C CG  . TRP A 1 72  ? -9.231  -2.713  -7.722  1.00 12.61 ? 215  TRP A CG  1 
ATOM   588 C CD1 . TRP A 1 72  ? -9.816  -1.516  -8.014  1.00 12.01 ? 215  TRP A CD1 1 
ATOM   589 C CD2 . TRP A 1 72  ? -7.811  -2.471  -7.728  1.00 13.07 ? 215  TRP A CD2 1 
ATOM   590 N NE1 . TRP A 1 72  ? -8.861  -0.547  -8.197  1.00 13.31 ? 215  TRP A NE1 1 
ATOM   591 C CE2 . TRP A 1 72  ? -7.622  -1.102  -8.023  1.00 12.90 ? 215  TRP A CE2 1 
ATOM   592 C CE3 . TRP A 1 72  ? -6.685  -3.275  -7.506  1.00 12.28 ? 215  TRP A CE3 1 
ATOM   593 C CZ2 . TRP A 1 72  ? -6.354  -0.518  -8.103  1.00 13.52 ? 215  TRP A CZ2 1 
ATOM   594 C CZ3 . TRP A 1 72  ? -5.420  -2.698  -7.588  1.00 12.71 ? 215  TRP A CZ3 1 
ATOM   595 C CH2 . TRP A 1 72  ? -5.264  -1.330  -7.882  1.00 14.65 ? 215  TRP A CH2 1 
ATOM   596 N N   . SER A 1 73  ? -12.451 -5.454  -5.648  1.00 11.15 ? 216  SER A N   1 
ATOM   597 C CA  . SER A 1 73  ? -13.244 -6.653  -5.383  1.00 13.42 ? 216  SER A CA  1 
ATOM   598 C C   . SER A 1 73  ? -13.048 -7.853  -6.328  1.00 13.75 ? 216  SER A C   1 
ATOM   599 O O   . SER A 1 73  ? -13.425 -8.967  -5.985  1.00 15.71 ? 216  SER A O   1 
ATOM   600 C CB  . SER A 1 73  ? -14.733 -6.297  -5.321  1.00 13.87 ? 216  SER A CB  1 
ATOM   601 O OG  . SER A 1 73  ? -15.215 -5.915  -6.598  1.00 16.55 ? 216  SER A OG  1 
ATOM   602 N N   . ARG A 1 74  ? -12.481 -7.620  -7.512  1.00 14.49 ? 217  ARG A N   1 
ATOM   603 C CA  . ARG A 1 74  ? -12.251 -8.682  -8.505  1.00 14.94 ? 217  ARG A CA  1 
ATOM   604 C C   . ARG A 1 74  ? -11.042 -9.567  -8.205  1.00 13.51 ? 217  ARG A C   1 
ATOM   605 O O   . ARG A 1 74  ? -10.860 -10.609 -8.848  1.00 14.20 ? 217  ARG A O   1 
ATOM   606 C CB  . ARG A 1 74  ? -12.082 -8.074  -9.915  1.00 17.90 ? 217  ARG A CB  1 
ATOM   607 C CG  . ARG A 1 74  ? -10.969 -6.999  -10.025 1.00 21.77 ? 217  ARG A CG  1 
ATOM   608 C CD  . ARG A 1 74  ? -10.702 -6.538  -11.476 1.00 23.54 ? 217  ARG A CD  1 
ATOM   609 N NE  . ARG A 1 74  ? -9.610  -5.553  -11.561 1.00 23.01 ? 217  ARG A NE  1 
ATOM   610 C CZ  . ARG A 1 74  ? -8.330  -5.860  -11.757 1.00 24.45 ? 217  ARG A CZ  1 
ATOM   611 N NH1 . ARG A 1 74  ? -7.956  -7.131  -11.892 1.00 24.91 ? 217  ARG A NH1 1 
ATOM   612 N NH2 . ARG A 1 74  ? -7.412  -4.902  -11.822 1.00 24.27 ? 217  ARG A NH2 1 
ATOM   613 N N   . THR A 1 75  ? -10.216 -9.142  -7.251  1.00 11.74 ? 218  THR A N   1 
ATOM   614 C CA  . THR A 1 75  ? -8.996  -9.878  -6.873  1.00 10.89 ? 218  THR A CA  1 
ATOM   615 C C   . THR A 1 75  ? -8.933  -9.899  -5.353  1.00 10.77 ? 218  THR A C   1 
ATOM   616 O O   . THR A 1 75  ? -8.612  -8.892  -4.708  1.00 9.99  ? 218  THR A O   1 
ATOM   617 C CB  . THR A 1 75  ? -7.753  -9.186  -7.456  1.00 9.97  ? 218  THR A CB  1 
ATOM   618 O OG1 . THR A 1 75  ? -7.977  -8.949  -8.847  1.00 8.22  ? 218  THR A OG1 1 
ATOM   619 C CG2 . THR A 1 75  ? -6.510  -10.038 -7.277  1.00 9.21  ? 218  THR A CG2 1 
ATOM   620 N N   . GLN A 1 76  ? -9.310  -11.038 -4.778  1.00 10.00 ? 219  GLN A N   1 
ATOM   621 C CA  . GLN A 1 76  ? -9.343  -11.137 -3.341  1.00 10.36 ? 219  GLN A CA  1 
ATOM   622 C C   . GLN A 1 76  ? -8.338  -12.087 -2.740  1.00 10.60 ? 219  GLN A C   1 
ATOM   623 O O   . GLN A 1 76  ? -7.869  -13.001 -3.408  1.00 10.13 ? 219  GLN A O   1 
ATOM   624 C CB  . GLN A 1 76  ? -10.766 -11.408 -2.892  1.00 11.68 ? 219  GLN A CB  1 
ATOM   625 C CG  . GLN A 1 76  ? -11.753 -10.369 -3.472  1.00 9.29  ? 219  GLN A CG  1 
ATOM   626 C CD  . GLN A 1 76  ? -13.137 -10.502 -2.883  1.00 12.09 ? 219  GLN A CD  1 
ATOM   627 O OE1 . GLN A 1 76  ? -13.296 -11.012 -1.769  1.00 11.10 ? 219  GLN A OE1 1 
ATOM   628 N NE2 . GLN A 1 76  ? -14.156 -10.058 -3.630  1.00 10.09 ? 219  GLN A NE2 1 
ATOM   629 N N   . PHE A 1 77  ? -8.021  -11.870 -1.465  1.00 10.82 ? 220  PHE A N   1 
ATOM   630 C CA  . PHE A 1 77  ? -6.995  -12.668 -0.795  1.00 11.39 ? 220  PHE A CA  1 
ATOM   631 C C   . PHE A 1 77  ? -7.399  -13.071 0.600   1.00 12.64 ? 220  PHE A C   1 
ATOM   632 O O   . PHE A 1 77  ? -8.173  -12.372 1.266   1.00 11.70 ? 220  PHE A O   1 
ATOM   633 C CB  . PHE A 1 77  ? -5.712  -11.854 -0.690  1.00 10.50 ? 220  PHE A CB  1 
ATOM   634 C CG  . PHE A 1 77  ? -5.194  -11.375 -2.006  1.00 10.09 ? 220  PHE A CG  1 
ATOM   635 C CD1 . PHE A 1 77  ? -4.366  -12.192 -2.787  1.00 9.16  ? 220  PHE A CD1 1 
ATOM   636 C CD2 . PHE A 1 77  ? -5.544  -10.121 -2.487  1.00 9.07  ? 220  PHE A CD2 1 
ATOM   637 C CE1 . PHE A 1 77  ? -3.902  -11.753 -4.027  1.00 9.07  ? 220  PHE A CE1 1 
ATOM   638 C CE2 . PHE A 1 77  ? -5.086  -9.674  -3.730  1.00 8.99  ? 220  PHE A CE2 1 
ATOM   639 C CZ  . PHE A 1 77  ? -4.261  -10.495 -4.501  1.00 9.34  ? 220  PHE A CZ  1 
ATOM   640 N N   . SER A 1 78  ? -6.847  -14.192 1.050   1.00 13.90 ? 221  SER A N   1 
ATOM   641 C CA  . SER A 1 78  ? -7.133  -14.686 2.388   1.00 14.85 ? 221  SER A CA  1 
ATOM   642 C C   . SER A 1 78  ? -6.336  -13.918 3.439   1.00 14.56 ? 221  SER A C   1 
ATOM   643 O O   . SER A 1 78  ? -6.763  -13.844 4.577   1.00 17.25 ? 221  SER A O   1 
ATOM   644 C CB  . SER A 1 78  ? -6.817  -16.186 2.501   1.00 14.86 ? 221  SER A CB  1 
ATOM   645 O OG  . SER A 1 78  ? -7.714  -16.965 1.719   1.00 18.38 ? 221  SER A OG  1 
ATOM   646 N N   . SER A 1 79  ? -5.194  -13.333 3.051   1.00 14.87 ? 222  SER A N   1 
ATOM   647 C CA  . SER A 1 79  ? -4.344  -12.597 3.996   1.00 13.78 ? 222  SER A CA  1 
ATOM   648 C C   . SER A 1 79  ? -3.558  -11.430 3.405   1.00 12.80 ? 222  SER A C   1 
ATOM   649 O O   . SER A 1 79  ? -3.479  -11.272 2.203   1.00 12.67 ? 222  SER A O   1 
ATOM   650 C CB  . SER A 1 79  ? -3.338  -13.556 4.636   1.00 13.02 ? 222  SER A CB  1 
ATOM   651 O OG  . SER A 1 79  ? -2.376  -13.959 3.684   1.00 12.10 ? 222  SER A OG  1 
ATOM   652 N N   . LEU A 1 80  ? -2.976  -10.607 4.268   1.00 13.77 ? 223  LEU A N   1 
ATOM   653 C CA  . LEU A 1 80  ? -2.170  -9.488  3.798   1.00 12.76 ? 223  LEU A CA  1 
ATOM   654 C C   . LEU A 1 80  ? -0.873  -9.975  3.153   1.00 12.81 ? 223  LEU A C   1 
ATOM   655 O O   . LEU A 1 80  ? -0.432  -9.405  2.155   1.00 13.79 ? 223  LEU A O   1 
ATOM   656 C CB  . LEU A 1 80  ? -1.897  -8.490  4.923   1.00 11.30 ? 223  LEU A CB  1 
ATOM   657 C CG  . LEU A 1 80  ? -3.080  -7.622  5.377   1.00 12.14 ? 223  LEU A CG  1 
ATOM   658 C CD1 . LEU A 1 80  ? -2.674  -6.817  6.587   1.00 10.15 ? 223  LEU A CD1 1 
ATOM   659 C CD2 . LEU A 1 80  ? -3.516  -6.666  4.230   1.00 11.51 ? 223  LEU A CD2 1 
ATOM   660 N N   . GLN A 1 81  ? -0.288  -11.062 3.648   1.00 14.85 ? 224  GLN A N   1 
ATOM   661 C CA  . GLN A 1 81  ? 0.946   -11.561 3.007   1.00 16.23 ? 224  GLN A CA  1 
ATOM   662 C C   . GLN A 1 81  ? 0.660   -12.035 1.582   1.00 14.70 ? 224  GLN A C   1 
ATOM   663 O O   . GLN A 1 81  ? 1.410   -11.714 0.679   1.00 14.71 ? 224  GLN A O   1 
ATOM   664 C CB  . GLN A 1 81  ? 1.693   -12.624 3.851   1.00 19.62 ? 224  GLN A CB  1 
ATOM   665 C CG  . GLN A 1 81  ? 0.901   -13.853 4.248   1.00 26.42 ? 224  GLN A CG  1 
ATOM   666 C CD  . GLN A 1 81  ? 1.542   -14.653 5.385   1.00 31.35 ? 224  GLN A CD  1 
ATOM   667 O OE1 . GLN A 1 81  ? 1.335   -14.353 6.567   1.00 34.01 ? 224  GLN A OE1 1 
ATOM   668 N NE2 . GLN A 1 81  ? 2.299   -15.694 5.033   1.00 32.82 ? 224  GLN A NE2 1 
ATOM   669 N N   . GLN A 1 82  ? -0.456  -12.730 1.363   1.00 14.99 ? 225  GLN A N   1 
ATOM   670 C CA  . GLN A 1 82  ? -0.834  -13.182 0.008   1.00 14.95 ? 225  GLN A CA  1 
ATOM   671 C C   . GLN A 1 82  ? -1.005  -11.985 -0.948  1.00 12.64 ? 225  GLN A C   1 
ATOM   672 O O   . GLN A 1 82  ? -0.584  -12.037 -2.096  1.00 13.83 ? 225  GLN A O   1 
ATOM   673 C CB  . GLN A 1 82  ? -2.166  -13.955 0.034   1.00 16.08 ? 225  GLN A CB  1 
ATOM   674 C CG  . GLN A 1 82  ? -2.076  -15.419 0.347   1.00 17.76 ? 225  GLN A CG  1 
ATOM   675 C CD  . GLN A 1 82  ? -3.445  -16.083 0.294   1.00 21.49 ? 225  GLN A CD  1 
ATOM   676 O OE1 . GLN A 1 82  ? -4.460  -15.432 -0.007  1.00 23.49 ? 225  GLN A OE1 1 
ATOM   677 N NE2 . GLN A 1 82  ? -3.488  -17.372 0.602   1.00 18.60 ? 225  GLN A NE2 1 
ATOM   678 N N   . LEU A 1 83  ? -1.675  -10.938 -0.474  1.00 12.29 ? 226  LEU A N   1 
ATOM   679 C CA  . LEU A 1 83  ? -1.904  -9.721  -1.269  1.00 11.43 ? 226  LEU A CA  1 
ATOM   680 C C   . LEU A 1 83  ? -0.576  -9.105  -1.733  1.00 11.32 ? 226  LEU A C   1 
ATOM   681 O O   . LEU A 1 83  ? -0.427  -8.779  -2.900  1.00 10.88 ? 226  LEU A O   1 
ATOM   682 C CB  . LEU A 1 83  ? -2.663  -8.697  -0.449  1.00 10.51 ? 226  LEU A CB  1 
ATOM   683 C CG  . LEU A 1 83  ? -3.038  -7.341  -1.053  1.00 9.73  ? 226  LEU A CG  1 
ATOM   684 C CD1 . LEU A 1 83  ? -4.311  -6.850  -0.375  1.00 11.35 ? 226  LEU A CD1 1 
ATOM   685 C CD2 . LEU A 1 83  ? -1.914  -6.332  -0.886  1.00 11.25 ? 226  LEU A CD2 1 
ATOM   686 N N   . VAL A 1 84  ? 0.354   -8.905  -0.805  1.00 9.79  ? 227  VAL A N   1 
ATOM   687 C CA  . VAL A 1 84  ? 1.655   -8.336  -1.139  1.00 11.90 ? 227  VAL A CA  1 
ATOM   688 C C   . VAL A 1 84  ? 2.394   -9.260  -2.130  1.00 11.43 ? 227  VAL A C   1 
ATOM   689 O O   . VAL A 1 84  ? 2.913   -8.793  -3.122  1.00 14.08 ? 227  VAL A O   1 
ATOM   690 C CB  . VAL A 1 84  ? 2.505   -8.100  0.130   1.00 9.85  ? 227  VAL A CB  1 
ATOM   691 C CG1 . VAL A 1 84  ? 3.960   -7.757  -0.242  1.00 12.90 ? 227  VAL A CG1 1 
ATOM   692 C CG2 . VAL A 1 84  ? 1.906   -6.978  0.940   1.00 13.28 ? 227  VAL A CG2 1 
ATOM   693 N N   . ALA A 1 85  ? 2.421   -10.563 -1.867  1.00 11.80 ? 228  ALA A N   1 
ATOM   694 C CA  . ALA A 1 85  ? 3.078   -11.522 -2.775  1.00 11.18 ? 228  ALA A CA  1 
ATOM   695 C C   . ALA A 1 85  ? 2.552   -11.352 -4.201  1.00 11.14 ? 228  ALA A C   1 
ATOM   696 O O   . ALA A 1 85  ? 3.321   -11.256 -5.149  1.00 12.86 ? 228  ALA A O   1 
ATOM   697 C CB  . ALA A 1 85  ? 2.826   -12.951 -2.296  1.00 9.97  ? 228  ALA A CB  1 
ATOM   698 N N   . TYR A 1 86  ? 1.235   -11.276 -4.349  1.00 12.46 ? 229  TYR A N   1 
ATOM   699 C CA  . TYR A 1 86  ? 0.639   -11.117 -5.673  1.00 12.31 ? 229  TYR A CA  1 
ATOM   700 C C   . TYR A 1 86  ? 1.079   -9.847  -6.400  1.00 11.98 ? 229  TYR A C   1 
ATOM   701 O O   . TYR A 1 86  ? 1.649   -9.926  -7.480  1.00 11.43 ? 229  TYR A O   1 
ATOM   702 C CB  . TYR A 1 86  ? -0.882  -11.140 -5.587  1.00 13.19 ? 229  TYR A CB  1 
ATOM   703 C CG  . TYR A 1 86  ? -1.556  -10.965 -6.941  1.00 12.13 ? 229  TYR A CG  1 
ATOM   704 C CD1 . TYR A 1 86  ? -1.503  -11.980 -7.887  1.00 12.85 ? 229  TYR A CD1 1 
ATOM   705 C CD2 . TYR A 1 86  ? -2.209  -9.773  -7.281  1.00 13.23 ? 229  TYR A CD2 1 
ATOM   706 C CE1 . TYR A 1 86  ? -2.068  -11.826 -9.134  1.00 13.47 ? 229  TYR A CE1 1 
ATOM   707 C CE2 . TYR A 1 86  ? -2.783  -9.605  -8.534  1.00 12.95 ? 229  TYR A CE2 1 
ATOM   708 C CZ  . TYR A 1 86  ? -2.701  -10.654 -9.455  1.00 13.66 ? 229  TYR A CZ  1 
ATOM   709 O OH  . TYR A 1 86  ? -3.256  -10.559 -10.699 1.00 15.91 ? 229  TYR A OH  1 
ATOM   710 N N   . TYR A 1 87  ? 0.797   -8.681  -5.807  1.00 13.06 ? 230  TYR A N   1 
ATOM   711 C CA  . TYR A 1 87  ? 1.141   -7.384  -6.401  1.00 11.74 ? 230  TYR A CA  1 
ATOM   712 C C   . TYR A 1 87  ? 2.652   -7.173  -6.563  1.00 12.22 ? 230  TYR A C   1 
ATOM   713 O O   . TYR A 1 87  ? 3.089   -6.262  -7.264  1.00 12.80 ? 230  TYR A O   1 
ATOM   714 C CB  . TYR A 1 87  ? 0.479   -6.228  -5.635  1.00 11.40 ? 230  TYR A CB  1 
ATOM   715 C CG  . TYR A 1 87  ? -1.040  -6.207  -5.816  1.00 13.63 ? 230  TYR A CG  1 
ATOM   716 C CD1 . TYR A 1 87  ? -1.611  -5.876  -7.053  1.00 12.41 ? 230  TYR A CD1 1 
ATOM   717 C CD2 . TYR A 1 87  ? -1.892  -6.569  -4.776  1.00 11.50 ? 230  TYR A CD2 1 
ATOM   718 C CE1 . TYR A 1 87  ? -2.988  -5.911  -7.243  1.00 12.15 ? 230  TYR A CE1 1 
ATOM   719 C CE2 . TYR A 1 87  ? -3.276  -6.610  -4.960  1.00 13.51 ? 230  TYR A CE2 1 
ATOM   720 C CZ  . TYR A 1 87  ? -3.810  -6.282  -6.195  1.00 10.64 ? 230  TYR A CZ  1 
ATOM   721 O OH  . TYR A 1 87  ? -5.154  -6.356  -6.389  1.00 11.70 ? 230  TYR A OH  1 
ATOM   722 N N   . SER A 1 88  ? 3.439   -8.003  -5.889  1.00 12.98 ? 231  SER A N   1 
ATOM   723 C CA  . SER A 1 88  ? 4.897   -7.951  -6.015  1.00 13.89 ? 231  SER A CA  1 
ATOM   724 C C   . SER A 1 88  ? 5.323   -8.569  -7.350  1.00 13.84 ? 231  SER A C   1 
ATOM   725 O O   . SER A 1 88  ? 6.469   -8.388  -7.765  1.00 14.70 ? 231  SER A O   1 
ATOM   726 C CB  . SER A 1 88  ? 5.575   -8.711  -4.873  1.00 13.11 ? 231  SER A CB  1 
ATOM   727 O OG  . SER A 1 88  ? 5.416   -8.031  -3.643  1.00 17.14 ? 231  SER A OG  1 
ATOM   728 N N   . LYS A 1 89  ? 4.420   -9.316  -7.999  1.00 12.81 ? 232  LYS A N   1 
ATOM   729 C CA  . LYS A 1 89  ? 4.709   -9.939  -9.297  1.00 14.43 ? 232  LYS A CA  1 
ATOM   730 C C   . LYS A 1 89  ? 3.849   -9.350  -10.410 1.00 15.48 ? 232  LYS A C   1 
ATOM   731 O O   . LYS A 1 89  ? 4.277   -9.317  -11.555 1.00 13.72 ? 232  LYS A O   1 
ATOM   732 C CB  . LYS A 1 89  ? 4.485   -11.450 -9.285  1.00 17.59 ? 232  LYS A CB  1 
ATOM   733 C CG  . LYS A 1 89  ? 4.845   -12.170 -8.001  1.00 20.59 ? 232  LYS A CG  1 
ATOM   734 C CD  . LYS A 1 89  ? 5.115   -13.626 -8.300  1.00 23.86 ? 232  LYS A CD  1 
ATOM   735 C CE  . LYS A 1 89  ? 4.737   -14.502 -7.153  1.00 27.80 ? 232  LYS A CE  1 
ATOM   736 N NZ  . LYS A 1 89  ? 3.256   -14.586 -7.110  1.00 30.89 ? 232  LYS A NZ  1 
ATOM   737 N N   . HIS A 1 90  ? 2.636   -8.901  -10.074 1.00 15.53 ? 233  HIS A N   1 
ATOM   738 C CA  . HIS A 1 90  ? 1.730   -8.299  -11.059 1.00 16.61 ? 233  HIS A CA  1 
ATOM   739 C C   . HIS A 1 90  ? 1.160   -6.965  -10.571 1.00 17.14 ? 233  HIS A C   1 
ATOM   740 O O   . HIS A 1 90  ? 0.562   -6.917  -9.500  1.00 16.42 ? 233  HIS A O   1 
ATOM   741 C CB  . HIS A 1 90  ? 0.542   -9.227  -11.375 1.00 17.91 ? 233  HIS A CB  1 
ATOM   742 C CG  . HIS A 1 90  ? 0.942   -10.622 -11.741 1.00 21.25 ? 233  HIS A CG  1 
ATOM   743 N ND1 . HIS A 1 90  ? 1.026   -11.643 -10.811 1.00 21.97 ? 233  HIS A ND1 1 
ATOM   744 C CD2 . HIS A 1 90  ? 1.326   -11.158 -12.924 1.00 20.62 ? 233  HIS A CD2 1 
ATOM   745 C CE1 . HIS A 1 90  ? 1.446   -12.741 -11.409 1.00 21.71 ? 233  HIS A CE1 1 
ATOM   746 N NE2 . HIS A 1 90  ? 1.635   -12.474 -12.689 1.00 21.83 ? 233  HIS A NE2 1 
ATOM   747 N N   . ALA A 1 91  ? 1.321   -5.910  -11.380 1.00 17.38 ? 234  ALA A N   1 
ATOM   748 C CA  . ALA A 1 91  ? 0.784   -4.572  -11.091 1.00 16.69 ? 234  ALA A CA  1 
ATOM   749 C C   . ALA A 1 91  ? -0.720  -4.729  -10.910 1.00 17.39 ? 234  ALA A C   1 
ATOM   750 O O   . ALA A 1 91  ? -1.276  -4.321  -9.880  1.00 14.13 ? 234  ALA A O   1 
ATOM   751 C CB  . ALA A 1 91  ? 1.042   -3.647  -12.256 1.00 17.09 ? 234  ALA A CB  1 
ATOM   752 N N   . ASP A 1 92  ? -1.342  -5.298  -11.956 1.00 17.34 ? 235  ASP A N   1 
ATOM   753 C CA  . ASP A 1 92  ? -2.778  -5.607  -12.046 1.00 18.08 ? 235  ASP A CA  1 
ATOM   754 C C   . ASP A 1 92  ? -3.666  -4.570  -11.351 1.00 18.04 ? 235  ASP A C   1 
ATOM   755 O O   . ASP A 1 92  ? -4.438  -4.910  -10.463 1.00 17.91 ? 235  ASP A O   1 
ATOM   756 C CB  . ASP A 1 92  ? -3.014  -7.016  -11.467 1.00 20.61 ? 235  ASP A CB  1 
ATOM   757 C CG  . ASP A 1 92  ? -4.438  -7.545  -11.691 1.00 23.70 ? 235  ASP A CG  1 
ATOM   758 O OD1 . ASP A 1 92  ? -5.144  -7.117  -12.637 1.00 22.77 ? 235  ASP A OD1 1 
ATOM   759 O OD2 . ASP A 1 92  ? -4.844  -8.439  -10.912 1.00 23.31 ? 235  ASP A OD2 1 
ATOM   760 N N   . GLY A 1 93  ? -3.548  -3.311  -11.776 1.00 17.23 ? 236  GLY A N   1 
ATOM   761 C CA  . GLY A 1 93  ? -4.331  -2.233  -11.193 1.00 16.10 ? 236  GLY A CA  1 
ATOM   762 C C   . GLY A 1 93  ? -3.385  -1.125  -10.753 1.00 15.91 ? 236  GLY A C   1 
ATOM   763 O O   . GLY A 1 93  ? -3.663  0.063   -10.932 1.00 12.58 ? 236  GLY A O   1 
ATOM   764 N N   . LEU A 1 94  ? -2.288  -1.538  -10.116 1.00 15.59 ? 237  LEU A N   1 
ATOM   765 C CA  . LEU A 1 94  ? -1.250  -0.626  -9.663  1.00 16.11 ? 237  LEU A CA  1 
ATOM   766 C C   . LEU A 1 94  ? -0.523  -0.062  -10.889 1.00 17.74 ? 237  LEU A C   1 
ATOM   767 O O   . LEU A 1 94  ? -0.562  -0.648  -11.976 1.00 16.59 ? 237  LEU A O   1 
ATOM   768 C CB  . LEU A 1 94  ? -0.218  -1.377  -8.818  1.00 13.32 ? 237  LEU A CB  1 
ATOM   769 C CG  . LEU A 1 94  ? -0.695  -2.167  -7.601  1.00 12.05 ? 237  LEU A CG  1 
ATOM   770 C CD1 . LEU A 1 94  ? 0.513   -2.703  -6.856  1.00 11.16 ? 237  LEU A CD1 1 
ATOM   771 C CD2 . LEU A 1 94  ? -1.550  -1.305  -6.692  1.00 10.21 ? 237  LEU A CD2 1 
ATOM   772 N N   . CYS A 1 95  ? 0.129   1.082   -10.709 1.00 19.14 ? 238  CYS A N   1 
ATOM   773 C CA  . CYS A 1 95  ? 0.900   1.703   -11.774 1.00 20.24 ? 238  CYS A CA  1 
ATOM   774 C C   . CYS A 1 95  ? 2.135   0.855   -12.021 1.00 21.48 ? 238  CYS A C   1 
ATOM   775 O O   . CYS A 1 95  ? 2.651   0.777   -13.142 1.00 22.03 ? 238  CYS A O   1 
ATOM   776 C CB  . CYS A 1 95  ? 1.359   3.083   -11.349 1.00 19.56 ? 238  CYS A CB  1 
ATOM   777 S SG  . CYS A 1 95  ? 0.008   4.175   -10.994 1.00 21.16 ? 238  CYS A SG  1 
ATOM   778 N N   . HIS A 1 96  ? 2.615   0.230   -10.955 1.00 22.34 ? 239  HIS A N   1 
ATOM   779 C CA  . HIS A 1 96  ? 3.803   -0.598  -11.046 1.00 23.28 ? 239  HIS A CA  1 
ATOM   780 C C   . HIS A 1 96  ? 3.788   -1.712  -10.010 1.00 22.57 ? 239  HIS A C   1 
ATOM   781 O O   . HIS A 1 96  ? 3.081   -1.659  -9.008  1.00 21.35 ? 239  HIS A O   1 
ATOM   782 C CB  . HIS A 1 96  ? 5.048   0.273   -10.854 1.00 24.52 ? 239  HIS A CB  1 
ATOM   783 C CG  . HIS A 1 96  ? 6.314   -0.362  -11.335 1.00 26.60 ? 239  HIS A CG  1 
ATOM   784 N ND1 . HIS A 1 96  ? 7.212   -0.972  -10.486 1.00 26.90 ? 239  HIS A ND1 1 
ATOM   785 C CD2 . HIS A 1 96  ? 6.837   -0.474  -12.580 1.00 26.84 ? 239  HIS A CD2 1 
ATOM   786 C CE1 . HIS A 1 96  ? 8.235   -1.429  -11.187 1.00 28.63 ? 239  HIS A CE1 1 
ATOM   787 N NE2 . HIS A 1 96  ? 8.032   -1.143  -12.459 1.00 28.49 ? 239  HIS A NE2 1 
ATOM   788 N N   . ARG A 1 97  ? 4.591   -2.724  -10.284 1.00 22.15 ? 240  ARG A N   1 
ATOM   789 C CA  . ARG A 1 97  ? 4.741   -3.865  -9.427  1.00 22.75 ? 240  ARG A CA  1 
ATOM   790 C C   . ARG A 1 97  ? 5.409   -3.407  -8.126  1.00 21.63 ? 240  ARG A C   1 
ATOM   791 O O   . ARG A 1 97  ? 6.223   -2.473  -8.128  1.00 19.87 ? 240  ARG A O   1 
ATOM   792 C CB  . ARG A 1 97  ? 5.617   -4.864  -10.170 1.00 27.26 ? 240  ARG A CB  1 
ATOM   793 C CG  . ARG A 1 97  ? 5.943   -6.120  -9.438  1.00 32.15 ? 240  ARG A CG  1 
ATOM   794 C CD  . ARG A 1 97  ? 6.630   -7.114  -10.380 1.00 35.36 ? 240  ARG A CD  1 
ATOM   795 N NE  . ARG A 1 97  ? 7.825   -6.572  -11.028 1.00 37.84 ? 240  ARG A NE  1 
ATOM   796 C CZ  . ARG A 1 97  ? 8.964   -6.294  -10.401 1.00 39.70 ? 240  ARG A CZ  1 
ATOM   797 N NH1 . ARG A 1 97  ? 9.078   -6.502  -9.090  1.00 39.83 ? 240  ARG A NH1 1 
ATOM   798 N NH2 . ARG A 1 97  ? 9.997   -5.826  -11.089 1.00 41.06 ? 240  ARG A NH2 1 
ATOM   799 N N   . LEU A 1 98  ? 5.019   -4.016  -7.011  1.00 19.67 ? 241  LEU A N   1 
ATOM   800 C CA  . LEU A 1 98  ? 5.609   -3.676  -5.720  1.00 18.95 ? 241  LEU A CA  1 
ATOM   801 C C   . LEU A 1 98  ? 7.042   -4.182  -5.811  1.00 20.79 ? 241  LEU A C   1 
ATOM   802 O O   . LEU A 1 98  ? 7.296   -5.387  -5.917  1.00 19.36 ? 241  LEU A O   1 
ATOM   803 C CB  . LEU A 1 98  ? 4.838   -4.339  -4.574  1.00 17.39 ? 241  LEU A CB  1 
ATOM   804 C CG  . LEU A 1 98  ? 3.410   -3.820  -4.409  1.00 16.37 ? 241  LEU A CG  1 
ATOM   805 C CD1 . LEU A 1 98  ? 2.752   -4.396  -3.155  1.00 13.53 ? 241  LEU A CD1 1 
ATOM   806 C CD2 . LEU A 1 98  ? 3.434   -2.277  -4.363  1.00 14.59 ? 241  LEU A CD2 1 
ATOM   807 N N   . THR A 1 99  ? 7.961   -3.227  -5.835  1.00 22.25 ? 242  THR A N   1 
ATOM   808 C CA  . THR A 1 99  ? 9.376   -3.495  -6.008  1.00 24.69 ? 242  THR A CA  1 
ATOM   809 C C   . THR A 1 99  ? 10.219  -3.672  -4.767  1.00 26.27 ? 242  THR A C   1 
ATOM   810 O O   . THR A 1 99  ? 11.064  -4.552  -4.717  1.00 26.87 ? 242  THR A O   1 
ATOM   811 C CB  . THR A 1 99  ? 10.069  -2.344  -6.810  1.00 25.54 ? 242  THR A CB  1 
ATOM   812 O OG1 . THR A 1 99  ? 10.101  -1.152  -6.012  1.00 25.32 ? 242  THR A OG1 1 
ATOM   813 C CG2 . THR A 1 99  ? 9.332   -2.032  -8.100  1.00 25.27 ? 242  THR A CG2 1 
ATOM   814 N N   . ASN A 1 100 ? 10.000  -2.839  -3.762  1.00 27.38 ? 243  ASN A N   1 
ATOM   815 C CA  . ASN A 1 100 ? 10.870  -2.890  -2.605  1.00 28.12 ? 243  ASN A CA  1 
ATOM   816 C C   . ASN A 1 100 ? 10.219  -2.520  -1.280  1.00 28.39 ? 243  ASN A C   1 
ATOM   817 O O   . ASN A 1 100 ? 9.402   -1.604  -1.193  1.00 26.81 ? 243  ASN A O   1 
ATOM   818 C CB  . ASN A 1 100 ? 12.061  -1.965  -2.904  1.00 29.30 ? 243  ASN A CB  1 
ATOM   819 C CG  . ASN A 1 100 ? 13.099  -1.946  -1.808  1.00 30.90 ? 243  ASN A CG  1 
ATOM   820 O OD1 . ASN A 1 100 ? 13.695  -2.976  -1.474  1.00 31.54 ? 243  ASN A OD1 1 
ATOM   821 N ND2 . ASN A 1 100 ? 13.337  -0.757  -1.249  1.00 30.86 ? 243  ASN A ND2 1 
ATOM   822 N N   . VAL A 1 101 ? 10.615  -3.247  -0.244  1.00 29.02 ? 244  VAL A N   1 
ATOM   823 C CA  . VAL A 1 101 ? 10.115  -3.014  1.096   1.00 28.99 ? 244  VAL A CA  1 
ATOM   824 C C   . VAL A 1 101 ? 10.707  -1.698  1.558   1.00 28.71 ? 244  VAL A C   1 
ATOM   825 O O   . VAL A 1 101 ? 11.880  -1.436  1.333   1.00 28.43 ? 244  VAL A O   1 
ATOM   826 C CB  . VAL A 1 101 ? 10.572  -4.138  2.033   1.00 28.66 ? 244  VAL A CB  1 
ATOM   827 C CG1 . VAL A 1 101 ? 10.058  -3.900  3.436   1.00 28.05 ? 244  VAL A CG1 1 
ATOM   828 C CG2 . VAL A 1 101 ? 10.097  -5.476  1.488   1.00 28.49 ? 244  VAL A CG2 1 
ATOM   829 N N   . CYS A 1 102 ? 9.870   -0.849  2.138   1.00 29.99 ? 245  CYS A N   1 
ATOM   830 C CA  . CYS A 1 102 ? 10.313  0.442   2.640   1.00 31.09 ? 245  CYS A CA  1 
ATOM   831 C C   . CYS A 1 102 ? 11.087  0.285   3.942   1.00 33.40 ? 245  CYS A C   1 
ATOM   832 O O   . CYS A 1 102 ? 10.557  -0.241  4.921   1.00 33.45 ? 245  CYS A O   1 
ATOM   833 C CB  . CYS A 1 102 ? 9.117   1.355   2.876   1.00 29.80 ? 245  CYS A CB  1 
ATOM   834 S SG  . CYS A 1 102 ? 9.581   2.965   3.549   1.00 25.70 ? 245  CYS A SG  1 
ATOM   835 N N   . PRO A 1 103 ? 12.340  0.770   3.981   1.00 36.19 ? 246  PRO A N   1 
ATOM   836 C CA  . PRO A 1 103 ? 13.226  0.702   5.153   1.00 38.25 ? 246  PRO A CA  1 
ATOM   837 C C   . PRO A 1 103 ? 12.664  1.398   6.399   1.00 39.95 ? 246  PRO A C   1 
ATOM   838 O O   . PRO A 1 103 ? 12.142  2.507   6.307   1.00 40.48 ? 246  PRO A O   1 
ATOM   839 C CB  . PRO A 1 103 ? 14.495  1.420   4.668   1.00 38.34 ? 246  PRO A CB  1 
ATOM   840 C CG  . PRO A 1 103 ? 14.476  1.209   3.184   1.00 38.47 ? 246  PRO A CG  1 
ATOM   841 C CD  . PRO A 1 103 ? 13.017  1.437   2.853   1.00 37.16 ? 246  PRO A CD  1 
ATOM   842 N N   . THR A 1 104 ? 12.786  0.738   7.553   1.00 42.35 ? 247  THR A N   1 
ATOM   843 C CA  . THR A 1 104 ? 12.316  1.280   8.834   1.00 44.17 ? 247  THR A CA  1 
ATOM   844 C C   . THR A 1 104 ? 13.461  2.065   9.493   1.00 44.56 ? 247  THR A C   1 
ATOM   845 O O   . THR A 1 104 ? 14.023  1.593   10.511  1.00 45.12 ? 247  THR A O   1 
ATOM   846 C CB  . THR A 1 104 ? 11.854  0.153   9.816   1.00 45.20 ? 247  THR A CB  1 
ATOM   847 O OG1 . THR A 1 104 ? 11.063  -0.820  9.120   1.00 46.75 ? 247  THR A OG1 1 
ATOM   848 C CG2 . THR A 1 104 ? 11.014  0.747   10.954  1.00 46.75 ? 247  THR A CG2 1 
ATOM   849 O OXT . THR A 1 104 ? 13.812  3.138   8.960   1.00 44.80 ? 247  THR A OXT 1 
ATOM   850 N N   . SER B 2 1   ? -7.659  10.342  0.593   1.00 21.81 ? 316  SER B N   1 
ATOM   851 C CA  . SER B 2 1   ? -7.259  10.278  -0.842  1.00 19.69 ? 316  SER B CA  1 
ATOM   852 C C   . SER B 2 1   ? -6.688  8.907   -1.238  1.00 18.21 ? 316  SER B C   1 
ATOM   853 O O   . SER B 2 1   ? -5.500  8.619   -1.020  1.00 18.36 ? 316  SER B O   1 
ATOM   854 C CB  . SER B 2 1   ? -6.210  11.350  -1.178  1.00 19.96 ? 316  SER B CB  1 
ATOM   855 O OG  . SER B 2 1   ? -5.682  11.133  -2.488  1.00 20.31 ? 316  SER B OG  1 
HETATM 856 N N   . PTR B 2 2   ? -7.552  8.025   -1.721  1.00 16.25 ? 317  PTR B N   1 
HETATM 857 C CA  . PTR B 2 2   ? -7.112  6.714   -2.184  1.00 15.77 ? 317  PTR B CA  1 
HETATM 858 C C   . PTR B 2 2   ? -7.420  6.600   -3.679  1.00 14.99 ? 317  PTR B C   1 
HETATM 859 O O   . PTR B 2 2   ? -8.526  6.924   -4.113  1.00 15.17 ? 317  PTR B O   1 
HETATM 860 C CB  . PTR B 2 2   ? -7.839  5.587   -1.453  1.00 17.54 ? 317  PTR B CB  1 
HETATM 861 C CG  . PTR B 2 2   ? -7.693  5.544   0.048   1.00 20.40 ? 317  PTR B CG  1 
HETATM 862 C CD1 . PTR B 2 2   ? -8.827  5.386   0.858   1.00 24.45 ? 317  PTR B CD1 1 
HETATM 863 C CD2 . PTR B 2 2   ? -6.445  5.612   0.670   1.00 19.75 ? 317  PTR B CD2 1 
HETATM 864 C CE1 . PTR B 2 2   ? -8.730  5.277   2.261   1.00 22.91 ? 317  PTR B CE1 1 
HETATM 865 C CE2 . PTR B 2 2   ? -6.322  5.529   2.090   1.00 21.52 ? 317  PTR B CE2 1 
HETATM 866 C CZ  . PTR B 2 2   ? -7.477  5.361   2.887   1.00 23.61 ? 317  PTR B CZ  1 
HETATM 867 O OH  . PTR B 2 2   ? -7.431  5.475   4.273   1.00 24.02 ? 317  PTR B OH  1 
HETATM 868 P P   . PTR B 2 2   ? -6.303  6.233   5.009   1.00 20.92 ? 317  PTR B P   1 
HETATM 869 O O1P . PTR B 2 2   ? -6.838  7.561   5.577   1.00 21.28 ? 317  PTR B O1P 1 
HETATM 870 O O2P . PTR B 2 2   ? -5.115  6.596   4.093   1.00 25.29 ? 317  PTR B O2P 1 
HETATM 871 O O3P . PTR B 2 2   ? -5.720  5.443   6.199   1.00 21.79 ? 317  PTR B O3P 1 
ATOM   872 N N   . VAL B 2 3   ? -6.448  6.102   -4.445  1.00 13.53 ? 318  VAL B N   1 
ATOM   873 C CA  . VAL B 2 3   ? -6.560  5.905   -5.886  1.00 12.58 ? 318  VAL B CA  1 
ATOM   874 C C   . VAL B 2 3   ? -7.768  5.045   -6.283  1.00 12.25 ? 318  VAL B C   1 
ATOM   875 O O   . VAL B 2 3   ? -8.418  5.307   -7.307  1.00 11.52 ? 318  VAL B O   1 
ATOM   876 C CB  . VAL B 2 3   ? -5.265  5.215   -6.442  1.00 13.66 ? 318  VAL B CB  1 
ATOM   877 C CG1 . VAL B 2 3   ? -5.416  4.900   -7.929  1.00 9.92  ? 318  VAL B CG1 1 
ATOM   878 C CG2 . VAL B 2 3   ? -4.027  6.075   -6.169  1.00 13.68 ? 318  VAL B CG2 1 
ATOM   879 N N   . ASN B 2 4   ? -8.046  3.998   -5.504  1.00 12.09 ? 319  ASN B N   1 
ATOM   880 C CA  . ASN B 2 4   ? -9.154  3.069   -5.819  1.00 12.95 ? 319  ASN B CA  1 
ATOM   881 C C   . ASN B 2 4   ? -10.531 3.468   -5.290  1.00 14.72 ? 319  ASN B C   1 
ATOM   882 O O   . ASN B 2 4   ? -11.487 2.697   -5.395  1.00 15.35 ? 319  ASN B O   1 
ATOM   883 C CB  . ASN B 2 4   ? -8.824  1.619   -5.383  1.00 11.26 ? 319  ASN B CB  1 
ATOM   884 C CG  . ASN B 2 4   ? -8.656  1.471   -3.889  1.00 9.34  ? 319  ASN B CG  1 
ATOM   885 O OD1 . ASN B 2 4   ? -8.043  2.308   -3.237  1.00 9.56  ? 319  ASN B OD1 1 
ATOM   886 N ND2 . ASN B 2 4   ? -9.236  0.418   -3.328  1.00 12.13 ? 319  ASN B ND2 1 
ATOM   887 N N   . VAL B 2 5   ? -10.633 4.641   -4.671  1.00 16.46 ? 320  VAL B N   1 
ATOM   888 C CA  . VAL B 2 5   ? -11.924 5.066   -4.159  1.00 16.68 ? 320  VAL B CA  1 
ATOM   889 C C   . VAL B 2 5   ? -12.298 6.396   -4.786  1.00 17.40 ? 320  VAL B C   1 
ATOM   890 O O   . VAL B 2 5   ? -11.635 7.404   -4.593  1.00 15.30 ? 320  VAL B O   1 
ATOM   891 C CB  . VAL B 2 5   ? -11.973 5.110   -2.601  1.00 16.55 ? 320  VAL B CB  1 
ATOM   892 C CG1 . VAL B 2 5   ? -11.470 3.788   -2.028  1.00 17.36 ? 320  VAL B CG1 1 
ATOM   893 C CG2 . VAL B 2 5   ? -11.177 6.240   -2.058  1.00 17.39 ? 320  VAL B CG2 1 
ATOM   894 N N   . GLN B 2 6   ? -13.314 6.343   -5.630  1.00 18.69 ? 321  GLN B N   1 
ATOM   895 C CA  . GLN B 2 6   ? -13.808 7.515   -6.337  1.00 21.80 ? 321  GLN B CA  1 
ATOM   896 C C   . GLN B 2 6   ? -14.447 8.562   -5.418  1.00 23.17 ? 321  GLN B C   1 
ATOM   897 O O   . GLN B 2 6   ? -14.189 9.759   -5.561  1.00 21.86 ? 321  GLN B O   1 
ATOM   898 C CB  . GLN B 2 6   ? -14.816 7.073   -7.406  1.00 21.27 ? 321  GLN B CB  1 
ATOM   899 C CG  . GLN B 2 6   ? -15.545 8.215   -8.103  1.00 20.58 ? 321  GLN B CG  1 
ATOM   900 C CD  . GLN B 2 6   ? -16.251 7.760   -9.367  1.00 21.52 ? 321  GLN B CD  1 
ATOM   901 O OE1 . GLN B 2 6   ? -16.995 6.767   -9.352  1.00 19.54 ? 321  GLN B OE1 1 
ATOM   902 N NE2 . GLN B 2 6   ? -16.004 8.466   -10.479 1.00 17.66 ? 321  GLN B NE2 1 
ATOM   903 N N   . ASN B 2 7   ? -15.275 8.098   -4.485  1.00 25.60 ? 322  ASN B N   1 
ATOM   904 C CA  . ASN B 2 7   ? -15.996 8.970   -3.549  1.00 28.63 ? 322  ASN B CA  1 
ATOM   905 C C   . ASN B 2 7   ? -15.621 8.718   -2.087  1.00 28.67 ? 322  ASN B C   1 
ATOM   906 O O   . ASN B 2 7   ? -14.907 9.566   -1.499  1.00 30.32 ? 322  ASN B O   1 
ATOM   907 C CB  . ASN B 2 7   ? -17.522 8.774   -3.719  1.00 31.69 ? 322  ASN B CB  1 
ATOM   908 C CG  . ASN B 2 7   ? -18.089 9.520   -4.920  1.00 33.28 ? 322  ASN B CG  1 
ATOM   909 O OD1 . ASN B 2 7   ? -18.585 8.916   -5.873  1.00 33.28 ? 322  ASN B OD1 1 
ATOM   910 N ND2 . ASN B 2 7   ? -18.061 10.849  -4.850  1.00 36.57 ? 322  ASN B ND2 1 
ATOM   911 O OXT . ASN B 2 7   ? -16.056 7.678   -1.538  1.00 28.37 ? 322  ASN B OXT 1 
HETATM 912 O O   . HOH C 3 .   ? -3.102  6.370   12.981  1.00 42.75 ? 1001 HOH A O   1 
HETATM 913 O O   . HOH C 3 .   ? -7.309  -6.518  -4.762  1.00 8.53  ? 1002 HOH A O   1 
HETATM 914 O O   . HOH C 3 .   ? -7.058  -10.393 -10.863 1.00 9.40  ? 1003 HOH A O   1 
HETATM 915 O O   . HOH C 3 .   ? -6.183  -6.602  -9.027  1.00 15.87 ? 1004 HOH A O   1 
HETATM 916 O O   . HOH C 3 .   ? -7.163  -1.352  10.691  1.00 21.08 ? 1005 HOH A O   1 
HETATM 917 O O   . HOH C 3 .   ? -15.686 -11.692 -0.476  1.00 19.61 ? 1006 HOH A O   1 
HETATM 918 O O   . HOH C 3 .   ? -3.641  -11.031 7.225   1.00 15.82 ? 1007 HOH A O   1 
HETATM 919 O O   . HOH C 3 .   ? 0.582   2.149   -8.152  1.00 16.34 ? 1008 HOH A O   1 
HETATM 920 O O   . HOH C 3 .   ? -3.055  2.887   -9.920  1.00 23.79 ? 1009 HOH A O   1 
HETATM 921 O O   . HOH C 3 .   ? 12.133  9.504   4.773   1.00 32.73 ? 1010 HOH A O   1 
HETATM 922 O O   . HOH C 3 .   ? 5.908   -10.493 -13.479 1.00 29.50 ? 1011 HOH A O   1 
HETATM 923 O O   . HOH C 3 .   ? 2.622   4.310   -7.894  1.00 30.77 ? 1012 HOH A O   1 
HETATM 924 O O   . HOH C 3 .   ? -0.322  -14.514 -3.454  1.00 20.41 ? 1014 HOH A O   1 
HETATM 925 O O   . HOH C 3 .   ? 9.549   -10.272 6.053   1.00 34.19 ? 1015 HOH A O   1 
HETATM 926 O O   . HOH C 3 .   ? 1.700   -15.850 1.412   1.00 33.28 ? 1016 HOH A O   1 
HETATM 927 O O   . HOH C 3 .   ? 14.539  -2.213  -6.838  1.00 42.18 ? 1017 HOH A O   1 
HETATM 928 O O   . HOH C 3 .   ? -12.600 -2.552  5.531   1.00 33.70 ? 1018 HOH A O   1 
HETATM 929 O O   . HOH C 3 .   ? 17.600  9.327   2.753   1.00 22.40 ? 1019 HOH A O   1 
HETATM 930 O O   . HOH C 3 .   ? 15.257  0.352   0.357   1.00 25.69 ? 1020 HOH A O   1 
HETATM 931 O O   . HOH C 3 .   ? -12.448 -9.139  9.906   1.00 30.68 ? 1021 HOH A O   1 
HETATM 932 O O   . HOH C 3 .   ? -10.515 -2.881  -11.131 1.00 26.54 ? 1022 HOH A O   1 
HETATM 933 O O   . HOH C 3 .   ? -1.868  -3.527  13.157  1.00 19.80 ? 1023 HOH A O   1 
HETATM 934 O O   . HOH C 3 .   ? 10.564  -8.760  2.600   1.00 34.00 ? 1024 HOH A O   1 
HETATM 935 O O   . HOH C 3 .   ? 3.492   10.154  -12.397 1.00 31.00 ? 1025 HOH A O   1 
HETATM 936 O O   . HOH C 3 .   ? 21.465  10.293  0.384   1.00 17.24 ? 1026 HOH A O   1 
HETATM 937 O O   . HOH C 3 .   ? 6.146   -11.522 3.126   1.00 41.32 ? 1027 HOH A O   1 
HETATM 938 O O   . HOH C 3 .   ? 2.029   15.435  -13.695 1.00 31.14 ? 1028 HOH A O   1 
HETATM 939 O O   . HOH C 3 .   ? 6.536   -18.035 -3.916  1.00 32.03 ? 1029 HOH A O   1 
HETATM 940 O O   . HOH C 3 .   ? -1.929  12.068  14.510  1.00 34.20 ? 1030 HOH A O   1 
HETATM 941 O O   . HOH C 3 .   ? 10.670  6.223   -4.883  1.00 24.68 ? 1031 HOH A O   1 
HETATM 942 O O   . HOH C 3 .   ? -7.617  1.424   11.542  1.00 27.79 ? 1032 HOH A O   1 
HETATM 943 O O   . HOH C 3 .   ? -12.357 -5.917  9.748   1.00 31.80 ? 1033 HOH A O   1 
HETATM 944 O O   . HOH C 3 .   ? -1.674  12.564  0.529   1.00 49.26 ? 1034 HOH A O   1 
HETATM 945 O O   . HOH C 3 .   ? 2.994   0.681   -7.812  1.00 20.07 ? 1035 HOH A O   1 
HETATM 946 O O   . HOH C 3 .   ? 13.284  6.560   -7.480  1.00 27.66 ? 1038 HOH A O   1 
HETATM 947 O O   . HOH C 3 .   ? -5.080  -13.453 7.644   1.00 28.43 ? 1039 HOH A O   1 
HETATM 948 O O   . HOH C 3 .   ? -3.172  4.236   11.406  1.00 21.57 ? 1040 HOH A O   1 
HETATM 949 O O   . HOH C 3 .   ? -1.092  -18.583 -1.234  1.00 38.46 ? 1041 HOH A O   1 
HETATM 950 O O   . HOH C 3 .   ? 0.851   -16.407 -2.075  1.00 37.86 ? 1042 HOH A O   1 
HETATM 951 O O   . HOH C 3 .   ? 11.470  -2.221  6.370   1.00 19.28 ? 1043 HOH A O   1 
HETATM 952 O O   . HOH C 3 .   ? -3.229  8.181   -2.868  1.00 16.35 ? 1044 HOH A O   1 
HETATM 953 O O   . HOH C 3 .   ? 9.429   7.121   -6.959  1.00 26.48 ? 1045 HOH A O   1 
HETATM 954 O O   . HOH C 3 .   ? 5.372   1.072   12.314  1.00 20.68 ? 1046 HOH A O   1 
HETATM 955 O O   . HOH C 3 .   ? -13.722 -1.971  12.589  1.00 33.30 ? 1047 HOH A O   1 
HETATM 956 O O   . HOH C 3 .   ? -9.916  -9.640  -11.460 1.00 13.13 ? 1048 HOH A O   1 
HETATM 957 O O   . HOH C 3 .   ? 16.307  1.339   7.604   1.00 35.39 ? 1049 HOH A O   1 
HETATM 958 O O   . HOH C 3 .   ? 4.804   2.619   -8.306  1.00 23.31 ? 1050 HOH A O   1 
HETATM 959 O O   . HOH C 3 .   ? 15.679  6.943   -5.659  1.00 19.78 ? 1051 HOH A O   1 
HETATM 960 O O   . HOH C 3 .   ? 10.804  8.215   -2.771  1.00 22.83 ? 1053 HOH A O   1 
HETATM 961 O O   . HOH C 3 .   ? 12.752  -5.390  -0.592  1.00 21.72 ? 1054 HOH A O   1 
HETATM 962 O O   . HOH C 3 .   ? 13.665  3.970   -9.182  1.00 34.58 ? 1055 HOH A O   1 
HETATM 963 O O   . HOH C 3 .   ? 3.508   12.257  -14.380 1.00 34.70 ? 1056 HOH A O   1 
HETATM 964 O O   . HOH C 3 .   ? 12.437  5.632   4.775   1.00 18.22 ? 1057 HOH A O   1 
HETATM 965 O O   . HOH C 3 .   ? -2.477  11.274  -1.826  1.00 28.58 ? 1058 HOH A O   1 
HETATM 966 O O   . HOH C 3 .   ? 17.440  -0.020  2.323   1.00 44.03 ? 1059 HOH A O   1 
HETATM 967 O O   . HOH C 3 .   ? 1.426   -7.037  13.087  1.00 41.96 ? 1060 HOH A O   1 
HETATM 968 O O   . HOH C 3 .   ? 10.804  -6.703  -2.253  1.00 30.89 ? 1061 HOH A O   1 
HETATM 969 O O   . HOH C 3 .   ? 7.597   12.080  -19.104 1.00 40.09 ? 1062 HOH A O   1 
HETATM 970 O O   . HOH C 3 .   ? -8.556  -12.382 8.324   1.00 26.68 ? 1063 HOH A O   1 
HETATM 971 O O   . HOH C 3 .   ? -2.083  10.969  -4.605  1.00 41.47 ? 1064 HOH A O   1 
HETATM 972 O O   . HOH C 3 .   ? 3.092   2.820   -14.981 1.00 41.56 ? 1065 HOH A O   1 
HETATM 973 O O   . HOH C 3 .   ? 2.459   12.069  -1.934  1.00 23.77 ? 1066 HOH A O   1 
HETATM 974 O O   . HOH C 3 .   ? 12.277  0.239   -9.440  1.00 22.49 ? 1067 HOH A O   1 
HETATM 975 O O   . HOH C 3 .   ? -13.034 -4.589  -9.519  1.00 16.47 ? 1068 HOH A O   1 
HETATM 976 O O   . HOH C 3 .   ? 12.659  5.216   10.214  1.00 33.04 ? 1069 HOH A O   1 
HETATM 977 O O   . HOH C 3 .   ? -1.041  10.203  -7.160  1.00 36.28 ? 1070 HOH A O   1 
HETATM 978 O O   . HOH C 3 .   ? 6.085   6.554   -10.944 1.00 37.12 ? 1071 HOH A O   1 
HETATM 979 O O   . HOH C 3 .   ? -2.947  4.987   8.887   1.00 44.97 ? 1072 HOH A O   1 
HETATM 980 O O   . HOH C 3 .   ? 5.888   12.977  -15.492 1.00 39.99 ? 1073 HOH A O   1 
HETATM 981 O O   . HOH C 3 .   ? -2.613  -5.870  15.030  1.00 30.44 ? 1074 HOH A O   1 
HETATM 982 O O   . HOH C 3 .   ? 0.514   15.601  -10.382 1.00 30.73 ? 1075 HOH A O   1 
HETATM 983 O O   . HOH D 3 .   ? -15.701 5.095   -5.054  1.00 23.01 ? 1013 HOH B O   1 
HETATM 984 O O   . HOH D 3 .   ? -10.291 12.127  -0.714  1.00 43.42 ? 1036 HOH B O   1 
HETATM 985 O O   . HOH D 3 .   ? -17.552 11.723  -2.411  1.00 35.12 ? 1037 HOH B O   1 
HETATM 986 O O   . HOH D 3 .   ? -6.153  9.959   5.754   1.00 21.51 ? 1052 HOH B O   1 
# 
